data_9CSF
# 
_entry.id   9CSF 
# 
_audit_conform.dict_name       mmcif_pdbx.dic 
_audit_conform.dict_version    5.402 
_audit_conform.dict_location   http://mmcif.pdb.org/dictionaries/ascii/mmcif_pdbx.dic 
# 
loop_
_database_2.database_id 
_database_2.database_code 
_database_2.pdbx_database_accession 
_database_2.pdbx_DOI 
PDB   9CSF         pdb_00009csf 10.2210/pdb9csf/pdb 
WWPDB D_1000282562 ?            ?                   
# 
loop_
_pdbx_audit_revision_history.ordinal 
_pdbx_audit_revision_history.data_content_type 
_pdbx_audit_revision_history.major_revision 
_pdbx_audit_revision_history.minor_revision 
_pdbx_audit_revision_history.revision_date 
1 'Structure model' 1 0 2025-01-22 
2 'Structure model' 1 1 2025-02-12 
# 
_pdbx_audit_revision_details.ordinal             1 
_pdbx_audit_revision_details.revision_ordinal    1 
_pdbx_audit_revision_details.data_content_type   'Structure model' 
_pdbx_audit_revision_details.provider            repository 
_pdbx_audit_revision_details.type                'Initial release' 
_pdbx_audit_revision_details.description         ? 
_pdbx_audit_revision_details.details             ? 
# 
_pdbx_audit_revision_group.ordinal             1 
_pdbx_audit_revision_group.revision_ordinal    2 
_pdbx_audit_revision_group.data_content_type   'Structure model' 
_pdbx_audit_revision_group.group               'Database references' 
# 
loop_
_pdbx_audit_revision_category.ordinal 
_pdbx_audit_revision_category.revision_ordinal 
_pdbx_audit_revision_category.data_content_type 
_pdbx_audit_revision_category.category 
1 2 'Structure model' citation        
2 2 'Structure model' citation_author 
# 
loop_
_pdbx_audit_revision_item.ordinal 
_pdbx_audit_revision_item.revision_ordinal 
_pdbx_audit_revision_item.data_content_type 
_pdbx_audit_revision_item.item 
1  2 'Structure model' '_citation.country'                 
2  2 'Structure model' '_citation.journal_abbrev'          
3  2 'Structure model' '_citation.journal_id_CSD'          
4  2 'Structure model' '_citation.journal_id_ISSN'         
5  2 'Structure model' '_citation.journal_volume'          
6  2 'Structure model' '_citation.page_first'              
7  2 'Structure model' '_citation.page_last'               
8  2 'Structure model' '_citation.pdbx_database_id_DOI'    
9  2 'Structure model' '_citation.pdbx_database_id_PubMed' 
10 2 'Structure model' '_citation.title'                   
11 2 'Structure model' '_citation.year'                    
12 2 'Structure model' '_citation_author.identifier_ORCID' 
13 2 'Structure model' '_citation_author.name'             
# 
_pdbx_database_status.status_code                     REL 
_pdbx_database_status.status_code_sf                  REL 
_pdbx_database_status.status_code_mr                  ? 
_pdbx_database_status.entry_id                        9CSF 
_pdbx_database_status.recvd_initial_deposition_date   2024-07-23 
_pdbx_database_status.SG_entry                        N 
_pdbx_database_status.deposit_site                    RCSB 
_pdbx_database_status.process_site                    RCSB 
_pdbx_database_status.status_code_cs                  ? 
_pdbx_database_status.status_code_nmr_data            ? 
_pdbx_database_status.methods_development_category    ? 
_pdbx_database_status.pdb_format_compatible           Y 
# 
_pdbx_contact_author.id                 3 
_pdbx_contact_author.email              brian.mark@umanitoba.ca 
_pdbx_contact_author.name_first         Brian 
_pdbx_contact_author.name_last          Mark 
_pdbx_contact_author.name_mi            L. 
_pdbx_contact_author.role               'principal investigator/group leader' 
_pdbx_contact_author.identifier_ORCID   0000-0002-7344-1355 
# 
loop_
_audit_author.name 
_audit_author.pdbx_ordinal 
_audit_author.identifier_ORCID 
'Kim, K.'    1 0000-0002-2379-4654 
'Mark, B.L.' 2 0000-0002-7344-1355 
# 
loop_
_citation.abstract 
_citation.abstract_id_CAS 
_citation.book_id_ISBN 
_citation.book_publisher 
_citation.book_publisher_city 
_citation.book_title 
_citation.coordinate_linkage 
_citation.country 
_citation.database_id_Medline 
_citation.details 
_citation.id 
_citation.journal_abbrev 
_citation.journal_id_ASTM 
_citation.journal_id_CSD 
_citation.journal_id_ISSN 
_citation.journal_full 
_citation.journal_issue 
_citation.journal_volume 
_citation.language 
_citation.page_first 
_citation.page_last 
_citation.title 
_citation.year 
_citation.database_id_CSD 
_citation.pdbx_database_id_DOI 
_citation.pdbx_database_id_PubMed 
_citation.pdbx_database_id_patent 
_citation.unpublished_flag 
? ? ? ? ? ? ? US ? ? primary 'Plos Pathog.'                   ?      ? 1553-7374 ? ? 21 ? e1012899 e1012899 
'Suppressing Tymovirus replication in plants using a variant of ubiquitin.'                                   2025 ? 
10.1371/journal.ppat.1012899 39869641 ? ? 
? ? ? ? ? ? ? US ? ? 1       'Acta Crystallogr.,Sect.D'       ABCRE6 ? 1399-0047 ? ? 68 ? 352      367      
'Towards automated crystallographic structure refinement with phenix.refine.'                                 2012 ? 
10.1107/S0907444912001308    22505256 ? ? 
? ? ? ? ? ? ? ?  ? ? 2       'Acta Crystallogr D Struct Biol' ?      ? 2059-7983 ? ? 75 ? 861      877      
'Macromolecular structure determination using X-rays, neutrons and electrons: recent developments in Phenix.' 2019 ? 
10.1107/S2059798319011471    31588918 ? ? 
# 
loop_
_citation_author.citation_id 
_citation_author.name 
_citation_author.ordinal 
_citation_author.identifier_ORCID 
primary 'De Silva, A.'           1  ?                   
primary 'Kim, K.'                2  ?                   
primary 'Weiland, J.'            3  ?                   
primary 'Hwang, J.'              4  ?                   
primary 'Chung, J.'              5  ?                   
primary 'Pereira, H.S.'          6  ?                   
primary 'Patel, T.R.'            7  ?                   
primary 'Teyra, J.'              8  ?                   
primary 'Patel, A.'              9  ?                   
primary 'Mira, M.M.'             10 ?                   
primary 'Khajehpour, M.'         11 ?                   
primary 'Bolton, M.'             12 ?                   
primary 'Stasolla, C.'           13 ?                   
primary 'Sidhu, S.S.'            14 ?                   
primary 'Mark, B.L.'             15 0000-0002-7344-1355 
1       'Afonine, P.V.'          16 ?                   
1       'Grosse-Kunstleve, R.W.' 17 ?                   
1       'Echols, N.'             18 ?                   
1       'Headd, J.J.'            19 ?                   
1       'Moriarty, N.W.'         20 ?                   
1       'Mustyakimov, M.'        21 ?                   
1       'Terwilliger, T.C.'      22 ?                   
1       'Urzhumtsev, A.'         23 ?                   
1       'Zwart, P.H.'            24 ?                   
1       'Adams, P.D.'            25 ?                   
2       'Liebschner, D.'         26 0000-0003-3921-3209 
2       'Afonine, P.V.'          27 0000-0002-5052-991X 
2       'Baker, M.L.'            28 ?                   
2       'Bunkoczi, G.'           29 ?                   
2       'Chen, V.B.'             30 ?                   
2       'Croll, T.I.'            31 ?                   
2       'Hintze, B.'             32 0000-0002-4871-2096 
2       'Hung, L.W.'             33 0000-0001-6690-8458 
2       'Jain, S.'               34 ?                   
2       'McCoy, A.J.'            35 ?                   
2       'Moriarty, N.W.'         36 0000-0001-8857-9464 
2       'Oeffner, R.D.'          37 0000-0003-3107-2202 
2       'Poon, B.K.'             38 0000-0001-9633-6067 
2       'Prisant, M.G.'          39 ?                   
2       'Read, R.J.'             40 0000-0001-8273-0047 
2       'Richardson, J.S.'       41 ?                   
2       'Richardson, D.C.'       42 ?                   
2       'Sammito, M.D.'          43 ?                   
2       'Sobolev, O.V.'          44 0000-0002-0623-3214 
2       'Stockwell, D.H.'        45 ?                   
2       'Terwilliger, T.C.'      46 0000-0001-6384-0320 
2       'Urzhumtsev, A.G.'       47 ?                   
2       'Videau, L.L.'           48 ?                   
2       'Williams, C.J.'         49 ?                   
2       'Adams, P.D.'            50 0000-0001-9333-8219 
# 
loop_
_entity.id 
_entity.type 
_entity.src_method 
_entity.pdbx_description 
_entity.formula_weight 
_entity.pdbx_number_of_molecules 
_entity.pdbx_ec 
_entity.pdbx_mutation 
_entity.pdbx_fragment 
_entity.details 
1 polymer     man 'Ubiquitin Variant UbV3' 11754.316 2   ? ? ? ? 
2 non-polymer syn 'SULFATE ION'            96.063    1   ? ? ? ? 
3 water       nat water                    18.015    121 ? ? ? ? 
# 
_entity_poly.entity_id                      1 
_entity_poly.type                           'polypeptide(L)' 
_entity_poly.nstd_linkage                   no 
_entity_poly.nstd_monomer                   no 
_entity_poly.pdbx_seq_one_letter_code       
;MAHHHHHHVTSLYKKAGSTDYKDDDDKMQILVRTPFVQFITLEVEPSDTIENVKAKIQEKEGIPPDQQRLIFAGKQLEDG
RTLSDYNIQKESTLHLVLRLR
;
_entity_poly.pdbx_seq_one_letter_code_can   
;MAHHHHHHVTSLYKKAGSTDYKDDDDKMQILVRTPFVQFITLEVEPSDTIENVKAKIQEKEGIPPDQQRLIFAGKQLEDG
RTLSDYNIQKESTLHLVLRLR
;
_entity_poly.pdbx_strand_id                 A,B 
_entity_poly.pdbx_target_identifier         ? 
# 
loop_
_pdbx_entity_nonpoly.entity_id 
_pdbx_entity_nonpoly.name 
_pdbx_entity_nonpoly.comp_id 
2 'SULFATE ION' SO4 
3 water         HOH 
# 
loop_
_entity_poly_seq.entity_id 
_entity_poly_seq.num 
_entity_poly_seq.mon_id 
_entity_poly_seq.hetero 
1 1   MET n 
1 2   ALA n 
1 3   HIS n 
1 4   HIS n 
1 5   HIS n 
1 6   HIS n 
1 7   HIS n 
1 8   HIS n 
1 9   VAL n 
1 10  THR n 
1 11  SER n 
1 12  LEU n 
1 13  TYR n 
1 14  LYS n 
1 15  LYS n 
1 16  ALA n 
1 17  GLY n 
1 18  SER n 
1 19  THR n 
1 20  ASP n 
1 21  TYR n 
1 22  LYS n 
1 23  ASP n 
1 24  ASP n 
1 25  ASP n 
1 26  ASP n 
1 27  LYS n 
1 28  MET n 
1 29  GLN n 
1 30  ILE n 
1 31  LEU n 
1 32  VAL n 
1 33  ARG n 
1 34  THR n 
1 35  PRO n 
1 36  PHE n 
1 37  VAL n 
1 38  GLN n 
1 39  PHE n 
1 40  ILE n 
1 41  THR n 
1 42  LEU n 
1 43  GLU n 
1 44  VAL n 
1 45  GLU n 
1 46  PRO n 
1 47  SER n 
1 48  ASP n 
1 49  THR n 
1 50  ILE n 
1 51  GLU n 
1 52  ASN n 
1 53  VAL n 
1 54  LYS n 
1 55  ALA n 
1 56  LYS n 
1 57  ILE n 
1 58  GLN n 
1 59  GLU n 
1 60  LYS n 
1 61  GLU n 
1 62  GLY n 
1 63  ILE n 
1 64  PRO n 
1 65  PRO n 
1 66  ASP n 
1 67  GLN n 
1 68  GLN n 
1 69  ARG n 
1 70  LEU n 
1 71  ILE n 
1 72  PHE n 
1 73  ALA n 
1 74  GLY n 
1 75  LYS n 
1 76  GLN n 
1 77  LEU n 
1 78  GLU n 
1 79  ASP n 
1 80  GLY n 
1 81  ARG n 
1 82  THR n 
1 83  LEU n 
1 84  SER n 
1 85  ASP n 
1 86  TYR n 
1 87  ASN n 
1 88  ILE n 
1 89  GLN n 
1 90  LYS n 
1 91  GLU n 
1 92  SER n 
1 93  THR n 
1 94  LEU n 
1 95  HIS n 
1 96  LEU n 
1 97  VAL n 
1 98  LEU n 
1 99  ARG n 
1 100 LEU n 
1 101 ARG n 
# 
_entity_src_gen.entity_id                          1 
_entity_src_gen.pdbx_src_id                        1 
_entity_src_gen.pdbx_alt_source_flag               sample 
_entity_src_gen.pdbx_seq_type                      'Biological sequence' 
_entity_src_gen.pdbx_beg_seq_num                   1 
_entity_src_gen.pdbx_end_seq_num                   101 
_entity_src_gen.gene_src_common_name               ? 
_entity_src_gen.gene_src_genus                     ? 
_entity_src_gen.pdbx_gene_src_gene                 ? 
_entity_src_gen.gene_src_species                   ? 
_entity_src_gen.gene_src_strain                    ? 
_entity_src_gen.gene_src_tissue                    ? 
_entity_src_gen.gene_src_tissue_fraction           ? 
_entity_src_gen.gene_src_details                   ? 
_entity_src_gen.pdbx_gene_src_fragment             ? 
_entity_src_gen.pdbx_gene_src_scientific_name      'synthetic construct' 
_entity_src_gen.pdbx_gene_src_ncbi_taxonomy_id     32630 
_entity_src_gen.pdbx_gene_src_variant              ? 
_entity_src_gen.pdbx_gene_src_cell_line            ? 
_entity_src_gen.pdbx_gene_src_atcc                 ? 
_entity_src_gen.pdbx_gene_src_organ                ? 
_entity_src_gen.pdbx_gene_src_organelle            ? 
_entity_src_gen.pdbx_gene_src_cell                 ? 
_entity_src_gen.pdbx_gene_src_cellular_location    ? 
_entity_src_gen.host_org_common_name               ? 
_entity_src_gen.pdbx_host_org_scientific_name      'Escherichia coli' 
_entity_src_gen.pdbx_host_org_ncbi_taxonomy_id     562 
_entity_src_gen.host_org_genus                     ? 
_entity_src_gen.pdbx_host_org_gene                 ? 
_entity_src_gen.pdbx_host_org_organ                ? 
_entity_src_gen.host_org_species                   ? 
_entity_src_gen.pdbx_host_org_tissue               ? 
_entity_src_gen.pdbx_host_org_tissue_fraction      ? 
_entity_src_gen.pdbx_host_org_strain               ? 
_entity_src_gen.pdbx_host_org_variant              ? 
_entity_src_gen.pdbx_host_org_cell_line            ? 
_entity_src_gen.pdbx_host_org_atcc                 ? 
_entity_src_gen.pdbx_host_org_culture_collection   ? 
_entity_src_gen.pdbx_host_org_cell                 ? 
_entity_src_gen.pdbx_host_org_organelle            ? 
_entity_src_gen.pdbx_host_org_cellular_location    ? 
_entity_src_gen.pdbx_host_org_vector_type          ? 
_entity_src_gen.pdbx_host_org_vector               ? 
_entity_src_gen.host_org_details                   ? 
_entity_src_gen.expression_system_id               ? 
_entity_src_gen.plasmid_name                       ? 
_entity_src_gen.plasmid_details                    ? 
_entity_src_gen.pdbx_description                   ? 
# 
loop_
_chem_comp.id 
_chem_comp.type 
_chem_comp.mon_nstd_flag 
_chem_comp.name 
_chem_comp.pdbx_synonyms 
_chem_comp.formula 
_chem_comp.formula_weight 
ALA 'L-peptide linking' y ALANINE         ? 'C3 H7 N O2'     89.093  
ARG 'L-peptide linking' y ARGININE        ? 'C6 H15 N4 O2 1' 175.209 
ASN 'L-peptide linking' y ASPARAGINE      ? 'C4 H8 N2 O3'    132.118 
ASP 'L-peptide linking' y 'ASPARTIC ACID' ? 'C4 H7 N O4'     133.103 
GLN 'L-peptide linking' y GLUTAMINE       ? 'C5 H10 N2 O3'   146.144 
GLU 'L-peptide linking' y 'GLUTAMIC ACID' ? 'C5 H9 N O4'     147.129 
GLY 'peptide linking'   y GLYCINE         ? 'C2 H5 N O2'     75.067  
HIS 'L-peptide linking' y HISTIDINE       ? 'C6 H10 N3 O2 1' 156.162 
HOH non-polymer         . WATER           ? 'H2 O'           18.015  
ILE 'L-peptide linking' y ISOLEUCINE      ? 'C6 H13 N O2'    131.173 
LEU 'L-peptide linking' y LEUCINE         ? 'C6 H13 N O2'    131.173 
LYS 'L-peptide linking' y LYSINE          ? 'C6 H15 N2 O2 1' 147.195 
MET 'L-peptide linking' y METHIONINE      ? 'C5 H11 N O2 S'  149.211 
PHE 'L-peptide linking' y PHENYLALANINE   ? 'C9 H11 N O2'    165.189 
PRO 'L-peptide linking' y PROLINE         ? 'C5 H9 N O2'     115.130 
SER 'L-peptide linking' y SERINE          ? 'C3 H7 N O3'     105.093 
SO4 non-polymer         . 'SULFATE ION'   ? 'O4 S -2'        96.063  
THR 'L-peptide linking' y THREONINE       ? 'C4 H9 N O3'     119.119 
TYR 'L-peptide linking' y TYROSINE        ? 'C9 H11 N O3'    181.189 
VAL 'L-peptide linking' y VALINE          ? 'C5 H11 N O2'    117.146 
# 
loop_
_pdbx_poly_seq_scheme.asym_id 
_pdbx_poly_seq_scheme.entity_id 
_pdbx_poly_seq_scheme.seq_id 
_pdbx_poly_seq_scheme.mon_id 
_pdbx_poly_seq_scheme.ndb_seq_num 
_pdbx_poly_seq_scheme.pdb_seq_num 
_pdbx_poly_seq_scheme.auth_seq_num 
_pdbx_poly_seq_scheme.pdb_mon_id 
_pdbx_poly_seq_scheme.auth_mon_id 
_pdbx_poly_seq_scheme.pdb_strand_id 
_pdbx_poly_seq_scheme.pdb_ins_code 
_pdbx_poly_seq_scheme.hetero 
A 1 1   MET 1   -26 ?  ?   ?   A . n 
A 1 2   ALA 2   -25 ?  ?   ?   A . n 
A 1 3   HIS 3   -24 ?  ?   ?   A . n 
A 1 4   HIS 4   -23 ?  ?   ?   A . n 
A 1 5   HIS 5   -22 ?  ?   ?   A . n 
A 1 6   HIS 6   -21 ?  ?   ?   A . n 
A 1 7   HIS 7   -20 ?  ?   ?   A . n 
A 1 8   HIS 8   -19 ?  ?   ?   A . n 
A 1 9   VAL 9   -18 ?  ?   ?   A . n 
A 1 10  THR 10  -17 ?  ?   ?   A . n 
A 1 11  SER 11  -16 ?  ?   ?   A . n 
A 1 12  LEU 12  -15 ?  ?   ?   A . n 
A 1 13  TYR 13  -14 ?  ?   ?   A . n 
A 1 14  LYS 14  -13 ?  ?   ?   A . n 
A 1 15  LYS 15  -12 ?  ?   ?   A . n 
A 1 16  ALA 16  -11 ?  ?   ?   A . n 
A 1 17  GLY 17  -10 ?  ?   ?   A . n 
A 1 18  SER 18  -9  ?  ?   ?   A . n 
A 1 19  THR 19  -8  ?  ?   ?   A . n 
A 1 20  ASP 20  -7  ?  ?   ?   A . n 
A 1 21  TYR 21  -6  ?  ?   ?   A . n 
A 1 22  LYS 22  -5  ?  ?   ?   A . n 
A 1 23  ASP 23  -4  ?  ?   ?   A . n 
A 1 24  ASP 24  -3  ?  ?   ?   A . n 
A 1 25  ASP 25  -2  ?  ?   ?   A . n 
A 1 26  ASP 26  -1  ?  ?   ?   A . n 
A 1 27  LYS 27  0   0  LYS LYS A . n 
A 1 28  MET 28  1   1  MET MET A . n 
A 1 29  GLN 29  2   2  GLN GLN A . n 
A 1 30  ILE 30  3   3  ILE ILE A . n 
A 1 31  LEU 31  4   4  LEU LEU A . n 
A 1 32  VAL 32  5   5  VAL VAL A . n 
A 1 33  ARG 33  6   6  ARG ARG A . n 
A 1 34  THR 34  7   7  THR THR A . n 
A 1 35  PRO 35  8   8  PRO PRO A . n 
A 1 36  PHE 36  9   9  PHE PHE A . n 
A 1 37  VAL 37  10  10 VAL VAL A . n 
A 1 38  GLN 38  11  11 GLN GLN A . n 
A 1 39  PHE 39  12  12 PHE PHE A . n 
A 1 40  ILE 40  13  13 ILE ILE A . n 
A 1 41  THR 41  14  14 THR THR A . n 
A 1 42  LEU 42  15  15 LEU LEU A . n 
A 1 43  GLU 43  16  16 GLU GLU A . n 
A 1 44  VAL 44  17  17 VAL VAL A . n 
A 1 45  GLU 45  18  18 GLU GLU A . n 
A 1 46  PRO 46  19  19 PRO PRO A . n 
A 1 47  SER 47  20  20 SER SER A . n 
A 1 48  ASP 48  21  21 ASP ASP A . n 
A 1 49  THR 49  22  22 THR THR A . n 
A 1 50  ILE 50  23  23 ILE ILE A . n 
A 1 51  GLU 51  24  24 GLU GLU A . n 
A 1 52  ASN 52  25  25 ASN ASN A . n 
A 1 53  VAL 53  26  26 VAL VAL A . n 
A 1 54  LYS 54  27  27 LYS LYS A . n 
A 1 55  ALA 55  28  28 ALA ALA A . n 
A 1 56  LYS 56  29  29 LYS LYS A . n 
A 1 57  ILE 57  30  30 ILE ILE A . n 
A 1 58  GLN 58  31  31 GLN GLN A . n 
A 1 59  GLU 59  32  32 GLU GLU A . n 
A 1 60  LYS 60  33  33 LYS LYS A . n 
A 1 61  GLU 61  34  34 GLU GLU A . n 
A 1 62  GLY 62  35  35 GLY GLY A . n 
A 1 63  ILE 63  36  36 ILE ILE A . n 
A 1 64  PRO 64  37  37 PRO PRO A . n 
A 1 65  PRO 65  38  38 PRO PRO A . n 
A 1 66  ASP 66  39  39 ASP ASP A . n 
A 1 67  GLN 67  40  40 GLN GLN A . n 
A 1 68  GLN 68  41  41 GLN GLN A . n 
A 1 69  ARG 69  42  42 ARG ARG A . n 
A 1 70  LEU 70  43  43 LEU LEU A . n 
A 1 71  ILE 71  44  44 ILE ILE A . n 
A 1 72  PHE 72  45  45 PHE PHE A . n 
A 1 73  ALA 73  46  46 ALA ALA A . n 
A 1 74  GLY 74  47  47 GLY GLY A . n 
A 1 75  LYS 75  48  48 LYS LYS A . n 
A 1 76  GLN 76  49  49 GLN GLN A . n 
A 1 77  LEU 77  50  50 LEU LEU A . n 
A 1 78  GLU 78  51  51 GLU GLU A . n 
A 1 79  ASP 79  52  52 ASP ASP A . n 
A 1 80  GLY 80  53  53 GLY GLY A . n 
A 1 81  ARG 81  54  54 ARG ARG A . n 
A 1 82  THR 82  55  55 THR THR A . n 
A 1 83  LEU 83  56  56 LEU LEU A . n 
A 1 84  SER 84  57  57 SER SER A . n 
A 1 85  ASP 85  58  58 ASP ASP A . n 
A 1 86  TYR 86  59  59 TYR TYR A . n 
A 1 87  ASN 87  60  60 ASN ASN A . n 
A 1 88  ILE 88  61  61 ILE ILE A . n 
A 1 89  GLN 89  62  62 GLN GLN A . n 
A 1 90  LYS 90  63  63 LYS LYS A . n 
A 1 91  GLU 91  64  64 GLU GLU A . n 
A 1 92  SER 92  65  65 SER SER A . n 
A 1 93  THR 93  66  66 THR THR A . n 
A 1 94  LEU 94  67  67 LEU LEU A . n 
A 1 95  HIS 95  68  68 HIS HIS A . n 
A 1 96  LEU 96  69  69 LEU LEU A . n 
A 1 97  VAL 97  70  70 VAL VAL A . n 
A 1 98  LEU 98  71  71 LEU LEU A . n 
A 1 99  ARG 99  72  72 ARG ARG A . n 
A 1 100 LEU 100 73  73 LEU LEU A . n 
A 1 101 ARG 101 74  74 ARG ARG A . n 
B 1 1   MET 1   -26 ?  ?   ?   B . n 
B 1 2   ALA 2   -25 ?  ?   ?   B . n 
B 1 3   HIS 3   -24 ?  ?   ?   B . n 
B 1 4   HIS 4   -23 ?  ?   ?   B . n 
B 1 5   HIS 5   -22 ?  ?   ?   B . n 
B 1 6   HIS 6   -21 ?  ?   ?   B . n 
B 1 7   HIS 7   -20 ?  ?   ?   B . n 
B 1 8   HIS 8   -19 ?  ?   ?   B . n 
B 1 9   VAL 9   -18 ?  ?   ?   B . n 
B 1 10  THR 10  -17 ?  ?   ?   B . n 
B 1 11  SER 11  -16 ?  ?   ?   B . n 
B 1 12  LEU 12  -15 ?  ?   ?   B . n 
B 1 13  TYR 13  -14 ?  ?   ?   B . n 
B 1 14  LYS 14  -13 ?  ?   ?   B . n 
B 1 15  LYS 15  -12 ?  ?   ?   B . n 
B 1 16  ALA 16  -11 ?  ?   ?   B . n 
B 1 17  GLY 17  -10 ?  ?   ?   B . n 
B 1 18  SER 18  -9  ?  ?   ?   B . n 
B 1 19  THR 19  -8  ?  ?   ?   B . n 
B 1 20  ASP 20  -7  ?  ?   ?   B . n 
B 1 21  TYR 21  -6  ?  ?   ?   B . n 
B 1 22  LYS 22  -5  ?  ?   ?   B . n 
B 1 23  ASP 23  -4  ?  ?   ?   B . n 
B 1 24  ASP 24  -3  ?  ?   ?   B . n 
B 1 25  ASP 25  -2  ?  ?   ?   B . n 
B 1 26  ASP 26  -1  ?  ?   ?   B . n 
B 1 27  LYS 27  0   0  LYS LYS B . n 
B 1 28  MET 28  1   1  MET MET B . n 
B 1 29  GLN 29  2   2  GLN GLN B . n 
B 1 30  ILE 30  3   3  ILE ILE B . n 
B 1 31  LEU 31  4   4  LEU LEU B . n 
B 1 32  VAL 32  5   5  VAL VAL B . n 
B 1 33  ARG 33  6   6  ARG ARG B . n 
B 1 34  THR 34  7   7  THR THR B . n 
B 1 35  PRO 35  8   8  PRO PRO B . n 
B 1 36  PHE 36  9   9  PHE PHE B . n 
B 1 37  VAL 37  10  10 VAL VAL B . n 
B 1 38  GLN 38  11  11 GLN GLN B . n 
B 1 39  PHE 39  12  12 PHE PHE B . n 
B 1 40  ILE 40  13  13 ILE ILE B . n 
B 1 41  THR 41  14  14 THR THR B . n 
B 1 42  LEU 42  15  15 LEU LEU B . n 
B 1 43  GLU 43  16  16 GLU GLU B . n 
B 1 44  VAL 44  17  17 VAL VAL B . n 
B 1 45  GLU 45  18  18 GLU GLU B . n 
B 1 46  PRO 46  19  19 PRO PRO B . n 
B 1 47  SER 47  20  20 SER SER B . n 
B 1 48  ASP 48  21  21 ASP ASP B . n 
B 1 49  THR 49  22  22 THR THR B . n 
B 1 50  ILE 50  23  23 ILE ILE B . n 
B 1 51  GLU 51  24  24 GLU GLU B . n 
B 1 52  ASN 52  25  25 ASN ASN B . n 
B 1 53  VAL 53  26  26 VAL VAL B . n 
B 1 54  LYS 54  27  27 LYS LYS B . n 
B 1 55  ALA 55  28  28 ALA ALA B . n 
B 1 56  LYS 56  29  29 LYS LYS B . n 
B 1 57  ILE 57  30  30 ILE ILE B . n 
B 1 58  GLN 58  31  31 GLN GLN B . n 
B 1 59  GLU 59  32  32 GLU GLU B . n 
B 1 60  LYS 60  33  33 LYS LYS B . n 
B 1 61  GLU 61  34  34 GLU GLU B . n 
B 1 62  GLY 62  35  35 GLY GLY B . n 
B 1 63  ILE 63  36  36 ILE ILE B . n 
B 1 64  PRO 64  37  37 PRO PRO B . n 
B 1 65  PRO 65  38  38 PRO PRO B . n 
B 1 66  ASP 66  39  39 ASP ASP B . n 
B 1 67  GLN 67  40  40 GLN GLN B . n 
B 1 68  GLN 68  41  41 GLN GLN B . n 
B 1 69  ARG 69  42  42 ARG ARG B . n 
B 1 70  LEU 70  43  43 LEU LEU B . n 
B 1 71  ILE 71  44  44 ILE ILE B . n 
B 1 72  PHE 72  45  45 PHE PHE B . n 
B 1 73  ALA 73  46  46 ALA ALA B . n 
B 1 74  GLY 74  47  47 GLY GLY B . n 
B 1 75  LYS 75  48  48 LYS LYS B . n 
B 1 76  GLN 76  49  49 GLN GLN B . n 
B 1 77  LEU 77  50  50 LEU LEU B . n 
B 1 78  GLU 78  51  51 GLU GLU B . n 
B 1 79  ASP 79  52  52 ASP ASP B . n 
B 1 80  GLY 80  53  53 GLY GLY B . n 
B 1 81  ARG 81  54  54 ARG ARG B . n 
B 1 82  THR 82  55  55 THR THR B . n 
B 1 83  LEU 83  56  56 LEU LEU B . n 
B 1 84  SER 84  57  57 SER SER B . n 
B 1 85  ASP 85  58  58 ASP ASP B . n 
B 1 86  TYR 86  59  59 TYR TYR B . n 
B 1 87  ASN 87  60  60 ASN ASN B . n 
B 1 88  ILE 88  61  61 ILE ILE B . n 
B 1 89  GLN 89  62  62 GLN GLN B . n 
B 1 90  LYS 90  63  63 LYS LYS B . n 
B 1 91  GLU 91  64  64 GLU GLU B . n 
B 1 92  SER 92  65  65 SER SER B . n 
B 1 93  THR 93  66  66 THR THR B . n 
B 1 94  LEU 94  67  67 LEU LEU B . n 
B 1 95  HIS 95  68  68 HIS HIS B . n 
B 1 96  LEU 96  69  69 LEU LEU B . n 
B 1 97  VAL 97  70  70 VAL VAL B . n 
B 1 98  LEU 98  71  71 LEU LEU B . n 
B 1 99  ARG 99  72  72 ARG ARG B . n 
B 1 100 LEU 100 73  73 LEU LEU B . n 
B 1 101 ARG 101 74  ?  ?   ?   B . n 
# 
loop_
_pdbx_nonpoly_scheme.asym_id 
_pdbx_nonpoly_scheme.entity_id 
_pdbx_nonpoly_scheme.mon_id 
_pdbx_nonpoly_scheme.ndb_seq_num 
_pdbx_nonpoly_scheme.pdb_seq_num 
_pdbx_nonpoly_scheme.auth_seq_num 
_pdbx_nonpoly_scheme.pdb_mon_id 
_pdbx_nonpoly_scheme.auth_mon_id 
_pdbx_nonpoly_scheme.pdb_strand_id 
_pdbx_nonpoly_scheme.pdb_ins_code 
C 2 SO4 1  101 1   SO4 SO4 A . 
D 3 HOH 1  201 118 HOH HOH A . 
D 3 HOH 2  202 62  HOH HOH A . 
D 3 HOH 3  203 56  HOH HOH A . 
D 3 HOH 4  204 108 HOH HOH A . 
D 3 HOH 5  205 84  HOH HOH A . 
D 3 HOH 6  206 46  HOH HOH A . 
D 3 HOH 7  207 8   HOH HOH A . 
D 3 HOH 8  208 7   HOH HOH A . 
D 3 HOH 9  209 123 HOH HOH A . 
D 3 HOH 10 210 10  HOH HOH A . 
D 3 HOH 11 211 65  HOH HOH A . 
D 3 HOH 12 212 23  HOH HOH A . 
D 3 HOH 13 213 1   HOH HOH A . 
D 3 HOH 14 214 98  HOH HOH A . 
D 3 HOH 15 215 18  HOH HOH A . 
D 3 HOH 16 216 26  HOH HOH A . 
D 3 HOH 17 217 39  HOH HOH A . 
D 3 HOH 18 218 59  HOH HOH A . 
D 3 HOH 19 219 87  HOH HOH A . 
D 3 HOH 20 220 6   HOH HOH A . 
D 3 HOH 21 221 35  HOH HOH A . 
D 3 HOH 22 222 41  HOH HOH A . 
D 3 HOH 23 223 69  HOH HOH A . 
D 3 HOH 24 224 88  HOH HOH A . 
D 3 HOH 25 225 36  HOH HOH A . 
D 3 HOH 26 226 112 HOH HOH A . 
D 3 HOH 27 227 61  HOH HOH A . 
D 3 HOH 28 228 58  HOH HOH A . 
D 3 HOH 29 229 50  HOH HOH A . 
D 3 HOH 30 230 116 HOH HOH A . 
D 3 HOH 31 231 40  HOH HOH A . 
D 3 HOH 32 232 89  HOH HOH A . 
D 3 HOH 33 233 48  HOH HOH A . 
D 3 HOH 34 234 42  HOH HOH A . 
D 3 HOH 35 235 32  HOH HOH A . 
D 3 HOH 36 236 70  HOH HOH A . 
D 3 HOH 37 237 53  HOH HOH A . 
D 3 HOH 38 238 3   HOH HOH A . 
D 3 HOH 39 239 81  HOH HOH A . 
D 3 HOH 40 240 95  HOH HOH A . 
D 3 HOH 41 241 24  HOH HOH A . 
D 3 HOH 42 242 128 HOH HOH A . 
D 3 HOH 43 243 94  HOH HOH A . 
D 3 HOH 44 244 77  HOH HOH A . 
D 3 HOH 45 245 110 HOH HOH A . 
D 3 HOH 46 246 104 HOH HOH A . 
D 3 HOH 47 247 125 HOH HOH A . 
D 3 HOH 48 248 127 HOH HOH A . 
D 3 HOH 49 249 115 HOH HOH A . 
D 3 HOH 50 250 103 HOH HOH A . 
D 3 HOH 51 251 111 HOH HOH A . 
D 3 HOH 52 252 43  HOH HOH A . 
D 3 HOH 53 253 113 HOH HOH A . 
E 3 HOH 1  101 57  HOH HOH B . 
E 3 HOH 2  102 101 HOH HOH B . 
E 3 HOH 3  103 120 HOH HOH B . 
E 3 HOH 4  104 38  HOH HOH B . 
E 3 HOH 5  105 76  HOH HOH B . 
E 3 HOH 6  106 52  HOH HOH B . 
E 3 HOH 7  107 102 HOH HOH B . 
E 3 HOH 8  108 9   HOH HOH B . 
E 3 HOH 9  109 30  HOH HOH B . 
E 3 HOH 10 110 16  HOH HOH B . 
E 3 HOH 11 111 63  HOH HOH B . 
E 3 HOH 12 112 29  HOH HOH B . 
E 3 HOH 13 113 105 HOH HOH B . 
E 3 HOH 14 114 14  HOH HOH B . 
E 3 HOH 15 115 13  HOH HOH B . 
E 3 HOH 16 116 25  HOH HOH B . 
E 3 HOH 17 117 99  HOH HOH B . 
E 3 HOH 18 118 5   HOH HOH B . 
E 3 HOH 19 119 78  HOH HOH B . 
E 3 HOH 20 120 93  HOH HOH B . 
E 3 HOH 21 121 49  HOH HOH B . 
E 3 HOH 22 122 124 HOH HOH B . 
E 3 HOH 23 123 22  HOH HOH B . 
E 3 HOH 24 124 4   HOH HOH B . 
E 3 HOH 25 125 80  HOH HOH B . 
E 3 HOH 26 126 71  HOH HOH B . 
E 3 HOH 27 127 85  HOH HOH B . 
E 3 HOH 28 128 74  HOH HOH B . 
E 3 HOH 29 129 20  HOH HOH B . 
E 3 HOH 30 130 11  HOH HOH B . 
E 3 HOH 31 131 15  HOH HOH B . 
E 3 HOH 32 132 83  HOH HOH B . 
E 3 HOH 33 133 66  HOH HOH B . 
E 3 HOH 34 134 21  HOH HOH B . 
E 3 HOH 35 135 34  HOH HOH B . 
E 3 HOH 36 136 44  HOH HOH B . 
E 3 HOH 37 137 2   HOH HOH B . 
E 3 HOH 38 138 47  HOH HOH B . 
E 3 HOH 39 139 19  HOH HOH B . 
E 3 HOH 40 140 31  HOH HOH B . 
E 3 HOH 41 141 86  HOH HOH B . 
E 3 HOH 42 142 114 HOH HOH B . 
E 3 HOH 43 143 45  HOH HOH B . 
E 3 HOH 44 144 54  HOH HOH B . 
E 3 HOH 45 145 12  HOH HOH B . 
E 3 HOH 46 146 28  HOH HOH B . 
E 3 HOH 47 147 75  HOH HOH B . 
E 3 HOH 48 148 72  HOH HOH B . 
E 3 HOH 49 149 117 HOH HOH B . 
E 3 HOH 50 150 129 HOH HOH B . 
E 3 HOH 51 151 27  HOH HOH B . 
E 3 HOH 52 152 109 HOH HOH B . 
E 3 HOH 53 153 17  HOH HOH B . 
E 3 HOH 54 154 100 HOH HOH B . 
E 3 HOH 55 155 107 HOH HOH B . 
E 3 HOH 56 156 55  HOH HOH B . 
E 3 HOH 57 157 67  HOH HOH B . 
E 3 HOH 58 158 96  HOH HOH B . 
E 3 HOH 59 159 121 HOH HOH B . 
E 3 HOH 60 160 119 HOH HOH B . 
E 3 HOH 61 161 79  HOH HOH B . 
E 3 HOH 62 162 106 HOH HOH B . 
E 3 HOH 63 163 82  HOH HOH B . 
E 3 HOH 64 164 64  HOH HOH B . 
E 3 HOH 65 165 73  HOH HOH B . 
E 3 HOH 66 166 37  HOH HOH B . 
E 3 HOH 67 167 126 HOH HOH B . 
E 3 HOH 68 168 90  HOH HOH B . 
# 
loop_
_software.citation_id 
_software.classification 
_software.compiler_name 
_software.compiler_version 
_software.contact_author 
_software.contact_author_email 
_software.date 
_software.description 
_software.dependencies 
_software.hardware 
_software.language 
_software.location 
_software.mods 
_software.name 
_software.os 
_software.os_version 
_software.type 
_software.version 
_software.pdbx_ordinal 
? refinement       ? ? ? ? ? ? ? ? ? ? ? PHENIX  ? ? ? 1.21_5207 1 
? 'data reduction' ? ? ? ? ? ? ? ? ? ? ? XDS     ? ? ? .         2 
? 'data scaling'   ? ? ? ? ? ? ? ? ? ? ? Aimless ? ? ? .         3 
? phasing          ? ? ? ? ? ? ? ? ? ? ? PHASER  ? ? ? .         4 
# 
_cell.angle_alpha                  90.000 
_cell.angle_alpha_esd              ? 
_cell.angle_beta                   90.000 
_cell.angle_beta_esd               ? 
_cell.angle_gamma                  90.000 
_cell.angle_gamma_esd              ? 
_cell.entry_id                     9CSF 
_cell.details                      ? 
_cell.formula_units_Z              ? 
_cell.length_a                     75.698 
_cell.length_a_esd                 ? 
_cell.length_b                     75.698 
_cell.length_b_esd                 ? 
_cell.length_c                     121.500 
_cell.length_c_esd                 ? 
_cell.volume                       696217.745 
_cell.volume_esd                   ? 
_cell.Z_PDB                        32 
_cell.reciprocal_angle_alpha       ? 
_cell.reciprocal_angle_beta        ? 
_cell.reciprocal_angle_gamma       ? 
_cell.reciprocal_angle_alpha_esd   ? 
_cell.reciprocal_angle_beta_esd    ? 
_cell.reciprocal_angle_gamma_esd   ? 
_cell.reciprocal_length_a          ? 
_cell.reciprocal_length_b          ? 
_cell.reciprocal_length_c          ? 
_cell.reciprocal_length_a_esd      ? 
_cell.reciprocal_length_b_esd      ? 
_cell.reciprocal_length_c_esd      ? 
_cell.pdbx_unique_axis             ? 
_cell.pdbx_esd_method              ? 
# 
_symmetry.entry_id                         9CSF 
_symmetry.cell_setting                     ? 
_symmetry.Int_Tables_number                97 
_symmetry.space_group_name_Hall            'I 4 2' 
_symmetry.space_group_name_H-M             'I 4 2 2' 
_symmetry.pdbx_full_space_group_name_H-M   ? 
# 
_exptl.absorpt_coefficient_mu     ? 
_exptl.absorpt_correction_T_max   ? 
_exptl.absorpt_correction_T_min   ? 
_exptl.absorpt_correction_type    ? 
_exptl.absorpt_process_details    ? 
_exptl.entry_id                   9CSF 
_exptl.crystals_number            1 
_exptl.details                    ? 
_exptl.method                     'X-RAY DIFFRACTION' 
_exptl.method_details             ? 
# 
_exptl_crystal.colour                       ? 
_exptl_crystal.density_diffrn               ? 
_exptl_crystal.density_Matthews             1.85 
_exptl_crystal.density_method               ? 
_exptl_crystal.density_percent_sol          33.55 
_exptl_crystal.description                  ? 
_exptl_crystal.F_000                        ? 
_exptl_crystal.id                           1 
_exptl_crystal.preparation                  ? 
_exptl_crystal.size_max                     ? 
_exptl_crystal.size_mid                     ? 
_exptl_crystal.size_min                     ? 
_exptl_crystal.size_rad                     ? 
_exptl_crystal.colour_lustre                ? 
_exptl_crystal.colour_modifier              ? 
_exptl_crystal.colour_primary               ? 
_exptl_crystal.density_meas                 ? 
_exptl_crystal.density_meas_esd             ? 
_exptl_crystal.density_meas_gt              ? 
_exptl_crystal.density_meas_lt              ? 
_exptl_crystal.density_meas_temp            ? 
_exptl_crystal.density_meas_temp_esd        ? 
_exptl_crystal.density_meas_temp_gt         ? 
_exptl_crystal.density_meas_temp_lt         ? 
_exptl_crystal.pdbx_crystal_image_url       ? 
_exptl_crystal.pdbx_crystal_image_format    ? 
_exptl_crystal.pdbx_mosaicity               ? 
_exptl_crystal.pdbx_mosaicity_esd           ? 
_exptl_crystal.pdbx_mosaic_method           ? 
_exptl_crystal.pdbx_mosaic_block_size       ? 
_exptl_crystal.pdbx_mosaic_block_size_esd   ? 
# 
_exptl_crystal_grow.apparatus       ? 
_exptl_crystal_grow.atmosphere      ? 
_exptl_crystal_grow.crystal_id      1 
_exptl_crystal_grow.details         ? 
_exptl_crystal_grow.method          'VAPOR DIFFUSION, SITTING DROP' 
_exptl_crystal_grow.method_ref      ? 
_exptl_crystal_grow.pH              ? 
_exptl_crystal_grow.pressure        ? 
_exptl_crystal_grow.pressure_esd    ? 
_exptl_crystal_grow.seeding         ? 
_exptl_crystal_grow.seeding_ref     ? 
_exptl_crystal_grow.temp_details    ? 
_exptl_crystal_grow.temp_esd        ? 
_exptl_crystal_grow.time            ? 
_exptl_crystal_grow.pdbx_details    '15% PEG 1000, 0.5M Ammonium Sulfate' 
_exptl_crystal_grow.pdbx_pH_range   ? 
_exptl_crystal_grow.temp            293 
# 
_diffrn.ambient_environment              ? 
_diffrn.ambient_temp                     100 
_diffrn.ambient_temp_details             ? 
_diffrn.ambient_temp_esd                 ? 
_diffrn.crystal_id                       1 
_diffrn.crystal_support                  ? 
_diffrn.crystal_treatment                ? 
_diffrn.details                          ? 
_diffrn.id                               1 
_diffrn.ambient_pressure                 ? 
_diffrn.ambient_pressure_esd             ? 
_diffrn.ambient_pressure_gt              ? 
_diffrn.ambient_pressure_lt              ? 
_diffrn.ambient_temp_gt                  ? 
_diffrn.ambient_temp_lt                  ? 
_diffrn.pdbx_serial_crystal_experiment   N 
# 
_diffrn_detector.details                      ? 
_diffrn_detector.detector                     'IMAGE PLATE' 
_diffrn_detector.diffrn_id                    1 
_diffrn_detector.type                         'RIGAKU RAXIS IV++' 
_diffrn_detector.area_resol_mean              ? 
_diffrn_detector.dtime                        ? 
_diffrn_detector.pdbx_frames_total            ? 
_diffrn_detector.pdbx_collection_time_total   ? 
_diffrn_detector.pdbx_collection_date         2022-05-01 
_diffrn_detector.pdbx_frequency               ? 
_diffrn_detector.id                           ? 
_diffrn_detector.number_of_axes               ? 
# 
_diffrn_radiation.collimation                      ? 
_diffrn_radiation.diffrn_id                        1 
_diffrn_radiation.filter_edge                      ? 
_diffrn_radiation.inhomogeneity                    ? 
_diffrn_radiation.monochromator                    ? 
_diffrn_radiation.polarisn_norm                    ? 
_diffrn_radiation.polarisn_ratio                   ? 
_diffrn_radiation.probe                            ? 
_diffrn_radiation.type                             ? 
_diffrn_radiation.xray_symbol                      ? 
_diffrn_radiation.wavelength_id                    1 
_diffrn_radiation.pdbx_monochromatic_or_laue_m_l   M 
_diffrn_radiation.pdbx_wavelength_list             ? 
_diffrn_radiation.pdbx_wavelength                  ? 
_diffrn_radiation.pdbx_diffrn_protocol             'SINGLE WAVELENGTH' 
_diffrn_radiation.pdbx_analyzer                    ? 
_diffrn_radiation.pdbx_scattering_type             x-ray 
# 
_diffrn_radiation_wavelength.id           1 
_diffrn_radiation_wavelength.wavelength   1.5418 
_diffrn_radiation_wavelength.wt           1.0 
# 
_diffrn_source.current                     ? 
_diffrn_source.details                     ? 
_diffrn_source.diffrn_id                   1 
_diffrn_source.power                       ? 
_diffrn_source.size                        ? 
_diffrn_source.source                      'ROTATING ANODE' 
_diffrn_source.target                      ? 
_diffrn_source.type                        'RIGAKU MICROMAX-007 HF' 
_diffrn_source.voltage                     ? 
_diffrn_source.take-off_angle              ? 
_diffrn_source.pdbx_wavelength_list        1.5418 
_diffrn_source.pdbx_wavelength             ? 
_diffrn_source.pdbx_synchrotron_beamline   ? 
_diffrn_source.pdbx_synchrotron_site       ? 
# 
_reflns.B_iso_Wilson_estimate                          27.56 
_reflns.entry_id                                       9CSF 
_reflns.data_reduction_details                         ? 
_reflns.data_reduction_method                          ? 
_reflns.d_resolution_high                              1.84 
_reflns.d_resolution_low                               18.94 
_reflns.details                                        ? 
_reflns.limit_h_max                                    ? 
_reflns.limit_h_min                                    ? 
_reflns.limit_k_max                                    ? 
_reflns.limit_k_min                                    ? 
_reflns.limit_l_max                                    ? 
_reflns.limit_l_min                                    ? 
_reflns.number_all                                     ? 
_reflns.number_obs                                     15581 
_reflns.observed_criterion                             ? 
_reflns.observed_criterion_F_max                       ? 
_reflns.observed_criterion_F_min                       ? 
_reflns.observed_criterion_I_max                       ? 
_reflns.observed_criterion_I_min                       ? 
_reflns.observed_criterion_sigma_F                     ? 
_reflns.observed_criterion_sigma_I                     ? 
_reflns.percent_possible_obs                           99.7 
_reflns.R_free_details                                 ? 
_reflns.Rmerge_F_all                                   ? 
_reflns.Rmerge_F_obs                                   ? 
_reflns.Friedel_coverage                               ? 
_reflns.number_gt                                      ? 
_reflns.threshold_expression                           ? 
_reflns.pdbx_redundancy                                13.8 
_reflns.pdbx_netI_over_av_sigmaI                       ? 
_reflns.pdbx_netI_over_sigmaI                          28.72 
_reflns.pdbx_res_netI_over_av_sigmaI_2                 ? 
_reflns.pdbx_res_netI_over_sigmaI_2                    ? 
_reflns.pdbx_chi_squared                               ? 
_reflns.pdbx_scaling_rejects                           ? 
_reflns.pdbx_d_res_high_opt                            ? 
_reflns.pdbx_d_res_low_opt                             ? 
_reflns.pdbx_d_res_opt_method                          ? 
_reflns.phase_calculation_details                      ? 
_reflns.pdbx_Rrim_I_all                                0.05989 
_reflns.pdbx_Rpim_I_all                                0.01605 
_reflns.pdbx_d_opt                                     ? 
_reflns.pdbx_number_measured_all                       ? 
_reflns.pdbx_diffrn_id                                 1 
_reflns.pdbx_ordinal                                   1 
_reflns.pdbx_CC_half                                   1 
_reflns.pdbx_CC_star                                   ? 
_reflns.pdbx_R_split                                   ? 
_reflns.pdbx_Rmerge_I_obs                              0.05764 
_reflns.pdbx_Rmerge_I_all                              ? 
_reflns.pdbx_Rsym_value                                ? 
_reflns.pdbx_CC_split_method                           ? 
_reflns.pdbx_aniso_diffraction_limit_axis_1_ortho[1]   ? 
_reflns.pdbx_aniso_diffraction_limit_axis_1_ortho[2]   ? 
_reflns.pdbx_aniso_diffraction_limit_axis_1_ortho[3]   ? 
_reflns.pdbx_aniso_diffraction_limit_axis_2_ortho[1]   ? 
_reflns.pdbx_aniso_diffraction_limit_axis_2_ortho[2]   ? 
_reflns.pdbx_aniso_diffraction_limit_axis_2_ortho[3]   ? 
_reflns.pdbx_aniso_diffraction_limit_axis_3_ortho[1]   ? 
_reflns.pdbx_aniso_diffraction_limit_axis_3_ortho[2]   ? 
_reflns.pdbx_aniso_diffraction_limit_axis_3_ortho[3]   ? 
_reflns.pdbx_aniso_diffraction_limit_1                 ? 
_reflns.pdbx_aniso_diffraction_limit_2                 ? 
_reflns.pdbx_aniso_diffraction_limit_3                 ? 
_reflns.pdbx_aniso_B_tensor_eigenvector_1_ortho[1]     ? 
_reflns.pdbx_aniso_B_tensor_eigenvector_1_ortho[2]     ? 
_reflns.pdbx_aniso_B_tensor_eigenvector_1_ortho[3]     ? 
_reflns.pdbx_aniso_B_tensor_eigenvector_2_ortho[1]     ? 
_reflns.pdbx_aniso_B_tensor_eigenvector_2_ortho[2]     ? 
_reflns.pdbx_aniso_B_tensor_eigenvector_2_ortho[3]     ? 
_reflns.pdbx_aniso_B_tensor_eigenvector_3_ortho[1]     ? 
_reflns.pdbx_aniso_B_tensor_eigenvector_3_ortho[2]     ? 
_reflns.pdbx_aniso_B_tensor_eigenvector_3_ortho[3]     ? 
_reflns.pdbx_aniso_B_tensor_eigenvalue_1               ? 
_reflns.pdbx_aniso_B_tensor_eigenvalue_2               ? 
_reflns.pdbx_aniso_B_tensor_eigenvalue_3               ? 
_reflns.pdbx_orthogonalization_convention              ? 
_reflns.pdbx_percent_possible_ellipsoidal              ? 
_reflns.pdbx_percent_possible_spherical                ? 
_reflns.pdbx_percent_possible_ellipsoidal_anomalous    ? 
_reflns.pdbx_percent_possible_spherical_anomalous      ? 
_reflns.pdbx_redundancy_anomalous                      ? 
_reflns.pdbx_CC_half_anomalous                         ? 
_reflns.pdbx_absDiff_over_sigma_anomalous              ? 
_reflns.pdbx_percent_possible_anomalous                ? 
_reflns.pdbx_observed_signal_threshold                 ? 
_reflns.pdbx_signal_type                               ? 
_reflns.pdbx_signal_details                            ? 
_reflns.pdbx_signal_software_id                        ? 
# 
_reflns_shell.d_res_high                                    1.84 
_reflns_shell.d_res_low                                     1.91 
_reflns_shell.meanI_over_sigI_all                           ? 
_reflns_shell.meanI_over_sigI_obs                           2.86 
_reflns_shell.number_measured_all                           ? 
_reflns_shell.number_measured_obs                           ? 
_reflns_shell.number_possible                               ? 
_reflns_shell.number_unique_all                             ? 
_reflns_shell.number_unique_obs                             1476 
_reflns_shell.percent_possible_obs                          ? 
_reflns_shell.Rmerge_F_all                                  ? 
_reflns_shell.Rmerge_F_obs                                  ? 
_reflns_shell.meanI_over_sigI_gt                            ? 
_reflns_shell.meanI_over_uI_all                             ? 
_reflns_shell.meanI_over_uI_gt                              ? 
_reflns_shell.number_measured_gt                            ? 
_reflns_shell.number_unique_gt                              ? 
_reflns_shell.percent_possible_gt                           ? 
_reflns_shell.Rmerge_F_gt                                   ? 
_reflns_shell.Rmerge_I_gt                                   ? 
_reflns_shell.pdbx_redundancy                               13.2 
_reflns_shell.pdbx_chi_squared                              ? 
_reflns_shell.pdbx_netI_over_sigmaI_all                     ? 
_reflns_shell.pdbx_netI_over_sigmaI_obs                     ? 
_reflns_shell.pdbx_Rrim_I_all                               0.9692 
_reflns_shell.pdbx_Rpim_I_all                               0.2629 
_reflns_shell.pdbx_rejects                                  ? 
_reflns_shell.pdbx_ordinal                                  1 
_reflns_shell.pdbx_diffrn_id                                1 
_reflns_shell.pdbx_CC_half                                  0.838 
_reflns_shell.pdbx_CC_star                                  ? 
_reflns_shell.pdbx_R_split                                  ? 
_reflns_shell.percent_possible_all                          97.87 
_reflns_shell.Rmerge_I_all                                  ? 
_reflns_shell.Rmerge_I_obs                                  0.9318 
_reflns_shell.pdbx_Rsym_value                               ? 
_reflns_shell.pdbx_percent_possible_ellipsoidal             ? 
_reflns_shell.pdbx_percent_possible_spherical               ? 
_reflns_shell.pdbx_percent_possible_ellipsoidal_anomalous   ? 
_reflns_shell.pdbx_percent_possible_spherical_anomalous     ? 
_reflns_shell.pdbx_redundancy_anomalous                     ? 
_reflns_shell.pdbx_CC_half_anomalous                        ? 
_reflns_shell.pdbx_absDiff_over_sigma_anomalous             ? 
_reflns_shell.pdbx_percent_possible_anomalous               ? 
# 
_refine.aniso_B[1][1]                            ? 
_refine.aniso_B[1][2]                            ? 
_refine.aniso_B[1][3]                            ? 
_refine.aniso_B[2][2]                            ? 
_refine.aniso_B[2][3]                            ? 
_refine.aniso_B[3][3]                            ? 
_refine.B_iso_max                                ? 
_refine.B_iso_mean                               32.17 
_refine.B_iso_min                                ? 
_refine.correlation_coeff_Fo_to_Fc               ? 
_refine.correlation_coeff_Fo_to_Fc_free          ? 
_refine.details                                  ? 
_refine.diff_density_max                         ? 
_refine.diff_density_max_esd                     ? 
_refine.diff_density_min                         ? 
_refine.diff_density_min_esd                     ? 
_refine.diff_density_rms                         ? 
_refine.diff_density_rms_esd                     ? 
_refine.entry_id                                 9CSF 
_refine.pdbx_refine_id                           'X-RAY DIFFRACTION' 
_refine.ls_abs_structure_details                 ? 
_refine.ls_abs_structure_Flack                   ? 
_refine.ls_abs_structure_Flack_esd               ? 
_refine.ls_abs_structure_Rogers                  ? 
_refine.ls_abs_structure_Rogers_esd              ? 
_refine.ls_d_res_high                            1.84 
_refine.ls_d_res_low                             18.94 
_refine.ls_extinction_coef                       ? 
_refine.ls_extinction_coef_esd                   ? 
_refine.ls_extinction_expression                 ? 
_refine.ls_extinction_method                     ? 
_refine.ls_goodness_of_fit_all                   ? 
_refine.ls_goodness_of_fit_all_esd               ? 
_refine.ls_goodness_of_fit_obs                   ? 
_refine.ls_goodness_of_fit_obs_esd               ? 
_refine.ls_hydrogen_treatment                    ? 
_refine.ls_matrix_type                           ? 
_refine.ls_number_constraints                    ? 
_refine.ls_number_parameters                     ? 
_refine.ls_number_reflns_all                     ? 
_refine.ls_number_reflns_obs                     15579 
_refine.ls_number_reflns_R_free                  780 
_refine.ls_number_reflns_R_work                  14799 
_refine.ls_number_restraints                     ? 
_refine.ls_percent_reflns_obs                    99.81 
_refine.ls_percent_reflns_R_free                 5.01 
_refine.ls_R_factor_all                          ? 
_refine.ls_R_factor_obs                          0.1969 
_refine.ls_R_factor_R_free                       0.2301 
_refine.ls_R_factor_R_free_error                 ? 
_refine.ls_R_factor_R_free_error_details         ? 
_refine.ls_R_factor_R_work                       0.1952 
_refine.ls_R_Fsqd_factor_obs                     ? 
_refine.ls_R_I_factor_obs                        ? 
_refine.ls_redundancy_reflns_all                 ? 
_refine.ls_redundancy_reflns_obs                 ? 
_refine.ls_restrained_S_all                      ? 
_refine.ls_restrained_S_obs                      ? 
_refine.ls_shift_over_esd_max                    ? 
_refine.ls_shift_over_esd_mean                   ? 
_refine.ls_structure_factor_coef                 ? 
_refine.ls_weighting_details                     ? 
_refine.ls_weighting_scheme                      ? 
_refine.ls_wR_factor_all                         ? 
_refine.ls_wR_factor_obs                         ? 
_refine.ls_wR_factor_R_free                      ? 
_refine.ls_wR_factor_R_work                      ? 
_refine.occupancy_max                            ? 
_refine.occupancy_min                            ? 
_refine.solvent_model_details                    'FLAT BULK SOLVENT MODEL' 
_refine.solvent_model_param_bsol                 ? 
_refine.solvent_model_param_ksol                 ? 
_refine.pdbx_R_complete                          ? 
_refine.ls_R_factor_gt                           ? 
_refine.ls_goodness_of_fit_gt                    ? 
_refine.ls_goodness_of_fit_ref                   ? 
_refine.ls_shift_over_su_max                     ? 
_refine.ls_shift_over_su_max_lt                  ? 
_refine.ls_shift_over_su_mean                    ? 
_refine.ls_shift_over_su_mean_lt                 ? 
_refine.pdbx_ls_sigma_I                          ? 
_refine.pdbx_ls_sigma_F                          1.21 
_refine.pdbx_ls_sigma_Fsqd                       ? 
_refine.pdbx_data_cutoff_high_absF               ? 
_refine.pdbx_data_cutoff_high_rms_absF           ? 
_refine.pdbx_data_cutoff_low_absF                ? 
_refine.pdbx_isotropic_thermal_model             ? 
_refine.pdbx_ls_cross_valid_method               'FREE R-VALUE' 
_refine.pdbx_method_to_determine_struct          'MOLECULAR REPLACEMENT' 
_refine.pdbx_starting_model                      ? 
_refine.pdbx_stereochemistry_target_values       'GeoStd + Monomer Library + CDL v1.2' 
_refine.pdbx_R_Free_selection_details            ? 
_refine.pdbx_stereochem_target_val_spec_case     ? 
_refine.pdbx_overall_ESU_R                       ? 
_refine.pdbx_overall_ESU_R_Free                  ? 
_refine.pdbx_solvent_vdw_probe_radii             1.1000 
_refine.pdbx_solvent_ion_probe_radii             ? 
_refine.pdbx_solvent_shrinkage_radii             0.9000 
_refine.pdbx_real_space_R                        ? 
_refine.pdbx_density_correlation                 ? 
_refine.pdbx_pd_number_of_powder_patterns        ? 
_refine.pdbx_pd_number_of_points                 ? 
_refine.pdbx_pd_meas_number_of_points            ? 
_refine.pdbx_pd_proc_ls_prof_R_factor            ? 
_refine.pdbx_pd_proc_ls_prof_wR_factor           ? 
_refine.pdbx_pd_Marquardt_correlation_coeff      ? 
_refine.pdbx_pd_Fsqrd_R_factor                   ? 
_refine.pdbx_pd_ls_matrix_band_width             ? 
_refine.pdbx_overall_phase_error                 22.7280 
_refine.pdbx_overall_SU_R_free_Cruickshank_DPI   ? 
_refine.pdbx_overall_SU_R_free_Blow_DPI          ? 
_refine.pdbx_overall_SU_R_Blow_DPI               ? 
_refine.pdbx_TLS_residual_ADP_flag               ? 
_refine.pdbx_diffrn_id                           1 
_refine.overall_SU_B                             ? 
_refine.overall_SU_ML                            0.1920 
_refine.overall_SU_R_Cruickshank_DPI             ? 
_refine.overall_SU_R_free                        ? 
_refine.overall_FOM_free_R_set                   ? 
_refine.overall_FOM_work_R_set                   ? 
_refine.pdbx_average_fsc_overall                 ? 
_refine.pdbx_average_fsc_work                    ? 
_refine.pdbx_average_fsc_free                    ? 
# 
_refine_hist.pdbx_refine_id                   'X-RAY DIFFRACTION' 
_refine_hist.cycle_id                         LAST 
_refine_hist.details                          ? 
_refine_hist.d_res_high                       1.84 
_refine_hist.d_res_low                        18.94 
_refine_hist.number_atoms_solvent             121 
_refine_hist.number_atoms_total               1339 
_refine_hist.number_reflns_all                ? 
_refine_hist.number_reflns_obs                ? 
_refine_hist.number_reflns_R_free             ? 
_refine_hist.number_reflns_R_work             ? 
_refine_hist.R_factor_all                     ? 
_refine_hist.R_factor_obs                     ? 
_refine_hist.R_factor_R_free                  ? 
_refine_hist.R_factor_R_work                  ? 
_refine_hist.pdbx_number_residues_total       ? 
_refine_hist.pdbx_B_iso_mean_ligand           ? 
_refine_hist.pdbx_B_iso_mean_solvent          ? 
_refine_hist.pdbx_number_atoms_protein        1213 
_refine_hist.pdbx_number_atoms_nucleic_acid   0 
_refine_hist.pdbx_number_atoms_ligand         5 
_refine_hist.pdbx_number_atoms_lipid          ? 
_refine_hist.pdbx_number_atoms_carb           ? 
_refine_hist.pdbx_pseudo_atom_details         ? 
# 
loop_
_refine_ls_restr.pdbx_refine_id 
_refine_ls_restr.criterion 
_refine_ls_restr.dev_ideal 
_refine_ls_restr.dev_ideal_target 
_refine_ls_restr.number 
_refine_ls_restr.rejects 
_refine_ls_restr.type 
_refine_ls_restr.weight 
_refine_ls_restr.pdbx_restraint_function 
'X-RAY DIFFRACTION' ? 0.0065  ? 1262 ? f_bond_d           ? ? 
'X-RAY DIFFRACTION' ? 0.9031  ? 1709 ? f_angle_d          ? ? 
'X-RAY DIFFRACTION' ? 0.0593  ? 200  ? f_chiral_restr     ? ? 
'X-RAY DIFFRACTION' ? 0.0072  ? 222  ? f_plane_restr      ? ? 
'X-RAY DIFFRACTION' ? 17.5692 ? 511  ? f_dihedral_angle_d ? ? 
# 
loop_
_refine_ls_shell.pdbx_refine_id 
_refine_ls_shell.d_res_high 
_refine_ls_shell.d_res_low 
_refine_ls_shell.number_reflns_all 
_refine_ls_shell.number_reflns_obs 
_refine_ls_shell.number_reflns_R_free 
_refine_ls_shell.number_reflns_R_work 
_refine_ls_shell.percent_reflns_obs 
_refine_ls_shell.percent_reflns_R_free 
_refine_ls_shell.R_factor_all 
_refine_ls_shell.R_factor_obs 
_refine_ls_shell.R_factor_R_free_error 
_refine_ls_shell.R_factor_R_work 
_refine_ls_shell.redundancy_reflns_all 
_refine_ls_shell.redundancy_reflns_obs 
_refine_ls_shell.wR_factor_all 
_refine_ls_shell.wR_factor_obs 
_refine_ls_shell.wR_factor_R_free 
_refine_ls_shell.wR_factor_R_work 
_refine_ls_shell.pdbx_R_complete 
_refine_ls_shell.pdbx_total_number_of_bins_used 
_refine_ls_shell.pdbx_phase_error 
_refine_ls_shell.pdbx_fsc_work 
_refine_ls_shell.pdbx_fsc_free 
_refine_ls_shell.R_factor_R_free 
'X-RAY DIFFRACTION' 1.84 1.96  . . 115 2380 98.97  . . . . 0.2421 . . . . . . . . . . . 0.3053 
'X-RAY DIFFRACTION' 1.96 2.11  . . 137 2423 99.96  . . . . 0.2150 . . . . . . . . . . . 0.2660 
'X-RAY DIFFRACTION' 2.11 2.32  . . 139 2434 100.00 . . . . 0.2010 . . . . . . . . . . . 0.2383 
'X-RAY DIFFRACTION' 2.32 2.66  . . 122 2457 100.00 . . . . 0.2018 . . . . . . . . . . . 0.2466 
'X-RAY DIFFRACTION' 2.66 3.34  . . 136 2483 99.92  . . . . 0.2052 . . . . . . . . . . . 0.2543 
'X-RAY DIFFRACTION' 3.34 18.94 . . 131 2622 99.96  . . . . 0.1784 . . . . . . . . . . . 0.1938 
# 
_struct.entry_id                     9CSF 
_struct.title                        
'Structure of a dimeric ubiquitin variant (UbV3) that inhibits the protease (PRO) from Turnip Yellow Mosaic Virus (TYMV)' 
_struct.pdbx_model_details           ? 
_struct.pdbx_formula_weight          ? 
_struct.pdbx_formula_weight_method   ? 
_struct.pdbx_model_type_details      ? 
_struct.pdbx_CASP_flag               N 
# 
_struct_keywords.entry_id        9CSF 
_struct_keywords.text            'Competitive Inhibitor of TYMV PRO, Ubiquitin Variant, UbV3, viral protease, BIOSYNTHETIC PROTEIN' 
_struct_keywords.pdbx_keywords   'BIOSYNTHETIC PROTEIN' 
# 
loop_
_struct_asym.id 
_struct_asym.pdbx_blank_PDB_chainid_flag 
_struct_asym.pdbx_modified 
_struct_asym.entity_id 
_struct_asym.details 
A N N 1 ? 
B N N 1 ? 
C N N 2 ? 
D N N 3 ? 
E N N 3 ? 
# 
_struct_ref.id                         1 
_struct_ref.db_name                    PDB 
_struct_ref.db_code                    9CSF 
_struct_ref.pdbx_db_accession          9CSF 
_struct_ref.pdbx_db_isoform            ? 
_struct_ref.entity_id                  1 
_struct_ref.pdbx_seq_one_letter_code   ? 
_struct_ref.pdbx_align_begin           1 
# 
loop_
_struct_ref_seq.align_id 
_struct_ref_seq.ref_id 
_struct_ref_seq.pdbx_PDB_id_code 
_struct_ref_seq.pdbx_strand_id 
_struct_ref_seq.seq_align_beg 
_struct_ref_seq.pdbx_seq_align_beg_ins_code 
_struct_ref_seq.seq_align_end 
_struct_ref_seq.pdbx_seq_align_end_ins_code 
_struct_ref_seq.pdbx_db_accession 
_struct_ref_seq.db_align_beg 
_struct_ref_seq.pdbx_db_align_beg_ins_code 
_struct_ref_seq.db_align_end 
_struct_ref_seq.pdbx_db_align_end_ins_code 
_struct_ref_seq.pdbx_auth_seq_align_beg 
_struct_ref_seq.pdbx_auth_seq_align_end 
1 1 9CSF A 1 ? 101 ? 9CSF -26 ? 74 ? -26 74 
2 1 9CSF B 1 ? 101 ? 9CSF -26 ? 74 ? -26 74 
# 
_pdbx_struct_assembly.id                   1 
_pdbx_struct_assembly.details              author_and_software_defined_assembly 
_pdbx_struct_assembly.method_details       PISA 
_pdbx_struct_assembly.oligomeric_details   dimeric 
_pdbx_struct_assembly.oligomeric_count     2 
# 
loop_
_pdbx_struct_assembly_prop.biol_id 
_pdbx_struct_assembly_prop.type 
_pdbx_struct_assembly_prop.value 
_pdbx_struct_assembly_prop.details 
1 'ABSA (A^2)' 3910 ? 
1 MORE         -30  ? 
1 'SSA (A^2)'  9060 ? 
# 
_pdbx_struct_assembly_gen.assembly_id       1 
_pdbx_struct_assembly_gen.oper_expression   1 
_pdbx_struct_assembly_gen.asym_id_list      A,B,C,D,E 
# 
_pdbx_struct_assembly_auth_evidence.id                     1 
_pdbx_struct_assembly_auth_evidence.assembly_id            1 
_pdbx_struct_assembly_auth_evidence.experimental_support   'gel filtration' 
_pdbx_struct_assembly_auth_evidence.details                ? 
# 
_pdbx_struct_oper_list.id                   1 
_pdbx_struct_oper_list.type                 'identity operation' 
_pdbx_struct_oper_list.name                 1_555 
_pdbx_struct_oper_list.symmetry_operation   x,y,z 
_pdbx_struct_oper_list.matrix[1][1]         1.0000000000 
_pdbx_struct_oper_list.matrix[1][2]         0.0000000000 
_pdbx_struct_oper_list.matrix[1][3]         0.0000000000 
_pdbx_struct_oper_list.vector[1]            0.0000000000 
_pdbx_struct_oper_list.matrix[2][1]         0.0000000000 
_pdbx_struct_oper_list.matrix[2][2]         1.0000000000 
_pdbx_struct_oper_list.matrix[2][3]         0.0000000000 
_pdbx_struct_oper_list.vector[2]            0.0000000000 
_pdbx_struct_oper_list.matrix[3][1]         0.0000000000 
_pdbx_struct_oper_list.matrix[3][2]         0.0000000000 
_pdbx_struct_oper_list.matrix[3][3]         1.0000000000 
_pdbx_struct_oper_list.vector[3]            0.0000000000 
# 
loop_
_struct_conf.conf_type_id 
_struct_conf.id 
_struct_conf.pdbx_PDB_helix_id 
_struct_conf.beg_label_comp_id 
_struct_conf.beg_label_asym_id 
_struct_conf.beg_label_seq_id 
_struct_conf.pdbx_beg_PDB_ins_code 
_struct_conf.end_label_comp_id 
_struct_conf.end_label_asym_id 
_struct_conf.end_label_seq_id 
_struct_conf.pdbx_end_PDB_ins_code 
_struct_conf.beg_auth_comp_id 
_struct_conf.beg_auth_asym_id 
_struct_conf.beg_auth_seq_id 
_struct_conf.end_auth_comp_id 
_struct_conf.end_auth_asym_id 
_struct_conf.end_auth_seq_id 
_struct_conf.pdbx_PDB_helix_class 
_struct_conf.details 
_struct_conf.pdbx_PDB_helix_length 
HELX_P HELX_P1 AA1 THR A 49 ? GLY A 62 ? THR A 22 GLY A 35 1 ? 14 
HELX_P HELX_P2 AA2 PRO A 64 ? ASP A 66 ? PRO A 37 ASP A 39 5 ? 3  
HELX_P HELX_P3 AA3 LEU A 83 ? ASN A 87 ? LEU A 56 ASN A 60 5 ? 5  
HELX_P HELX_P4 AA4 THR B 49 ? GLY B 62 ? THR B 22 GLY B 35 1 ? 14 
HELX_P HELX_P5 AA5 PRO B 64 ? ASP B 66 ? PRO B 37 ASP B 39 5 ? 3  
HELX_P HELX_P6 AA6 LEU B 83 ? ASN B 87 ? LEU B 56 ASN B 60 5 ? 5  
# 
_struct_conf_type.id          HELX_P 
_struct_conf_type.criteria    ? 
_struct_conf_type.reference   ? 
# 
_struct_sheet.id               AA1 
_struct_sheet.type             ? 
_struct_sheet.number_strands   8 
_struct_sheet.details          ? 
# 
loop_
_struct_sheet_order.sheet_id 
_struct_sheet_order.range_id_1 
_struct_sheet_order.range_id_2 
_struct_sheet_order.offset 
_struct_sheet_order.sense 
AA1 1 2 ? anti-parallel 
AA1 2 3 ? anti-parallel 
AA1 3 4 ? parallel      
AA1 4 5 ? anti-parallel 
AA1 5 6 ? parallel      
AA1 6 7 ? anti-parallel 
AA1 7 8 ? anti-parallel 
# 
loop_
_struct_sheet_range.sheet_id 
_struct_sheet_range.id 
_struct_sheet_range.beg_label_comp_id 
_struct_sheet_range.beg_label_asym_id 
_struct_sheet_range.beg_label_seq_id 
_struct_sheet_range.pdbx_beg_PDB_ins_code 
_struct_sheet_range.end_label_comp_id 
_struct_sheet_range.end_label_asym_id 
_struct_sheet_range.end_label_seq_id 
_struct_sheet_range.pdbx_end_PDB_ins_code 
_struct_sheet_range.beg_auth_comp_id 
_struct_sheet_range.beg_auth_asym_id 
_struct_sheet_range.beg_auth_seq_id 
_struct_sheet_range.end_auth_comp_id 
_struct_sheet_range.end_auth_asym_id 
_struct_sheet_range.end_auth_seq_id 
AA1 1 LYS A 75 ? GLN A 76 ? LYS A 48 GLN A 49 
AA1 2 GLN A 68 ? PHE A 72 ? GLN A 41 PHE A 45 
AA1 3 THR A 93 ? LEU A 98 ? THR A 66 LEU A 71 
AA1 4 MET B 28 ? VAL B 44 ? MET B 1  VAL B 17 
AA1 5 MET A 28 ? VAL A 44 ? MET A 1  VAL A 17 
AA1 6 THR B 93 ? LEU B 98 ? THR B 66 LEU B 71 
AA1 7 GLN B 68 ? PHE B 72 ? GLN B 41 PHE B 45 
AA1 8 LYS B 75 ? GLN B 76 ? LYS B 48 GLN B 49 
# 
loop_
_pdbx_struct_sheet_hbond.sheet_id 
_pdbx_struct_sheet_hbond.range_id_1 
_pdbx_struct_sheet_hbond.range_id_2 
_pdbx_struct_sheet_hbond.range_1_label_atom_id 
_pdbx_struct_sheet_hbond.range_1_label_comp_id 
_pdbx_struct_sheet_hbond.range_1_label_asym_id 
_pdbx_struct_sheet_hbond.range_1_label_seq_id 
_pdbx_struct_sheet_hbond.range_1_PDB_ins_code 
_pdbx_struct_sheet_hbond.range_1_auth_atom_id 
_pdbx_struct_sheet_hbond.range_1_auth_comp_id 
_pdbx_struct_sheet_hbond.range_1_auth_asym_id 
_pdbx_struct_sheet_hbond.range_1_auth_seq_id 
_pdbx_struct_sheet_hbond.range_2_label_atom_id 
_pdbx_struct_sheet_hbond.range_2_label_comp_id 
_pdbx_struct_sheet_hbond.range_2_label_asym_id 
_pdbx_struct_sheet_hbond.range_2_label_seq_id 
_pdbx_struct_sheet_hbond.range_2_PDB_ins_code 
_pdbx_struct_sheet_hbond.range_2_auth_atom_id 
_pdbx_struct_sheet_hbond.range_2_auth_comp_id 
_pdbx_struct_sheet_hbond.range_2_auth_asym_id 
_pdbx_struct_sheet_hbond.range_2_auth_seq_id 
AA1 1 2 O LYS A 75 ? O LYS A 48 N PHE A 72 ? N PHE A 45 
AA1 2 3 N ARG A 69 ? N ARG A 42 O VAL A 97 ? O VAL A 70 
AA1 3 4 N LEU A 96 ? N LEU A 69 O ARG B 33 ? O ARG B 6  
AA1 4 5 O MET B 28 ? O MET B 1  N VAL A 44 ? N VAL A 17 
AA1 5 6 N LEU A 31 ? N LEU A 4  O LEU B 94 ? O LEU B 67 
AA1 6 7 O HIS B 95 ? O HIS B 68 N ILE B 71 ? N ILE B 44 
AA1 7 8 N PHE B 72 ? N PHE B 45 O LYS B 75 ? O LYS B 48 
# 
_pdbx_entry_details.entry_id                   9CSF 
_pdbx_entry_details.nonpolymer_details         ? 
_pdbx_entry_details.sequence_details           ? 
_pdbx_entry_details.compound_details           ? 
_pdbx_entry_details.source_details             ? 
_pdbx_entry_details.has_ligand_of_interest     N 
_pdbx_entry_details.has_protein_modification   N 
# 
loop_
_space_group_symop.id 
_space_group_symop.operation_xyz 
1  x,y,z                
2  -y,x,z               
3  y,-x,z               
4  x,-y,-z              
5  -x,y,-z              
6  -x,-y,z              
7  y,x,-z               
8  -y,-x,-z             
9  x+1/2,y+1/2,z+1/2    
10 -y+1/2,x+1/2,z+1/2   
11 y+1/2,-x+1/2,z+1/2   
12 x+1/2,-y+1/2,-z+1/2  
13 -x+1/2,y+1/2,-z+1/2  
14 -x+1/2,-y+1/2,z+1/2  
15 y+1/2,x+1/2,-z+1/2   
16 -y+1/2,-x+1/2,-z+1/2 
# 
loop_
_pdbx_unobs_or_zero_occ_residues.id 
_pdbx_unobs_or_zero_occ_residues.PDB_model_num 
_pdbx_unobs_or_zero_occ_residues.polymer_flag 
_pdbx_unobs_or_zero_occ_residues.occupancy_flag 
_pdbx_unobs_or_zero_occ_residues.auth_asym_id 
_pdbx_unobs_or_zero_occ_residues.auth_comp_id 
_pdbx_unobs_or_zero_occ_residues.auth_seq_id 
_pdbx_unobs_or_zero_occ_residues.PDB_ins_code 
_pdbx_unobs_or_zero_occ_residues.label_asym_id 
_pdbx_unobs_or_zero_occ_residues.label_comp_id 
_pdbx_unobs_or_zero_occ_residues.label_seq_id 
1  1 Y 1 A MET -26 ? A MET 1   
2  1 Y 1 A ALA -25 ? A ALA 2   
3  1 Y 1 A HIS -24 ? A HIS 3   
4  1 Y 1 A HIS -23 ? A HIS 4   
5  1 Y 1 A HIS -22 ? A HIS 5   
6  1 Y 1 A HIS -21 ? A HIS 6   
7  1 Y 1 A HIS -20 ? A HIS 7   
8  1 Y 1 A HIS -19 ? A HIS 8   
9  1 Y 1 A VAL -18 ? A VAL 9   
10 1 Y 1 A THR -17 ? A THR 10  
11 1 Y 1 A SER -16 ? A SER 11  
12 1 Y 1 A LEU -15 ? A LEU 12  
13 1 Y 1 A TYR -14 ? A TYR 13  
14 1 Y 1 A LYS -13 ? A LYS 14  
15 1 Y 1 A LYS -12 ? A LYS 15  
16 1 Y 1 A ALA -11 ? A ALA 16  
17 1 Y 1 A GLY -10 ? A GLY 17  
18 1 Y 1 A SER -9  ? A SER 18  
19 1 Y 1 A THR -8  ? A THR 19  
20 1 Y 1 A ASP -7  ? A ASP 20  
21 1 Y 1 A TYR -6  ? A TYR 21  
22 1 Y 1 A LYS -5  ? A LYS 22  
23 1 Y 1 A ASP -4  ? A ASP 23  
24 1 Y 1 A ASP -3  ? A ASP 24  
25 1 Y 1 A ASP -2  ? A ASP 25  
26 1 Y 1 A ASP -1  ? A ASP 26  
27 1 Y 1 B MET -26 ? B MET 1   
28 1 Y 1 B ALA -25 ? B ALA 2   
29 1 Y 1 B HIS -24 ? B HIS 3   
30 1 Y 1 B HIS -23 ? B HIS 4   
31 1 Y 1 B HIS -22 ? B HIS 5   
32 1 Y 1 B HIS -21 ? B HIS 6   
33 1 Y 1 B HIS -20 ? B HIS 7   
34 1 Y 1 B HIS -19 ? B HIS 8   
35 1 Y 1 B VAL -18 ? B VAL 9   
36 1 Y 1 B THR -17 ? B THR 10  
37 1 Y 1 B SER -16 ? B SER 11  
38 1 Y 1 B LEU -15 ? B LEU 12  
39 1 Y 1 B TYR -14 ? B TYR 13  
40 1 Y 1 B LYS -13 ? B LYS 14  
41 1 Y 1 B LYS -12 ? B LYS 15  
42 1 Y 1 B ALA -11 ? B ALA 16  
43 1 Y 1 B GLY -10 ? B GLY 17  
44 1 Y 1 B SER -9  ? B SER 18  
45 1 Y 1 B THR -8  ? B THR 19  
46 1 Y 1 B ASP -7  ? B ASP 20  
47 1 Y 1 B TYR -6  ? B TYR 21  
48 1 Y 1 B LYS -5  ? B LYS 22  
49 1 Y 1 B ASP -4  ? B ASP 23  
50 1 Y 1 B ASP -3  ? B ASP 24  
51 1 Y 1 B ASP -2  ? B ASP 25  
52 1 Y 1 B ASP -1  ? B ASP 26  
53 1 Y 1 B ARG 74  ? B ARG 101 
# 
loop_
_chem_comp_atom.comp_id 
_chem_comp_atom.atom_id 
_chem_comp_atom.type_symbol 
_chem_comp_atom.pdbx_aromatic_flag 
_chem_comp_atom.pdbx_stereo_config 
_chem_comp_atom.pdbx_ordinal 
ALA N    N N N 1   
ALA CA   C N S 2   
ALA C    C N N 3   
ALA O    O N N 4   
ALA CB   C N N 5   
ALA OXT  O N N 6   
ALA H    H N N 7   
ALA H2   H N N 8   
ALA HA   H N N 9   
ALA HB1  H N N 10  
ALA HB2  H N N 11  
ALA HB3  H N N 12  
ALA HXT  H N N 13  
ARG N    N N N 14  
ARG CA   C N S 15  
ARG C    C N N 16  
ARG O    O N N 17  
ARG CB   C N N 18  
ARG CG   C N N 19  
ARG CD   C N N 20  
ARG NE   N N N 21  
ARG CZ   C N N 22  
ARG NH1  N N N 23  
ARG NH2  N N N 24  
ARG OXT  O N N 25  
ARG H    H N N 26  
ARG H2   H N N 27  
ARG HA   H N N 28  
ARG HB2  H N N 29  
ARG HB3  H N N 30  
ARG HG2  H N N 31  
ARG HG3  H N N 32  
ARG HD2  H N N 33  
ARG HD3  H N N 34  
ARG HE   H N N 35  
ARG HH11 H N N 36  
ARG HH12 H N N 37  
ARG HH21 H N N 38  
ARG HH22 H N N 39  
ARG HXT  H N N 40  
ASN N    N N N 41  
ASN CA   C N S 42  
ASN C    C N N 43  
ASN O    O N N 44  
ASN CB   C N N 45  
ASN CG   C N N 46  
ASN OD1  O N N 47  
ASN ND2  N N N 48  
ASN OXT  O N N 49  
ASN H    H N N 50  
ASN H2   H N N 51  
ASN HA   H N N 52  
ASN HB2  H N N 53  
ASN HB3  H N N 54  
ASN HD21 H N N 55  
ASN HD22 H N N 56  
ASN HXT  H N N 57  
ASP N    N N N 58  
ASP CA   C N S 59  
ASP C    C N N 60  
ASP O    O N N 61  
ASP CB   C N N 62  
ASP CG   C N N 63  
ASP OD1  O N N 64  
ASP OD2  O N N 65  
ASP OXT  O N N 66  
ASP H    H N N 67  
ASP H2   H N N 68  
ASP HA   H N N 69  
ASP HB2  H N N 70  
ASP HB3  H N N 71  
ASP HD2  H N N 72  
ASP HXT  H N N 73  
GLN N    N N N 74  
GLN CA   C N S 75  
GLN C    C N N 76  
GLN O    O N N 77  
GLN CB   C N N 78  
GLN CG   C N N 79  
GLN CD   C N N 80  
GLN OE1  O N N 81  
GLN NE2  N N N 82  
GLN OXT  O N N 83  
GLN H    H N N 84  
GLN H2   H N N 85  
GLN HA   H N N 86  
GLN HB2  H N N 87  
GLN HB3  H N N 88  
GLN HG2  H N N 89  
GLN HG3  H N N 90  
GLN HE21 H N N 91  
GLN HE22 H N N 92  
GLN HXT  H N N 93  
GLU N    N N N 94  
GLU CA   C N S 95  
GLU C    C N N 96  
GLU O    O N N 97  
GLU CB   C N N 98  
GLU CG   C N N 99  
GLU CD   C N N 100 
GLU OE1  O N N 101 
GLU OE2  O N N 102 
GLU OXT  O N N 103 
GLU H    H N N 104 
GLU H2   H N N 105 
GLU HA   H N N 106 
GLU HB2  H N N 107 
GLU HB3  H N N 108 
GLU HG2  H N N 109 
GLU HG3  H N N 110 
GLU HE2  H N N 111 
GLU HXT  H N N 112 
GLY N    N N N 113 
GLY CA   C N N 114 
GLY C    C N N 115 
GLY O    O N N 116 
GLY OXT  O N N 117 
GLY H    H N N 118 
GLY H2   H N N 119 
GLY HA2  H N N 120 
GLY HA3  H N N 121 
GLY HXT  H N N 122 
HIS N    N N N 123 
HIS CA   C N S 124 
HIS C    C N N 125 
HIS O    O N N 126 
HIS CB   C N N 127 
HIS CG   C Y N 128 
HIS ND1  N Y N 129 
HIS CD2  C Y N 130 
HIS CE1  C Y N 131 
HIS NE2  N Y N 132 
HIS OXT  O N N 133 
HIS H    H N N 134 
HIS H2   H N N 135 
HIS HA   H N N 136 
HIS HB2  H N N 137 
HIS HB3  H N N 138 
HIS HD1  H N N 139 
HIS HD2  H N N 140 
HIS HE1  H N N 141 
HIS HE2  H N N 142 
HIS HXT  H N N 143 
HOH O    O N N 144 
HOH H1   H N N 145 
HOH H2   H N N 146 
ILE N    N N N 147 
ILE CA   C N S 148 
ILE C    C N N 149 
ILE O    O N N 150 
ILE CB   C N S 151 
ILE CG1  C N N 152 
ILE CG2  C N N 153 
ILE CD1  C N N 154 
ILE OXT  O N N 155 
ILE H    H N N 156 
ILE H2   H N N 157 
ILE HA   H N N 158 
ILE HB   H N N 159 
ILE HG12 H N N 160 
ILE HG13 H N N 161 
ILE HG21 H N N 162 
ILE HG22 H N N 163 
ILE HG23 H N N 164 
ILE HD11 H N N 165 
ILE HD12 H N N 166 
ILE HD13 H N N 167 
ILE HXT  H N N 168 
LEU N    N N N 169 
LEU CA   C N S 170 
LEU C    C N N 171 
LEU O    O N N 172 
LEU CB   C N N 173 
LEU CG   C N N 174 
LEU CD1  C N N 175 
LEU CD2  C N N 176 
LEU OXT  O N N 177 
LEU H    H N N 178 
LEU H2   H N N 179 
LEU HA   H N N 180 
LEU HB2  H N N 181 
LEU HB3  H N N 182 
LEU HG   H N N 183 
LEU HD11 H N N 184 
LEU HD12 H N N 185 
LEU HD13 H N N 186 
LEU HD21 H N N 187 
LEU HD22 H N N 188 
LEU HD23 H N N 189 
LEU HXT  H N N 190 
LYS N    N N N 191 
LYS CA   C N S 192 
LYS C    C N N 193 
LYS O    O N N 194 
LYS CB   C N N 195 
LYS CG   C N N 196 
LYS CD   C N N 197 
LYS CE   C N N 198 
LYS NZ   N N N 199 
LYS OXT  O N N 200 
LYS H    H N N 201 
LYS H2   H N N 202 
LYS HA   H N N 203 
LYS HB2  H N N 204 
LYS HB3  H N N 205 
LYS HG2  H N N 206 
LYS HG3  H N N 207 
LYS HD2  H N N 208 
LYS HD3  H N N 209 
LYS HE2  H N N 210 
LYS HE3  H N N 211 
LYS HZ1  H N N 212 
LYS HZ2  H N N 213 
LYS HZ3  H N N 214 
LYS HXT  H N N 215 
MET N    N N N 216 
MET CA   C N S 217 
MET C    C N N 218 
MET O    O N N 219 
MET CB   C N N 220 
MET CG   C N N 221 
MET SD   S N N 222 
MET CE   C N N 223 
MET OXT  O N N 224 
MET H    H N N 225 
MET H2   H N N 226 
MET HA   H N N 227 
MET HB2  H N N 228 
MET HB3  H N N 229 
MET HG2  H N N 230 
MET HG3  H N N 231 
MET HE1  H N N 232 
MET HE2  H N N 233 
MET HE3  H N N 234 
MET HXT  H N N 235 
PHE N    N N N 236 
PHE CA   C N S 237 
PHE C    C N N 238 
PHE O    O N N 239 
PHE CB   C N N 240 
PHE CG   C Y N 241 
PHE CD1  C Y N 242 
PHE CD2  C Y N 243 
PHE CE1  C Y N 244 
PHE CE2  C Y N 245 
PHE CZ   C Y N 246 
PHE OXT  O N N 247 
PHE H    H N N 248 
PHE H2   H N N 249 
PHE HA   H N N 250 
PHE HB2  H N N 251 
PHE HB3  H N N 252 
PHE HD1  H N N 253 
PHE HD2  H N N 254 
PHE HE1  H N N 255 
PHE HE2  H N N 256 
PHE HZ   H N N 257 
PHE HXT  H N N 258 
PRO N    N N N 259 
PRO CA   C N S 260 
PRO C    C N N 261 
PRO O    O N N 262 
PRO CB   C N N 263 
PRO CG   C N N 264 
PRO CD   C N N 265 
PRO OXT  O N N 266 
PRO H    H N N 267 
PRO HA   H N N 268 
PRO HB2  H N N 269 
PRO HB3  H N N 270 
PRO HG2  H N N 271 
PRO HG3  H N N 272 
PRO HD2  H N N 273 
PRO HD3  H N N 274 
PRO HXT  H N N 275 
SER N    N N N 276 
SER CA   C N S 277 
SER C    C N N 278 
SER O    O N N 279 
SER CB   C N N 280 
SER OG   O N N 281 
SER OXT  O N N 282 
SER H    H N N 283 
SER H2   H N N 284 
SER HA   H N N 285 
SER HB2  H N N 286 
SER HB3  H N N 287 
SER HG   H N N 288 
SER HXT  H N N 289 
SO4 S    S N N 290 
SO4 O1   O N N 291 
SO4 O2   O N N 292 
SO4 O3   O N N 293 
SO4 O4   O N N 294 
THR N    N N N 295 
THR CA   C N S 296 
THR C    C N N 297 
THR O    O N N 298 
THR CB   C N R 299 
THR OG1  O N N 300 
THR CG2  C N N 301 
THR OXT  O N N 302 
THR H    H N N 303 
THR H2   H N N 304 
THR HA   H N N 305 
THR HB   H N N 306 
THR HG1  H N N 307 
THR HG21 H N N 308 
THR HG22 H N N 309 
THR HG23 H N N 310 
THR HXT  H N N 311 
TYR N    N N N 312 
TYR CA   C N S 313 
TYR C    C N N 314 
TYR O    O N N 315 
TYR CB   C N N 316 
TYR CG   C Y N 317 
TYR CD1  C Y N 318 
TYR CD2  C Y N 319 
TYR CE1  C Y N 320 
TYR CE2  C Y N 321 
TYR CZ   C Y N 322 
TYR OH   O N N 323 
TYR OXT  O N N 324 
TYR H    H N N 325 
TYR H2   H N N 326 
TYR HA   H N N 327 
TYR HB2  H N N 328 
TYR HB3  H N N 329 
TYR HD1  H N N 330 
TYR HD2  H N N 331 
TYR HE1  H N N 332 
TYR HE2  H N N 333 
TYR HH   H N N 334 
TYR HXT  H N N 335 
VAL N    N N N 336 
VAL CA   C N S 337 
VAL C    C N N 338 
VAL O    O N N 339 
VAL CB   C N N 340 
VAL CG1  C N N 341 
VAL CG2  C N N 342 
VAL OXT  O N N 343 
VAL H    H N N 344 
VAL H2   H N N 345 
VAL HA   H N N 346 
VAL HB   H N N 347 
VAL HG11 H N N 348 
VAL HG12 H N N 349 
VAL HG13 H N N 350 
VAL HG21 H N N 351 
VAL HG22 H N N 352 
VAL HG23 H N N 353 
VAL HXT  H N N 354 
# 
loop_
_chem_comp_bond.comp_id 
_chem_comp_bond.atom_id_1 
_chem_comp_bond.atom_id_2 
_chem_comp_bond.value_order 
_chem_comp_bond.pdbx_aromatic_flag 
_chem_comp_bond.pdbx_stereo_config 
_chem_comp_bond.pdbx_ordinal 
ALA N   CA   sing N N 1   
ALA N   H    sing N N 2   
ALA N   H2   sing N N 3   
ALA CA  C    sing N N 4   
ALA CA  CB   sing N N 5   
ALA CA  HA   sing N N 6   
ALA C   O    doub N N 7   
ALA C   OXT  sing N N 8   
ALA CB  HB1  sing N N 9   
ALA CB  HB2  sing N N 10  
ALA CB  HB3  sing N N 11  
ALA OXT HXT  sing N N 12  
ARG N   CA   sing N N 13  
ARG N   H    sing N N 14  
ARG N   H2   sing N N 15  
ARG CA  C    sing N N 16  
ARG CA  CB   sing N N 17  
ARG CA  HA   sing N N 18  
ARG C   O    doub N N 19  
ARG C   OXT  sing N N 20  
ARG CB  CG   sing N N 21  
ARG CB  HB2  sing N N 22  
ARG CB  HB3  sing N N 23  
ARG CG  CD   sing N N 24  
ARG CG  HG2  sing N N 25  
ARG CG  HG3  sing N N 26  
ARG CD  NE   sing N N 27  
ARG CD  HD2  sing N N 28  
ARG CD  HD3  sing N N 29  
ARG NE  CZ   sing N N 30  
ARG NE  HE   sing N N 31  
ARG CZ  NH1  sing N N 32  
ARG CZ  NH2  doub N N 33  
ARG NH1 HH11 sing N N 34  
ARG NH1 HH12 sing N N 35  
ARG NH2 HH21 sing N N 36  
ARG NH2 HH22 sing N N 37  
ARG OXT HXT  sing N N 38  
ASN N   CA   sing N N 39  
ASN N   H    sing N N 40  
ASN N   H2   sing N N 41  
ASN CA  C    sing N N 42  
ASN CA  CB   sing N N 43  
ASN CA  HA   sing N N 44  
ASN C   O    doub N N 45  
ASN C   OXT  sing N N 46  
ASN CB  CG   sing N N 47  
ASN CB  HB2  sing N N 48  
ASN CB  HB3  sing N N 49  
ASN CG  OD1  doub N N 50  
ASN CG  ND2  sing N N 51  
ASN ND2 HD21 sing N N 52  
ASN ND2 HD22 sing N N 53  
ASN OXT HXT  sing N N 54  
ASP N   CA   sing N N 55  
ASP N   H    sing N N 56  
ASP N   H2   sing N N 57  
ASP CA  C    sing N N 58  
ASP CA  CB   sing N N 59  
ASP CA  HA   sing N N 60  
ASP C   O    doub N N 61  
ASP C   OXT  sing N N 62  
ASP CB  CG   sing N N 63  
ASP CB  HB2  sing N N 64  
ASP CB  HB3  sing N N 65  
ASP CG  OD1  doub N N 66  
ASP CG  OD2  sing N N 67  
ASP OD2 HD2  sing N N 68  
ASP OXT HXT  sing N N 69  
GLN N   CA   sing N N 70  
GLN N   H    sing N N 71  
GLN N   H2   sing N N 72  
GLN CA  C    sing N N 73  
GLN CA  CB   sing N N 74  
GLN CA  HA   sing N N 75  
GLN C   O    doub N N 76  
GLN C   OXT  sing N N 77  
GLN CB  CG   sing N N 78  
GLN CB  HB2  sing N N 79  
GLN CB  HB3  sing N N 80  
GLN CG  CD   sing N N 81  
GLN CG  HG2  sing N N 82  
GLN CG  HG3  sing N N 83  
GLN CD  OE1  doub N N 84  
GLN CD  NE2  sing N N 85  
GLN NE2 HE21 sing N N 86  
GLN NE2 HE22 sing N N 87  
GLN OXT HXT  sing N N 88  
GLU N   CA   sing N N 89  
GLU N   H    sing N N 90  
GLU N   H2   sing N N 91  
GLU CA  C    sing N N 92  
GLU CA  CB   sing N N 93  
GLU CA  HA   sing N N 94  
GLU C   O    doub N N 95  
GLU C   OXT  sing N N 96  
GLU CB  CG   sing N N 97  
GLU CB  HB2  sing N N 98  
GLU CB  HB3  sing N N 99  
GLU CG  CD   sing N N 100 
GLU CG  HG2  sing N N 101 
GLU CG  HG3  sing N N 102 
GLU CD  OE1  doub N N 103 
GLU CD  OE2  sing N N 104 
GLU OE2 HE2  sing N N 105 
GLU OXT HXT  sing N N 106 
GLY N   CA   sing N N 107 
GLY N   H    sing N N 108 
GLY N   H2   sing N N 109 
GLY CA  C    sing N N 110 
GLY CA  HA2  sing N N 111 
GLY CA  HA3  sing N N 112 
GLY C   O    doub N N 113 
GLY C   OXT  sing N N 114 
GLY OXT HXT  sing N N 115 
HIS N   CA   sing N N 116 
HIS N   H    sing N N 117 
HIS N   H2   sing N N 118 
HIS CA  C    sing N N 119 
HIS CA  CB   sing N N 120 
HIS CA  HA   sing N N 121 
HIS C   O    doub N N 122 
HIS C   OXT  sing N N 123 
HIS CB  CG   sing N N 124 
HIS CB  HB2  sing N N 125 
HIS CB  HB3  sing N N 126 
HIS CG  ND1  sing Y N 127 
HIS CG  CD2  doub Y N 128 
HIS ND1 CE1  doub Y N 129 
HIS ND1 HD1  sing N N 130 
HIS CD2 NE2  sing Y N 131 
HIS CD2 HD2  sing N N 132 
HIS CE1 NE2  sing Y N 133 
HIS CE1 HE1  sing N N 134 
HIS NE2 HE2  sing N N 135 
HIS OXT HXT  sing N N 136 
HOH O   H1   sing N N 137 
HOH O   H2   sing N N 138 
ILE N   CA   sing N N 139 
ILE N   H    sing N N 140 
ILE N   H2   sing N N 141 
ILE CA  C    sing N N 142 
ILE CA  CB   sing N N 143 
ILE CA  HA   sing N N 144 
ILE C   O    doub N N 145 
ILE C   OXT  sing N N 146 
ILE CB  CG1  sing N N 147 
ILE CB  CG2  sing N N 148 
ILE CB  HB   sing N N 149 
ILE CG1 CD1  sing N N 150 
ILE CG1 HG12 sing N N 151 
ILE CG1 HG13 sing N N 152 
ILE CG2 HG21 sing N N 153 
ILE CG2 HG22 sing N N 154 
ILE CG2 HG23 sing N N 155 
ILE CD1 HD11 sing N N 156 
ILE CD1 HD12 sing N N 157 
ILE CD1 HD13 sing N N 158 
ILE OXT HXT  sing N N 159 
LEU N   CA   sing N N 160 
LEU N   H    sing N N 161 
LEU N   H2   sing N N 162 
LEU CA  C    sing N N 163 
LEU CA  CB   sing N N 164 
LEU CA  HA   sing N N 165 
LEU C   O    doub N N 166 
LEU C   OXT  sing N N 167 
LEU CB  CG   sing N N 168 
LEU CB  HB2  sing N N 169 
LEU CB  HB3  sing N N 170 
LEU CG  CD1  sing N N 171 
LEU CG  CD2  sing N N 172 
LEU CG  HG   sing N N 173 
LEU CD1 HD11 sing N N 174 
LEU CD1 HD12 sing N N 175 
LEU CD1 HD13 sing N N 176 
LEU CD2 HD21 sing N N 177 
LEU CD2 HD22 sing N N 178 
LEU CD2 HD23 sing N N 179 
LEU OXT HXT  sing N N 180 
LYS N   CA   sing N N 181 
LYS N   H    sing N N 182 
LYS N   H2   sing N N 183 
LYS CA  C    sing N N 184 
LYS CA  CB   sing N N 185 
LYS CA  HA   sing N N 186 
LYS C   O    doub N N 187 
LYS C   OXT  sing N N 188 
LYS CB  CG   sing N N 189 
LYS CB  HB2  sing N N 190 
LYS CB  HB3  sing N N 191 
LYS CG  CD   sing N N 192 
LYS CG  HG2  sing N N 193 
LYS CG  HG3  sing N N 194 
LYS CD  CE   sing N N 195 
LYS CD  HD2  sing N N 196 
LYS CD  HD3  sing N N 197 
LYS CE  NZ   sing N N 198 
LYS CE  HE2  sing N N 199 
LYS CE  HE3  sing N N 200 
LYS NZ  HZ1  sing N N 201 
LYS NZ  HZ2  sing N N 202 
LYS NZ  HZ3  sing N N 203 
LYS OXT HXT  sing N N 204 
MET N   CA   sing N N 205 
MET N   H    sing N N 206 
MET N   H2   sing N N 207 
MET CA  C    sing N N 208 
MET CA  CB   sing N N 209 
MET CA  HA   sing N N 210 
MET C   O    doub N N 211 
MET C   OXT  sing N N 212 
MET CB  CG   sing N N 213 
MET CB  HB2  sing N N 214 
MET CB  HB3  sing N N 215 
MET CG  SD   sing N N 216 
MET CG  HG2  sing N N 217 
MET CG  HG3  sing N N 218 
MET SD  CE   sing N N 219 
MET CE  HE1  sing N N 220 
MET CE  HE2  sing N N 221 
MET CE  HE3  sing N N 222 
MET OXT HXT  sing N N 223 
PHE N   CA   sing N N 224 
PHE N   H    sing N N 225 
PHE N   H2   sing N N 226 
PHE CA  C    sing N N 227 
PHE CA  CB   sing N N 228 
PHE CA  HA   sing N N 229 
PHE C   O    doub N N 230 
PHE C   OXT  sing N N 231 
PHE CB  CG   sing N N 232 
PHE CB  HB2  sing N N 233 
PHE CB  HB3  sing N N 234 
PHE CG  CD1  doub Y N 235 
PHE CG  CD2  sing Y N 236 
PHE CD1 CE1  sing Y N 237 
PHE CD1 HD1  sing N N 238 
PHE CD2 CE2  doub Y N 239 
PHE CD2 HD2  sing N N 240 
PHE CE1 CZ   doub Y N 241 
PHE CE1 HE1  sing N N 242 
PHE CE2 CZ   sing Y N 243 
PHE CE2 HE2  sing N N 244 
PHE CZ  HZ   sing N N 245 
PHE OXT HXT  sing N N 246 
PRO N   CA   sing N N 247 
PRO N   CD   sing N N 248 
PRO N   H    sing N N 249 
PRO CA  C    sing N N 250 
PRO CA  CB   sing N N 251 
PRO CA  HA   sing N N 252 
PRO C   O    doub N N 253 
PRO C   OXT  sing N N 254 
PRO CB  CG   sing N N 255 
PRO CB  HB2  sing N N 256 
PRO CB  HB3  sing N N 257 
PRO CG  CD   sing N N 258 
PRO CG  HG2  sing N N 259 
PRO CG  HG3  sing N N 260 
PRO CD  HD2  sing N N 261 
PRO CD  HD3  sing N N 262 
PRO OXT HXT  sing N N 263 
SER N   CA   sing N N 264 
SER N   H    sing N N 265 
SER N   H2   sing N N 266 
SER CA  C    sing N N 267 
SER CA  CB   sing N N 268 
SER CA  HA   sing N N 269 
SER C   O    doub N N 270 
SER C   OXT  sing N N 271 
SER CB  OG   sing N N 272 
SER CB  HB2  sing N N 273 
SER CB  HB3  sing N N 274 
SER OG  HG   sing N N 275 
SER OXT HXT  sing N N 276 
SO4 S   O1   doub N N 277 
SO4 S   O2   doub N N 278 
SO4 S   O3   sing N N 279 
SO4 S   O4   sing N N 280 
THR N   CA   sing N N 281 
THR N   H    sing N N 282 
THR N   H2   sing N N 283 
THR CA  C    sing N N 284 
THR CA  CB   sing N N 285 
THR CA  HA   sing N N 286 
THR C   O    doub N N 287 
THR C   OXT  sing N N 288 
THR CB  OG1  sing N N 289 
THR CB  CG2  sing N N 290 
THR CB  HB   sing N N 291 
THR OG1 HG1  sing N N 292 
THR CG2 HG21 sing N N 293 
THR CG2 HG22 sing N N 294 
THR CG2 HG23 sing N N 295 
THR OXT HXT  sing N N 296 
TYR N   CA   sing N N 297 
TYR N   H    sing N N 298 
TYR N   H2   sing N N 299 
TYR CA  C    sing N N 300 
TYR CA  CB   sing N N 301 
TYR CA  HA   sing N N 302 
TYR C   O    doub N N 303 
TYR C   OXT  sing N N 304 
TYR CB  CG   sing N N 305 
TYR CB  HB2  sing N N 306 
TYR CB  HB3  sing N N 307 
TYR CG  CD1  doub Y N 308 
TYR CG  CD2  sing Y N 309 
TYR CD1 CE1  sing Y N 310 
TYR CD1 HD1  sing N N 311 
TYR CD2 CE2  doub Y N 312 
TYR CD2 HD2  sing N N 313 
TYR CE1 CZ   doub Y N 314 
TYR CE1 HE1  sing N N 315 
TYR CE2 CZ   sing Y N 316 
TYR CE2 HE2  sing N N 317 
TYR CZ  OH   sing N N 318 
TYR OH  HH   sing N N 319 
TYR OXT HXT  sing N N 320 
VAL N   CA   sing N N 321 
VAL N   H    sing N N 322 
VAL N   H2   sing N N 323 
VAL CA  C    sing N N 324 
VAL CA  CB   sing N N 325 
VAL CA  HA   sing N N 326 
VAL C   O    doub N N 327 
VAL C   OXT  sing N N 328 
VAL CB  CG1  sing N N 329 
VAL CB  CG2  sing N N 330 
VAL CB  HB   sing N N 331 
VAL CG1 HG11 sing N N 332 
VAL CG1 HG12 sing N N 333 
VAL CG1 HG13 sing N N 334 
VAL CG2 HG21 sing N N 335 
VAL CG2 HG22 sing N N 336 
VAL CG2 HG23 sing N N 337 
VAL OXT HXT  sing N N 338 
# 
_pdbx_audit_support.funding_organization   'Natural Sciences and Engineering Research Council (NSERC, Canada)' 
_pdbx_audit_support.country                Canada 
_pdbx_audit_support.grant_number           RGPIN-2020-05682 
_pdbx_audit_support.ordinal                1 
# 
_pdbx_initial_refinement_model.id               1 
_pdbx_initial_refinement_model.entity_id_list   ? 
_pdbx_initial_refinement_model.type             'experimental model' 
_pdbx_initial_refinement_model.source_name      PDB 
_pdbx_initial_refinement_model.accession_code   1UBQ 
_pdbx_initial_refinement_model.details          ? 
# 
_space_group.name_H-M_alt     'I 4 2 2' 
_space_group.name_Hall        'I 4 2' 
_space_group.IT_number        97 
_space_group.crystal_system   tetragonal 
_space_group.id               1 
# 
_atom_sites.entry_id                    9CSF 
_atom_sites.Cartn_transf_matrix[1][1]   ? 
_atom_sites.Cartn_transf_matrix[1][2]   ? 
_atom_sites.Cartn_transf_matrix[1][3]   ? 
_atom_sites.Cartn_transf_matrix[2][1]   ? 
_atom_sites.Cartn_transf_matrix[2][2]   ? 
_atom_sites.Cartn_transf_matrix[2][3]   ? 
_atom_sites.Cartn_transf_matrix[3][1]   ? 
_atom_sites.Cartn_transf_matrix[3][2]   ? 
_atom_sites.Cartn_transf_matrix[3][3]   ? 
_atom_sites.Cartn_transf_vector[1]      ? 
_atom_sites.Cartn_transf_vector[2]      ? 
_atom_sites.Cartn_transf_vector[3]      ? 
_atom_sites.Cartn_transform_axes        ? 
_atom_sites.fract_transf_matrix[1][1]   0.01100415 
_atom_sites.fract_transf_matrix[1][2]   0.00107806 
_atom_sites.fract_transf_matrix[1][3]   0.00722846 
_atom_sites.fract_transf_matrix[2][1]   -0.00041993 
_atom_sites.fract_transf_matrix[2][2]   0.01313717 
_atom_sites.fract_transf_matrix[2][3]   -0.00132001 
_atom_sites.fract_transf_matrix[3][1]   -0.00454571 
_atom_sites.fract_transf_matrix[3][2]   0.00054190 
_atom_sites.fract_transf_matrix[3][3]   0.00683928 
_atom_sites.fract_transf_vector[1]      0.073807 
_atom_sites.fract_transf_vector[2]      0.182662 
_atom_sites.fract_transf_vector[3]      0.236229 
_atom_sites.solution_primary            ? 
_atom_sites.solution_secondary          ? 
_atom_sites.solution_hydrogens          ? 
_atom_sites.special_details             ? 
# 
loop_
_atom_type.symbol 
_atom_type.scat_dispersion_real 
_atom_type.scat_dispersion_imag 
_atom_type.scat_Cromer_Mann_a1 
_atom_type.scat_Cromer_Mann_a2 
_atom_type.scat_Cromer_Mann_a3 
_atom_type.scat_Cromer_Mann_a4 
_atom_type.scat_Cromer_Mann_b1 
_atom_type.scat_Cromer_Mann_b2 
_atom_type.scat_Cromer_Mann_b3 
_atom_type.scat_Cromer_Mann_b4 
_atom_type.scat_Cromer_Mann_c 
_atom_type.scat_source 
_atom_type.scat_dispersion_source 
C ? ? 3.54356 2.42580 ? ? 25.62398 1.50364  ? ? 0.0 
;2-Gaussian fit: Grosse-Kunstleve RW, Sauter NK, Adams PD: Newsletter of the IUCr Commission on Crystallographic Computing 2004, 3, 22-31.
;
? 
N ? ? 4.01032 2.96436 ? ? 19.97189 1.75589  ? ? 0.0 
;2-Gaussian fit: Grosse-Kunstleve RW, Sauter NK, Adams PD: Newsletter of the IUCr Commission on Crystallographic Computing 2004, 3, 22-31.
;
? 
O ? ? 4.49882 3.47563 ? ? 15.80542 1.70748  ? ? 0.0 
;2-Gaussian fit: Grosse-Kunstleve RW, Sauter NK, Adams PD: Newsletter of the IUCr Commission on Crystallographic Computing 2004, 3, 22-31.
;
? 
S ? ? 9.55732 6.39887 ? ? 1.23737  29.19336 ? ? 0.0 
;2-Gaussian fit: Grosse-Kunstleve RW, Sauter NK, Adams PD: Newsletter of the IUCr Commission on Crystallographic Computing 2004, 3, 22-31.
;
? 
# 
loop_
_atom_site.group_PDB 
_atom_site.id 
_atom_site.type_symbol 
_atom_site.label_atom_id 
_atom_site.label_alt_id 
_atom_site.label_comp_id 
_atom_site.label_asym_id 
_atom_site.label_entity_id 
_atom_site.label_seq_id 
_atom_site.pdbx_PDB_ins_code 
_atom_site.Cartn_x 
_atom_site.Cartn_y 
_atom_site.Cartn_z 
_atom_site.occupancy 
_atom_site.B_iso_or_equiv 
_atom_site.pdbx_formal_charge 
_atom_site.auth_seq_id 
_atom_site.auth_comp_id 
_atom_site.auth_asym_id 
_atom_site.auth_atom_id 
_atom_site.pdbx_PDB_model_num 
ATOM   1    N N   . LYS A 1 27  ? 18.17534  7.79457   -14.78754 1.000 45.81000 ? 0   LYS A N   1 
ATOM   2    C CA  . LYS A 1 27  ? 18.14785  7.55240   -16.22822 1.000 43.27000 ? 0   LYS A CA  1 
ATOM   3    C C   . LYS A 1 27  ? 16.87902  6.81104   -16.68791 1.000 45.76000 ? 0   LYS A C   1 
ATOM   4    O O   . LYS A 1 27  ? 16.38282  7.08395   -17.77697 1.000 36.58000 ? 0   LYS A O   1 
ATOM   5    C CB  . LYS A 1 27  ? 19.40475  6.78153   -16.65422 1.000 45.52000 ? 0   LYS A CB  1 
ATOM   6    C CG  . LYS A 1 27  ? 19.68826  6.83275   -18.14610 1.000 41.76000 ? 0   LYS A CG  1 
ATOM   7    C CD  . LYS A 1 27  ? 21.15826  7.12615   -18.45583 1.000 57.00000 ? 0   LYS A CD  1 
ATOM   8    C CE  . LYS A 1 27  ? 21.52444  8.56920   -18.12102 1.000 48.03000 ? 0   LYS A CE  1 
ATOM   9    N NZ  . LYS A 1 27  ? 21.02608  9.52061   -19.16179 1.000 47.47000 ? 0   LYS A NZ  1 
ATOM   10   N N   . MET A 1 28  ? 16.35851  5.87531   -15.88754 1.000 33.16000 ? 1   MET A N   1 
ATOM   11   C CA  . MET A 1 28  ? 15.07833  5.24102   -16.18876 1.000 31.95000 ? 1   MET A CA  1 
ATOM   12   C C   . MET A 1 28  ? 14.31058  4.95854   -14.90294 1.000 34.28000 ? 1   MET A C   1 
ATOM   13   O O   . MET A 1 28  ? 14.89511  4.65668   -13.85996 1.000 28.08000 ? 1   MET A O   1 
ATOM   14   C CB  . MET A 1 28  ? 15.21816  3.90397   -16.94053 1.000 28.97000 ? 1   MET A CB  1 
ATOM   15   C CG  . MET A 1 28  ? 16.26211  2.96523   -16.35760 1.000 27.31000 ? 1   MET A CG  1 
ATOM   16   S SD  . MET A 1 28  ? 16.34068  1.37943   -17.20378 1.000 41.73000 ? 1   MET A SD  1 
ATOM   17   C CE  . MET A 1 28  ? 16.72775  0.30356   -15.82519 1.000 31.84000 ? 1   MET A CE  1 
ATOM   18   N N   . GLN A 1 29  ? 12.98776  5.03023   -14.99964 1.000 29.47000 ? 2   GLN A N   1 
ATOM   19   C CA  . GLN A 1 29  ? 12.11403  4.59504   -13.91896 1.000 28.32000 ? 2   GLN A CA  1 
ATOM   20   C C   . GLN A 1 29  ? 11.94609  3.07612   -13.92106 1.000 23.80000 ? 2   GLN A C   1 
ATOM   21   O O   . GLN A 1 29  ? 11.69555  2.47002   -14.96974 1.000 27.53000 ? 2   GLN A O   1 
ATOM   22   C CB  . GLN A 1 29  ? 10.74549  5.25658   -14.06511 1.000 32.42000 ? 2   GLN A CB  1 
ATOM   23   C CG  . GLN A 1 29  ? 9.77197   4.90006   -12.97034 1.000 34.90000 ? 2   GLN A CG  1 
ATOM   24   C CD  . GLN A 1 29  ? 8.45259   5.61134   -13.12747 1.000 45.26000 ? 2   GLN A CD  1 
ATOM   25   O OE1 . GLN A 1 29  ? 8.29462   6.75297   -12.69357 1.000 46.49000 ? 2   GLN A OE1 1 
ATOM   26   N NE2 . GLN A 1 29  ? 7.49653   4.94955   -13.77546 1.000 32.31000 ? 2   GLN A NE2 1 
ATOM   27   N N   . ILE A 1 30  ? 12.05956  2.45908   -12.74262 1.000 25.38000 ? 3   ILE A N   1 
ATOM   28   C CA  . ILE A 1 30  ? 11.62414  1.08103   -12.54859 1.000 21.51000 ? 3   ILE A CA  1 
ATOM   29   C C   . ILE A 1 30  ? 10.66636  1.04351   -11.36637 1.000 20.63000 ? 3   ILE A C   1 
ATOM   30   O O   . ILE A 1 30  ? 10.60380  1.96422   -10.54951 1.000 26.20000 ? 3   ILE A O   1 
ATOM   31   C CB  . ILE A 1 30  ? 12.78759  0.08104   -12.32302 1.000 25.63000 ? 3   ILE A CB  1 
ATOM   32   C CG1 . ILE A 1 30  ? 13.51601  0.37273   -11.00280 1.000 19.82000 ? 3   ILE A CG1 1 
ATOM   33   C CG2 . ILE A 1 30  ? 13.72940  0.09433   -13.52117 1.000 20.71000 ? 3   ILE A CG2 1 
ATOM   34   C CD1 . ILE A 1 30  ? 14.56516  -0.67524  -10.59790 1.000 21.39000 ? 3   ILE A CD1 1 
ATOM   35   N N   . LEU A 1 31  ? 9.89646   -0.03644  -11.30154 1.000 18.60000 ? 4   LEU A N   1 
ATOM   36   C CA  . LEU A 1 31  ? 8.88478   -0.21526  -10.27752 1.000 23.00000 ? 4   LEU A CA  1 
ATOM   37   C C   . LEU A 1 31  ? 9.22202   -1.46165  -9.47929  1.000 21.15000 ? 4   LEU A C   1 
ATOM   38   O O   . LEU A 1 31  ? 9.55122   -2.50547  -10.05502 1.000 25.55000 ? 4   LEU A O   1 
ATOM   39   C CB  . LEU A 1 31  ? 7.49214   -0.32279  -10.90460 1.000 21.56000 ? 4   LEU A CB  1 
ATOM   40   C CG  . LEU A 1 31  ? 7.17490   0.83335   -11.85687 1.000 28.04000 ? 4   LEU A CG  1 
ATOM   41   C CD1 . LEU A 1 31  ? 5.95916   0.52209   -12.70643 1.000 32.35000 ? 4   LEU A CD1 1 
ATOM   42   C CD2 . LEU A 1 31  ? 6.95720   2.11992   -11.07224 1.000 31.65000 ? 4   LEU A CD2 1 
ATOM   43   N N   . VAL A 1 32  ? 9.15774   -1.35051  -8.16262  1.000 24.40000 ? 5   VAL A N   1 
ATOM   44   C CA  . VAL A 1 32  ? 9.36637   -2.48911  -7.28153  1.000 21.68000 ? 5   VAL A CA  1 
ATOM   45   C C   . VAL A 1 32  ? 8.04410   -2.75050  -6.58013  1.000 17.92000 ? 5   VAL A C   1 
ATOM   46   O O   . VAL A 1 32  ? 7.61436   -1.96223  -5.72367  1.000 22.69000 ? 5   VAL A O   1 
ATOM   47   C CB  . VAL A 1 32  ? 10.49298  -2.23631  -6.27479  1.000 21.62000 ? 5   VAL A CB  1 
ATOM   48   C CG1 . VAL A 1 32  ? 10.69990  -3.47704  -5.42886  1.000 18.62000 ? 5   VAL A CG1 1 
ATOM   49   C CG2 . VAL A 1 32  ? 11.76884  -1.83649  -7.00476  1.000 19.93000 ? 5   VAL A CG2 1 
ATOM   50   N N   . ARG A 1 33  ? 7.37597   -3.83064  -6.96990  1.000 18.52000 ? 6   ARG A N   1 
ATOM   51   C CA  . ARG A 1 33  ? 6.13507   -4.20870  -6.31468  1.000 18.82000 ? 6   ARG A CA  1 
ATOM   52   C C   . ARG A 1 33  ? 6.43508   -4.75445  -4.92646  1.000 21.62000 ? 6   ARG A C   1 
ATOM   53   O O   . ARG A 1 33  ? 7.34269   -5.57002  -4.75558  1.000 20.73000 ? 6   ARG A O   1 
ATOM   54   C CB  . ARG A 1 33  ? 5.38639   -5.25120  -7.14484  1.000 17.37000 ? 6   ARG A CB  1 
ATOM   55   C CG  . ARG A 1 33  ? 3.99084   -5.57415  -6.64250  1.000 26.71000 ? 6   ARG A CG  1 
ATOM   56   C CD  . ARG A 1 33  ? 3.28637   -6.50362  -7.66282  1.000 31.67000 ? 6   ARG A CD  1 
ATOM   57   N NE  . ARG A 1 33  ? 1.83712   -6.54545  -7.48799  1.000 51.44000 ? 6   ARG A NE  1 
ATOM   58   C CZ  . ARG A 1 33  ? 0.95987   -6.70271  -8.47375  1.000 43.22000 ? 6   ARG A CZ  1 
ATOM   59   N NH1 . ARG A 1 33  ? 1.34119   -6.76594  -9.74474  1.000 37.60000 ? 6   ARG A NH1 1 
ATOM   60   N NH2 . ARG A 1 33  ? -0.33547  -6.78201  -8.18042  1.000 43.33000 ? 6   ARG A NH2 1 
ATOM   61   N N   . THR A 1 34  ? 5.67779   -4.30108  -3.93626  1.000 21.90000 ? 7   THR A N   1 
ATOM   62   C CA  . THR A 1 34  ? 5.89231   -4.67890  -2.55077  1.000 25.65000 ? 7   THR A CA  1 
ATOM   63   C C   . THR A 1 34  ? 4.68605   -5.44067  -2.02262  1.000 30.05000 ? 7   THR A C   1 
ATOM   64   O O   . THR A 1 34  ? 3.58419   -5.35864  -2.58699  1.000 25.69000 ? 7   THR A O   1 
ATOM   65   C CB  . THR A 1 34  ? 6.14113   -3.44714  -1.66953  1.000 27.98000 ? 7   THR A CB  1 
ATOM   66   O OG1 . THR A 1 34  ? 4.87808   -2.87669  -1.28469  1.000 25.73000 ? 7   THR A OG1 1 
ATOM   67   C CG2 . THR A 1 34  ? 6.96548   -2.41276  -2.41536  1.000 26.49000 ? 7   THR A CG2 1 
ATOM   68   N N   . PRO A 1 35  ? 4.87268   -6.23549  -0.96559  1.000 28.72000 ? 8   PRO A N   1 
ATOM   69   C CA  . PRO A 1 35  ? 3.73112   -6.89797  -0.32048  1.000 30.55000 ? 8   PRO A CA  1 
ATOM   70   C C   . PRO A 1 35  ? 3.13372   -6.08367  0.81839   1.000 23.78000 ? 8   PRO A C   1 
ATOM   71   O O   . PRO A 1 35  ? 2.43408   -6.63372  1.67129   1.000 26.06000 ? 8   PRO A O   1 
ATOM   72   C CB  . PRO A 1 35  ? 4.34840   -8.20633  0.19226   1.000 32.29000 ? 8   PRO A CB  1 
ATOM   73   C CG  . PRO A 1 35  ? 5.75095   -7.80610  0.56689   1.000 29.86000 ? 8   PRO A CG  1 
ATOM   74   C CD  . PRO A 1 35  ? 6.15661   -6.65749  -0.37000  1.000 29.86000 ? 8   PRO A CD  1 
ATOM   75   N N   . PHE A 1 36  ? 3.43214   -4.79104  0.89867   1.000 24.02000 ? 9   PHE A N   1 
ATOM   76   C CA  . PHE A 1 36  ? 3.07173   -4.04552  2.09821   1.000 28.00000 ? 9   PHE A CA  1 
ATOM   77   C C   . PHE A 1 36  ? 1.62158   -3.58971  2.03205   1.000 30.42000 ? 9   PHE A C   1 
ATOM   78   O O   . PHE A 1 36  ? 1.12386   -3.19205  0.97421   1.000 26.58000 ? 9   PHE A O   1 
ATOM   79   C CB  . PHE A 1 36  ? 4.02585   -2.87291  2.29650   1.000 32.62000 ? 9   PHE A CB  1 
ATOM   80   C CG  . PHE A 1 36  ? 5.46834   -3.29345  2.23565   1.000 35.54000 ? 9   PHE A CG  1 
ATOM   81   C CD1 . PHE A 1 36  ? 5.83973   -4.56044  2.67795   1.000 37.61000 ? 9   PHE A CD1 1 
ATOM   82   C CD2 . PHE A 1 36  ? 6.42525   -2.49576  1.63399   1.000 41.30000 ? 9   PHE A CD2 1 
ATOM   83   C CE1 . PHE A 1 36  ? 7.14838   -4.98989  2.60104   1.000 58.50000 ? 9   PHE A CE1 1 
ATOM   84   C CE2 . PHE A 1 36  ? 7.74910   -2.91287  1.56501   1.000 37.32000 ? 9   PHE A CE2 1 
ATOM   85   C CZ  . PHE A 1 36  ? 8.10430   -4.16215  2.03846   1.000 38.92000 ? 9   PHE A CZ  1 
ATOM   86   N N   . VAL A 1 37  ? 0.94134   -3.67160  3.17484   1.000 27.20000 ? 10  VAL A N   1 
ATOM   87   C CA  . VAL A 1 37  ? -0.49063  -3.39595  3.26139   1.000 24.65000 ? 10  VAL A CA  1 
ATOM   88   C C   . VAL A 1 37  ? -0.68130  -1.93271  3.62400   1.000 31.58000 ? 10  VAL A C   1 
ATOM   89   O O   . VAL A 1 37  ? -0.04995  -1.42901  4.56327   1.000 25.36000 ? 10  VAL A O   1 
ATOM   90   C CB  . VAL A 1 37  ? -1.16268  -4.31541  4.29186   1.000 27.50000 ? 10  VAL A CB  1 
ATOM   91   C CG1 . VAL A 1 37  ? -2.62911  -3.96323  4.45052   1.000 26.52000 ? 10  VAL A CG1 1 
ATOM   92   C CG2 . VAL A 1 37  ? -0.99203  -5.78413  3.89110   1.000 25.08000 ? 10  VAL A CG2 1 
ATOM   93   N N   . GLN A 1 38  ? -1.54244  -1.24296  2.87666   1.000 22.97000 ? 11  GLN A N   1 
ATOM   94   C CA  . GLN A 1 38  ? -1.80458  0.16953   3.12720   1.000 33.37000 ? 11  GLN A CA  1 
ATOM   95   C C   . GLN A 1 38  ? -3.03851  0.31675   4.00416   1.000 29.23000 ? 11  GLN A C   1 
ATOM   96   O O   . GLN A 1 38  ? -4.09303  -0.24946  3.69831   1.000 28.34000 ? 11  GLN A O   1 
ATOM   97   C CB  . GLN A 1 38  ? -1.99750  0.95248   1.82385   1.000 34.36000 ? 11  GLN A CB  1 
ATOM   98   C CG  . GLN A 1 38  ? -0.71015  1.36751   1.10151   1.000 63.70000 ? 11  GLN A CG  1 
ATOM   99   C CD  . GLN A 1 38  ? -0.37447  0.48334   -0.08905  1.000 70.43000 ? 11  GLN A CD  1 
ATOM   100  O OE1 . GLN A 1 38  ? 0.13647   -0.63062  0.07047   1.000 56.40000 ? 11  GLN A OE1 1 
ATOM   101  N NE2 . GLN A 1 38  ? -0.66304  0.98016   -1.29732  1.000 41.24000 ? 11  GLN A NE2 1 
ATOM   102  N N   . PHE A 1 39  ? -2.89819  1.07292   5.09043   1.000 25.92000 ? 12  PHE A N   1 
ATOM   103  C CA  . PHE A 1 39  ? -4.01507  1.43917   5.94841   1.000 31.47000 ? 12  PHE A CA  1 
ATOM   104  C C   . PHE A 1 39  ? -4.25704  2.93756   5.82649   1.000 41.01000 ? 12  PHE A C   1 
ATOM   105  O O   . PHE A 1 39  ? -3.30765  3.72586   5.80421   1.000 39.92000 ? 12  PHE A O   1 
ATOM   106  C CB  . PHE A 1 39  ? -3.73842  1.08536   7.41300   1.000 33.30000 ? 12  PHE A CB  1 
ATOM   107  C CG  . PHE A 1 39  ? -3.89679  -0.37817  7.73897   1.000 34.15000 ? 12  PHE A CG  1 
ATOM   108  C CD1 . PHE A 1 39  ? -2.87981  -1.27706  7.45606   1.000 30.09000 ? 12  PHE A CD1 1 
ATOM   109  C CD2 . PHE A 1 39  ? -5.05562  -0.85308  8.33488   1.000 29.91000 ? 12  PHE A CD2 1 
ATOM   110  C CE1 . PHE A 1 39  ? -3.00983  -2.62174  7.76499   1.000 24.79000 ? 12  PHE A CE1 1 
ATOM   111  C CE2 . PHE A 1 39  ? -5.19220  -2.19193  8.64379   1.000 30.75000 ? 12  PHE A CE2 1 
ATOM   112  C CZ  . PHE A 1 39  ? -4.17364  -3.08030  8.35509   1.000 32.26000 ? 12  PHE A CZ  1 
ATOM   113  N N   . ILE A 1 40  ? -5.52031  3.32903   5.72118   1.000 33.43000 ? 13  ILE A N   1 
ATOM   114  C CA  . ILE A 1 40  ? -5.89924  4.73020   5.86611   1.000 35.11000 ? 13  ILE A CA  1 
ATOM   115  C C   . ILE A 1 40  ? -6.24502  4.96853   7.32736   1.000 36.83000 ? 13  ILE A C   1 
ATOM   116  O O   . ILE A 1 40  ? -7.11019  4.29226   7.89734   1.000 36.09000 ? 13  ILE A O   1 
ATOM   117  C CB  . ILE A 1 40  ? -7.07049  5.11167   4.95152   1.000 34.85000 ? 13  ILE A CB  1 
ATOM   118  C CG1 . ILE A 1 40  ? -6.72646  4.84886   3.48744   1.000 35.33000 ? 13  ILE A CG1 1 
ATOM   119  C CG2 . ILE A 1 40  ? -7.44070  6.57874   5.13915   1.000 37.09000 ? 13  ILE A CG2 1 
ATOM   120  C CD1 . ILE A 1 40  ? -7.94562  4.77119   2.59183   1.000 36.83000 ? 13  ILE A CD1 1 
ATOM   121  N N   . THR A 1 41  ? -5.55843  5.91688   7.94080   1.000 37.24000 ? 14  THR A N   1 
ATOM   122  C CA  . THR A 1 41  ? -5.77993  6.25899   9.33443   1.000 37.24000 ? 14  THR A CA  1 
ATOM   123  C C   . THR A 1 41  ? -6.66620  7.49581   9.38622   1.000 37.17000 ? 14  THR A C   1 
ATOM   124  O O   . THR A 1 41  ? -6.34857  8.51899   8.77019   1.000 40.41000 ? 14  THR A O   1 
ATOM   125  C CB  . THR A 1 41  ? -4.44797  6.50110   10.03928  1.000 46.38000 ? 14  THR A CB  1 
ATOM   126  O OG1 . THR A 1 41  ? -3.48191  5.56789   9.54114   1.000 52.66000 ? 14  THR A OG1 1 
ATOM   127  C CG2 . THR A 1 41  ? -4.60501  6.29086   11.51952  1.000 47.70000 ? 14  THR A CG2 1 
ATOM   128  N N   . LEU A 1 42  ? -7.78219  7.39164   10.09555  1.000 36.46000 ? 15  LEU A N   1 
ATOM   129  C CA  . LEU A 1 42  ? -8.76305  8.46206   10.16264  1.000 35.18000 ? 15  LEU A CA  1 
ATOM   130  C C   . LEU A 1 42  ? -9.00734  8.84229   11.61271  1.000 36.96000 ? 15  LEU A C   1 
ATOM   131  O O   . LEU A 1 42  ? -9.02039  7.97794   12.50162  1.000 36.96000 ? 15  LEU A O   1 
ATOM   132  C CB  . LEU A 1 42  ? -10.08974 8.04498   9.51607   1.000 41.14000 ? 15  LEU A CB  1 
ATOM   133  C CG  . LEU A 1 42  ? -10.08290 7.60652   8.05238   1.000 35.95000 ? 15  LEU A CG  1 
ATOM   134  C CD1 . LEU A 1 42  ? -11.50306 7.26960   7.61290   1.000 28.03000 ? 15  LEU A CD1 1 
ATOM   135  C CD2 . LEU A 1 42  ? -9.49364  8.68935   7.17294   1.000 36.89000 ? 15  LEU A CD2 1 
ATOM   136  N N   . GLU A 1 43  ? -9.20341  10.13534  11.84443  1.000 39.79000 ? 16  GLU A N   1 
ATOM   137  C CA  . GLU A 1 43  ? -9.63646  10.63957  13.13756  1.000 40.59000 ? 16  GLU A CA  1 
ATOM   138  C C   . GLU A 1 43  ? -11.12652 10.93608  13.02982  1.000 41.80000 ? 16  GLU A C   1 
ATOM   139  O O   . GLU A 1 43  ? -11.54479 11.73134  12.18099  1.000 44.11000 ? 16  GLU A O   1 
ATOM   140  C CB  . GLU A 1 43  ? -8.84660  11.88362  13.53870  1.000 46.14000 ? 16  GLU A CB  1 
ATOM   141  C CG  . GLU A 1 43  ? -7.52975  11.56180  14.23005  1.000 47.53000 ? 16  GLU A CG  1 
ATOM   142  C CD  . GLU A 1 43  ? -7.73007  10.91349  15.58748  1.000 47.02000 ? 16  GLU A CD  1 
ATOM   143  O OE1 . GLU A 1 43  ? -8.60597  11.37489  16.35500  1.000 52.15000 ? 16  GLU A OE1 1 
ATOM   144  O OE2 . GLU A 1 43  ? -7.01210  9.93861   15.88440  1.000 48.36000 ? 16  GLU A OE2 1 
ATOM   145  N N   . VAL A 1 44  ? -11.92558 10.28009  13.87077  1.000 34.58000 ? 17  VAL A N   1 
ATOM   146  C CA  . VAL A 1 44  ? -13.37051 10.24228  13.70399  1.000 41.89000 ? 17  VAL A CA  1 
ATOM   147  C C   . VAL A 1 44  ? -14.02691 10.40464  15.06829  1.000 43.60000 ? 17  VAL A C   1 
ATOM   148  O O   . VAL A 1 44  ? -13.38765 10.27769  16.11333  1.000 45.13000 ? 17  VAL A O   1 
ATOM   149  C CB  . VAL A 1 44  ? -13.83521 8.92588   13.03975  1.000 35.46000 ? 17  VAL A CB  1 
ATOM   150  C CG1 . VAL A 1 44  ? -13.45402 8.91670   11.55621  1.000 31.66000 ? 17  VAL A CG1 1 
ATOM   151  C CG2 . VAL A 1 44  ? -13.25158 7.72960   13.76793  1.000 37.45000 ? 17  VAL A CG2 1 
ATOM   152  N N   . GLU A 1 45  ? -15.32610 10.67314  15.04149  1.000 41.68000 ? 18  GLU A N   1 
ATOM   153  C CA  . GLU A 1 45  ? -16.17128 10.73287  16.21505  1.000 43.96000 ? 18  GLU A CA  1 
ATOM   154  C C   . GLU A 1 45  ? -17.18460 9.59293   16.18059  1.000 42.34000 ? 18  GLU A C   1 
ATOM   155  O O   . GLU A 1 45  ? -17.56119 9.13336   15.09910  1.000 39.75000 ? 18  GLU A O   1 
ATOM   156  C CB  . GLU A 1 45  ? -16.91129 12.07674  16.27495  1.000 49.30000 ? 18  GLU A CB  1 
ATOM   157  C CG  . GLU A 1 45  ? -16.05999 13.22440  16.79796  1.000 56.82000 ? 18  GLU A CG  1 
ATOM   158  C CD  . GLU A 1 45  ? -16.82522 14.14155  17.73290  1.000 74.38000 ? 18  GLU A CD  1 
ATOM   159  O OE1 . GLU A 1 45  ? -17.79075 14.78715  17.26985  1.000 78.06000 ? 18  GLU A OE1 1 
ATOM   160  O OE2 . GLU A 1 45  ? -16.45972 14.21510  18.92906  1.000 71.72000 ? 18  GLU A OE2 1 
ATOM   161  N N   . PRO A 1 46  ? -17.64535 9.10710   17.33641  1.000 44.66000 ? 19  PRO A N   1 
ATOM   162  C CA  . PRO A 1 46  ? -18.67130 8.05360   17.31559  1.000 43.43000 ? 19  PRO A CA  1 
ATOM   163  C C   . PRO A 1 46  ? -19.94521 8.47121   16.60306  1.000 40.22000 ? 19  PRO A C   1 
ATOM   164  O O   . PRO A 1 46  ? -20.66261 7.61040   16.08013  1.000 38.93000 ? 19  PRO A O   1 
ATOM   165  C CB  . PRO A 1 46  ? -18.91865 7.78724   18.80643  1.000 46.88000 ? 19  PRO A CB  1 
ATOM   166  C CG  . PRO A 1 46  ? -17.61012 8.11839   19.44414  1.000 45.11000 ? 19  PRO A CG  1 
ATOM   167  C CD  . PRO A 1 46  ? -17.13579 9.34171   18.69859  1.000 46.11000 ? 19  PRO A CD  1 
ATOM   168  N N   . SER A 1 47  ? -20.23533 9.77547   16.55598  1.000 37.35000 ? 20  SER A N   1 
ATOM   169  C CA  . SER A 1 47  ? -21.42980 10.29979  15.90946  1.000 39.06000 ? 20  SER A CA  1 
ATOM   170  C C   . SER A 1 47  ? -21.27700 10.45522  14.40548  1.000 40.59000 ? 20  SER A C   1 
ATOM   171  O O   . SER A 1 47  ? -22.27070 10.73955  13.72851  1.000 38.54000 ? 20  SER A O   1 
ATOM   172  C CB  . SER A 1 47  ? -21.79538 11.65885  16.51184  1.000 37.19000 ? 20  SER A CB  1 
ATOM   173  O OG  . SER A 1 47  ? -20.67924 12.53330  16.47323  1.000 42.98000 ? 20  SER A OG  1 
ATOM   174  N N   . ASP A 1 48  ? -20.06571 10.30462  13.87234  1.000 36.14000 ? 21  ASP A N   1 
ATOM   175  C CA  . ASP A 1 48  ? -19.87632 10.39305  12.43048  1.000 36.62000 ? 21  ASP A CA  1 
ATOM   176  C C   . ASP A 1 48  ? -20.65636 9.27975   11.74633  1.000 30.96000 ? 21  ASP A C   1 
ATOM   177  O O   . ASP A 1 48  ? -20.67329 8.13520   12.20963  1.000 30.33000 ? 21  ASP A O   1 
ATOM   178  C CB  . ASP A 1 48  ? -18.38877 10.29425  12.06482  1.000 33.21000 ? 21  ASP A CB  1 
ATOM   179  C CG  . ASP A 1 48  ? -17.61015 11.56464  12.39142  1.000 44.16000 ? 21  ASP A CG  1 
ATOM   180  O OD1 . ASP A 1 48  ? -18.23439 12.59407  12.72767  1.000 42.54000 ? 21  ASP A OD1 1 
ATOM   181  O OD2 . ASP A 1 48  ? -16.36158 11.52808  12.31084  1.000 42.75000 ? 21  ASP A OD2 1 
ATOM   182  N N   . THR A 1 49  ? -21.31924 9.61871   10.64714  1.000 26.83000 ? 22  THR A N   1 
ATOM   183  C CA  . THR A 1 49  ? -21.99087 8.58934   9.87317   1.000 27.66000 ? 22  THR A CA  1 
ATOM   184  C C   . THR A 1 49  ? -20.99724 7.87894   8.96174   1.000 20.81000 ? 22  THR A C   1 
ATOM   185  O O   . THR A 1 49  ? -19.88791 8.35798   8.71286   1.000 25.29000 ? 22  THR A O   1 
ATOM   186  C CB  . THR A 1 49  ? -23.10012 9.18065   9.01565   1.000 27.84000 ? 22  THR A CB  1 
ATOM   187  O OG1 . THR A 1 49  ? -22.52578 10.14410  8.12372   1.000 26.16000 ? 22  THR A OG1 1 
ATOM   188  C CG2 . THR A 1 49  ? -24.17797 9.83672   9.89345   1.000 31.91000 ? 22  THR A CG2 1 
ATOM   189  N N   . ILE A 1 50  ? -21.42387 6.72084   8.44986   1.000 26.37000 ? 23  ILE A N   1 
ATOM   190  C CA  . ILE A 1 50  ? -20.61747 6.00288   7.46273   1.000 21.97000 ? 23  ILE A CA  1 
ATOM   191  C C   . ILE A 1 50  ? -20.42633 6.86795   6.22402   1.000 22.62000 ? 23  ILE A C   1 
ATOM   192  O O   . ILE A 1 50  ? -19.35058 6.88452   5.61643   1.000 24.92000 ? 23  ILE A O   1 
ATOM   193  C CB  . ILE A 1 50  ? -21.27789 4.65227   7.13079   1.000 21.89000 ? 23  ILE A CB  1 
ATOM   194  C CG1 . ILE A 1 50  ? -21.38920 3.80532   8.40427   1.000 26.50000 ? 23  ILE A CG1 1 
ATOM   195  C CG2 . ILE A 1 50  ? -20.50500 3.90950   6.01746   1.000 24.72000 ? 23  ILE A CG2 1 
ATOM   196  C CD1 . ILE A 1 50  ? -20.10896 3.74250   9.21323   1.000 29.93000 ? 23  ILE A CD1 1 
ATOM   197  N N   . GLU A 1 51  ? -21.45883 7.63023   5.85281   1.000 22.87000 ? 24  GLU A N   1 
ATOM   198  C CA  . GLU A 1 51  ? -21.30776 8.60830   4.78069   1.000 24.55000 ? 24  GLU A CA  1 
ATOM   199  C C   . GLU A 1 51  ? -20.19060 9.60769   5.07459   1.000 23.48000 ? 24  GLU A C   1 
ATOM   200  O O   . GLU A 1 51  ? -19.41110 9.94866   4.17701   1.000 25.57000 ? 24  GLU A O   1 
ATOM   201  C CB  . GLU A 1 51  ? -22.64131 9.32284   4.54048   1.000 28.59000 ? 24  GLU A CB  1 
ATOM   202  C CG  . GLU A 1 51  ? -22.59115 10.35140  3.42255   1.000 31.72000 ? 24  GLU A CG  1 
ATOM   203  C CD  . GLU A 1 51  ? -23.89745 11.12381  3.26928   1.000 45.70000 ? 24  GLU A CD  1 
ATOM   204  O OE1 . GLU A 1 51  ? -24.79970 10.97446  4.13146   1.000 32.21000 ? 24  GLU A OE1 1 
ATOM   205  O OE2 . GLU A 1 51  ? -24.00214 11.90608  2.30139   1.000 40.06000 ? 24  GLU A OE2 1 
ATOM   206  N N   . ASN A 1 52  ? -20.09674 10.09554  6.31730   1.000 26.81000 ? 25  ASN A N   1 
ATOM   207  C CA  A ASN A 1 52  ? -19.01358 11.01360  6.67327   0.630 29.10000 ? 25  ASN A CA  1 
ATOM   208  C CA  B ASN A 1 52  ? -19.01721 11.01943  6.65235   0.370 28.92000 ? 25  ASN A CA  1 
ATOM   209  C C   . ASN A 1 52  ? -17.65483 10.34032  6.54550   1.000 27.65000 ? 25  ASN A C   1 
ATOM   210  O O   . ASN A 1 52  ? -16.68423 10.95757  6.08516   1.000 25.79000 ? 25  ASN A O   1 
ATOM   211  C CB  A ASN A 1 52  ? -19.18707 11.53891  8.10356   0.630 32.34000 ? 25  ASN A CB  1 
ATOM   212  C CB  B ASN A 1 52  ? -19.22528 11.59809  8.05422   0.370 32.41000 ? 25  ASN A CB  1 
ATOM   213  C CG  A ASN A 1 52  ? -20.38636 12.45063  8.26187   0.630 32.36000 ? 25  ASN A CG  1 
ATOM   214  C CG  B ASN A 1 52  ? -17.99259 12.30998  8.58246   0.370 35.77000 ? 25  ASN A CG  1 
ATOM   215  O OD1 A ASN A 1 52  ? -21.00951 12.48912  9.32355   0.630 40.45000 ? 25  ASN A OD1 1 
ATOM   216  O OD1 B ASN A 1 52  ? -17.83788 13.51803  8.39704   0.370 37.76000 ? 25  ASN A OD1 1 
ATOM   217  N ND2 A ASN A 1 52  ? -20.70815 13.20366  7.21216   0.630 34.05000 ? 25  ASN A ND2 1 
ATOM   218  N ND2 B ASN A 1 52  ? -17.11928 11.57300  9.25620   0.370 36.31000 ? 25  ASN A ND2 1 
ATOM   219  N N   . VAL A 1 53  ? -17.55512 9.08059   6.97632   1.000 24.18000 ? 26  VAL A N   1 
ATOM   220  C CA  . VAL A 1 53  ? -16.27627 8.37843   6.88678   1.000 25.59000 ? 26  VAL A CA  1 
ATOM   221  C C   . VAL A 1 53  ? -15.85876 8.21634   5.43106   1.000 23.26000 ? 26  VAL A C   1 
ATOM   222  O O   . VAL A 1 53  ? -14.70045 8.45840   5.06986   1.000 25.31000 ? 26  VAL A O   1 
ATOM   223  C CB  . VAL A 1 53  ? -16.34584 7.02235   7.61343   1.000 25.05000 ? 26  VAL A CB  1 
ATOM   224  C CG1 . VAL A 1 53  ? -15.01550 6.28658   7.46330   1.000 29.16000 ? 26  VAL A CG1 1 
ATOM   225  C CG2 . VAL A 1 53  ? -16.68270 7.22577   9.08458   1.000 24.98000 ? 26  VAL A CG2 1 
ATOM   226  N N   . LYS A 1 54  ? -16.80111 7.82979   4.56581   1.000 21.39000 ? 27  LYS A N   1 
ATOM   227  C CA  . LYS A 1 54  ? -16.48608 7.66835   3.14904   1.000 22.67000 ? 27  LYS A CA  1 
ATOM   228  C C   . LYS A 1 54  ? -16.04967 8.98998   2.52332   1.000 27.42000 ? 27  LYS A C   1 
ATOM   229  O O   . LYS A 1 54  ? -15.18138 9.01581   1.64354   1.000 24.91000 ? 27  LYS A O   1 
ATOM   230  C CB  . LYS A 1 54  ? -17.69692 7.10535   2.40451   1.000 24.51000 ? 27  LYS A CB  1 
ATOM   231  C CG  . LYS A 1 54  ? -18.06498 5.67922   2.75902   1.000 20.83000 ? 27  LYS A CG  1 
ATOM   232  C CD  . LYS A 1 54  ? -19.10578 5.14622   1.77857   1.000 25.75000 ? 27  LYS A CD  1 
ATOM   233  C CE  . LYS A 1 54  ? -19.53305 3.72079   2.11895   1.000 26.51000 ? 27  LYS A CE  1 
ATOM   234  N NZ  . LYS A 1 54  ? -20.71934 3.31725   1.30229   1.000 25.38000 ? 27  LYS A NZ  1 
ATOM   235  N N   . ALA A 1 55  ? -16.65924 10.09796  2.94613   1.000 28.89000 ? 28  ALA A N   1 
ATOM   236  C CA  . ALA A 1 55  ? -16.23485 11.40045  2.44390   1.000 30.39000 ? 28  ALA A CA  1 
ATOM   237  C C   . ALA A 1 55  ? -14.78624 11.69460  2.81905   1.000 29.56000 ? 28  ALA A C   1 
ATOM   238  O O   . ALA A 1 55  ? -14.03315 12.26689  2.02036   1.000 30.46000 ? 28  ALA A O   1 
ATOM   239  C CB  . ALA A 1 55  ? -17.16127 12.49110  2.97518   1.000 31.71000 ? 28  ALA A CB  1 
ATOM   240  N N   . LYS A 1 56  ? -14.38552 11.32220  4.03906   1.000 28.51000 ? 29  LYS A N   1 
ATOM   241  C CA  . LYS A 1 56  ? -13.00473 11.51544  4.47218   1.000 32.31000 ? 29  LYS A CA  1 
ATOM   242  C C   . LYS A 1 56  ? -12.03604 10.68553  3.64030   1.000 34.52000 ? 29  LYS A C   1 
ATOM   243  O O   . LYS A 1 56  ? -10.96035 11.16931  3.25918   1.000 31.26000 ? 29  LYS A O   1 
ATOM   244  C CB  . LYS A 1 56  ? -12.87521 11.15738  5.95123   1.000 32.64000 ? 29  LYS A CB  1 
ATOM   245  C CG  . LYS A 1 56  ? -13.56840 12.13804  6.87486   1.000 35.44000 ? 29  LYS A CG  1 
ATOM   246  C CD  . LYS A 1 56  ? -13.33323 11.77060  8.33703   1.000 45.51000 ? 29  LYS A CD  1 
ATOM   247  C CE  . LYS A 1 56  ? -13.83713 12.85826  9.27451   1.000 49.32000 ? 29  LYS A CE  1 
ATOM   248  N NZ  . LYS A 1 56  ? -14.69922 13.85068  8.56754   1.000 55.80000 ? 29  LYS A NZ  1 
ATOM   249  N N   . ILE A 1 57  ? -12.39244 9.42725   3.35992   1.000 28.76000 ? 30  ILE A N   1 
ATOM   250  C CA  . ILE A 1 57  ? -11.57069 8.60159   2.47696   1.000 30.34000 ? 30  ILE A CA  1 
ATOM   251  C C   . ILE A 1 57  ? -11.45493 9.24433   1.10107   1.000 33.51000 ? 30  ILE A C   1 
ATOM   252  O O   . ILE A 1 57  ? -10.38544 9.22840   0.48227   1.000 33.94000 ? 30  ILE A O   1 
ATOM   253  C CB  . ILE A 1 57  ? -12.12688 7.16649   2.39187   1.000 25.68000 ? 30  ILE A CB  1 
ATOM   254  C CG1 . ILE A 1 57  ? -11.94007 6.43427   3.73167   1.000 24.34000 ? 30  ILE A CG1 1 
ATOM   255  C CG2 . ILE A 1 57  ? -11.49587 6.39881   1.22592   1.000 22.34000 ? 30  ILE A CG2 1 
ATOM   256  C CD1 . ILE A 1 57  ? -12.89630 5.26390   3.95658   1.000 21.16000 ? 30  ILE A CD1 1 
ATOM   257  N N   . GLN A 1 58  ? -12.54665 9.82777   0.59999   1.000 31.06000 ? 31  GLN A N   1 
ATOM   258  C CA  . GLN A 1 58  ? -12.47337 10.49422  -0.69650  1.000 30.08000 ? 31  GLN A CA  1 
ATOM   259  C C   . GLN A 1 58  ? -11.48823 11.65578  -0.66805  1.000 37.36000 ? 31  GLN A C   1 
ATOM   260  O O   . GLN A 1 58  ? -10.69025 11.82620  -1.59759  1.000 34.74000 ? 31  GLN A O   1 
ATOM   261  C CB  . GLN A 1 58  ? -13.84618 10.99375  -1.12266  1.000 26.16000 ? 31  GLN A CB  1 
ATOM   262  C CG  . GLN A 1 58  ? -13.82335 11.61949  -2.48796  1.000 32.10000 ? 31  GLN A CG  1 
ATOM   263  C CD  . GLN A 1 58  ? -15.20026 11.96574  -2.96726  1.000 31.36000 ? 31  GLN A CD  1 
ATOM   264  O OE1 . GLN A 1 58  ? -16.06497 12.34052  -2.17461  1.000 38.72000 ? 31  GLN A OE1 1 
ATOM   265  N NE2 . GLN A 1 58  ? -15.42668 11.82792  -4.26686  1.000 33.59000 ? 31  GLN A NE2 1 
ATOM   266  N N   . GLU A 1 59  ? -11.53587 12.47134  0.38847   1.000 37.06000 ? 32  GLU A N   1 
ATOM   267  C CA  . GLU A 1 59  ? -10.61611 13.59934  0.49405   1.000 40.97000 ? 32  GLU A CA  1 
ATOM   268  C C   . GLU A 1 59  ? -9.17029  13.12510  0.47817   1.000 42.63000 ? 32  GLU A C   1 
ATOM   269  O O   . GLU A 1 59  ? -8.30701  13.75465  -0.14592  1.000 46.18000 ? 32  GLU A O   1 
ATOM   270  C CB  . GLU A 1 59  ? -10.90026 14.37864  1.77531   1.000 43.46000 ? 32  GLU A CB  1 
ATOM   271  C CG  . GLU A 1 59  ? -12.28990 14.98540  1.86134   1.000 49.56000 ? 32  GLU A CG  1 
ATOM   272  C CD  . GLU A 1 59  ? -12.59941 15.51475  3.25505   1.000 70.99000 ? 32  GLU A CD  1 
ATOM   273  O OE1 . GLU A 1 59  ? -11.73577 16.21629  3.82763   1.000 86.79000 ? 32  GLU A OE1 1 
ATOM   274  O OE2 . GLU A 1 59  ? -13.69413 15.21334  3.78596   1.000 53.00000 ? 32  GLU A OE2 1 
ATOM   275  N N   . LYS A 1 60  ? -8.88846  12.01421  1.16145   1.000 40.05000 ? 33  LYS A N   1 
ATOM   276  C CA  . LYS A 1 60  ? -7.51959  11.52493  1.29055   1.000 42.79000 ? 33  LYS A CA  1 
ATOM   277  C C   . LYS A 1 60  ? -7.04248  10.79258  0.04479   1.000 44.19000 ? 33  LYS A C   1 
ATOM   278  O O   . LYS A 1 60  ? -5.85678  10.86306  -0.30146  1.000 43.96000 ? 33  LYS A O   1 
ATOM   279  C CB  . LYS A 1 60  ? -7.40765  10.61050  2.51199   1.000 41.35000 ? 33  LYS A CB  1 
ATOM   280  C CG  . LYS A 1 60  ? -7.61132  11.32074  3.85100   1.000 51.72000 ? 33  LYS A CG  1 
ATOM   281  C CD  . LYS A 1 60  ? -6.75327  10.68763  4.95280   1.000 48.18000 ? 33  LYS A CD  1 
ATOM   282  C CE  . LYS A 1 60  ? -5.51252  9.99824   4.38206   1.000 56.27000 ? 33  LYS A CE  1 
ATOM   283  N NZ  . LYS A 1 60  ? -4.44302  9.81964   5.40668   1.000 63.31000 ? 33  LYS A NZ  1 
ATOM   284  N N   . GLU A 1 61  ? -7.93749  10.07283  -0.62903  1.000 37.21000 ? 34  GLU A N   1 
ATOM   285  C CA  . GLU A 1 61  ? -7.50871  9.12825   -1.63981  1.000 40.74000 ? 34  GLU A CA  1 
ATOM   286  C C   . GLU A 1 61  ? -8.17200  9.31097   -2.99284  1.000 37.71000 ? 34  GLU A C   1 
ATOM   287  O O   . GLU A 1 61  ? -7.75004  8.66246   -3.95699  1.000 39.80000 ? 34  GLU A O   1 
ATOM   288  C CB  . GLU A 1 61  ? -7.74729  7.69258   -1.16117  1.000 42.65000 ? 34  GLU A CB  1 
ATOM   289  C CG  . GLU A 1 61  ? -7.14899  7.42317   0.19043   1.000 48.80000 ? 34  GLU A CG  1 
ATOM   290  C CD  . GLU A 1 61  ? -5.66221  7.33485   0.08936   1.000 57.66000 ? 34  GLU A CD  1 
ATOM   291  O OE1 . GLU A 1 61  ? -5.18060  7.11757   -1.03538  1.000 63.75000 ? 34  GLU A OE1 1 
ATOM   292  O OE2 . GLU A 1 61  ? -4.96488  7.63755   1.07879   1.000 67.01000 ? 34  GLU A OE2 1 
ATOM   293  N N   . GLY A 1 62  ? -9.15933  10.19185  -3.10876  1.000 35.38000 ? 35  GLY A N   1 
ATOM   294  C CA  . GLY A 1 62  ? -9.81503  10.38587  -4.38183  1.000 33.00000 ? 35  GLY A CA  1 
ATOM   295  C C   . GLY A 1 62  ? -10.64588 9.20799   -4.84193  1.000 33.25000 ? 35  GLY A C   1 
ATOM   296  O O   . GLY A 1 62  ? -10.82595 9.02472   -6.04815  1.000 36.71000 ? 35  GLY A O   1 
ATOM   297  N N   . ILE A 1 63  ? -11.15280 8.40067   -3.91876  1.000 34.10000 ? 36  ILE A N   1 
ATOM   298  C CA  . ILE A 1 63  ? -12.05788 7.30406   -4.24691  1.000 28.54000 ? 36  ILE A CA  1 
ATOM   299  C C   . ILE A 1 63  ? -13.46724 7.78600   -3.92583  1.000 24.78000 ? 36  ILE A C   1 
ATOM   300  O O   . ILE A 1 63  ? -13.74088 8.11266   -2.75936  1.000 25.85000 ? 36  ILE A O   1 
ATOM   301  C CB  . ILE A 1 63  ? -11.73886 6.04831   -3.43599  1.000 26.81000 ? 36  ILE A CB  1 
ATOM   302  C CG1 . ILE A 1 63  ? -10.58006 5.29531   -4.03330  1.000 37.38000 ? 36  ILE A CG1 1 
ATOM   303  C CG2 . ILE A 1 63  ? -12.85133 5.04969   -3.58364  1.000 28.37000 ? 36  ILE A CG2 1 
ATOM   304  C CD1 . ILE A 1 63  ? -9.84789  4.60371   -2.94314  1.000 42.29000 ? 36  ILE A CD1 1 
ATOM   305  N N   . PRO A 1 64  ? -14.37964 7.84008   -4.89874  1.000 28.56000 ? 37  PRO A N   1 
ATOM   306  C CA  . PRO A 1 64  ? -15.73099 8.33431   -4.60385  1.000 28.33000 ? 37  PRO A CA  1 
ATOM   307  C C   . PRO A 1 64  ? -16.46926 7.40077   -3.68246  1.000 24.66000 ? 37  PRO A C   1 
ATOM   308  O O   . PRO A 1 64  ? -16.21991 6.17842   -3.66776  1.000 21.43000 ? 37  PRO A O   1 
ATOM   309  C CB  . PRO A 1 64  ? -16.39017 8.39655   -5.99634  1.000 28.28000 ? 37  PRO A CB  1 
ATOM   310  C CG  . PRO A 1 64  ? -15.58824 7.47355   -6.85106  1.000 33.06000 ? 37  PRO A CG  1 
ATOM   311  C CD  . PRO A 1 64  ? -14.18674 7.51153   -6.31847  1.000 30.98000 ? 37  PRO A CD  1 
ATOM   312  N N   . PRO A 1 65  ? -17.42331 7.90756   -2.88863  1.000 26.32000 ? 38  PRO A N   1 
ATOM   313  C CA  . PRO A 1 65  ? -18.13540 7.03847   -1.93449  1.000 21.60000 ? 38  PRO A CA  1 
ATOM   314  C C   . PRO A 1 65  ? -18.86531 5.86620   -2.57101  1.000 19.58000 ? 38  PRO A C   1 
ATOM   315  O O   . PRO A 1 65  ? -18.96691 4.80634   -1.93846  1.000 24.06000 ? 38  PRO A O   1 
ATOM   316  C CB  . PRO A 1 65  ? -19.11542 8.00782   -1.25234  1.000 23.32000 ? 38  PRO A CB  1 
ATOM   317  C CG  . PRO A 1 65  ? -18.40992 9.34093   -1.33912  1.000 27.47000 ? 38  PRO A CG  1 
ATOM   318  C CD  . PRO A 1 65  ? -17.76112 9.33250   -2.70020  1.000 28.85000 ? 38  PRO A CD  1 
ATOM   319  N N   . ASP A 1 66  ? -19.39517 6.02154   -3.78866  1.000 21.94000 ? 39  ASP A N   1 
ATOM   320  C CA  . ASP A 1 66  ? -20.10110 4.92352   -4.43439  1.000 23.49000 ? 39  ASP A CA  1 
ATOM   321  C C   . ASP A 1 66  ? -19.16826 3.79262   -4.83787  1.000 22.89000 ? 39  ASP A C   1 
ATOM   322  O O   . ASP A 1 66  ? -19.64937 2.71662   -5.20595  1.000 22.04000 ? 39  ASP A O   1 
ATOM   323  C CB  . ASP A 1 66  ? -20.84260 5.42603   -5.67220  1.000 24.69000 ? 39  ASP A CB  1 
ATOM   324  C CG  . ASP A 1 66  ? -20.00351 6.37469   -6.49530  1.000 38.01000 ? 39  ASP A CG  1 
ATOM   325  O OD1 . ASP A 1 66  ? -19.85649 7.55445   -6.08914  1.000 39.97000 ? 39  ASP A OD1 1 
ATOM   326  O OD2 . ASP A 1 66  ? -19.51117 5.94171   -7.55852  1.000 37.68000 ? 39  ASP A OD2 1 
ATOM   327  N N   . GLN A 1 67  ? -17.85475 4.01691   -4.79488  1.000 21.93000 ? 40  GLN A N   1 
ATOM   328  C CA  . GLN A 1 67  ? -16.88029 2.97678   -5.08884  1.000 22.85000 ? 40  GLN A CA  1 
ATOM   329  C C   . GLN A 1 67  ? -16.32680 2.34219   -3.82473  1.000 21.37000 ? 40  GLN A C   1 
ATOM   330  O O   . GLN A 1 67  ? -15.41799 1.51304   -3.90949  1.000 22.24000 ? 40  GLN A O   1 
ATOM   331  C CB  . GLN A 1 67  ? -15.73993 3.54321   -5.93892  1.000 25.79000 ? 40  GLN A CB  1 
ATOM   332  C CG  . GLN A 1 67  ? -16.11379 3.70670   -7.39528  1.000 27.20000 ? 40  GLN A CG  1 
ATOM   333  C CD  . GLN A 1 67  ? -15.00396 4.31468   -8.21239  1.000 29.51000 ? 40  GLN A CD  1 
ATOM   334  O OE1 . GLN A 1 67  ? -13.87502 4.46808   -7.73532  1.000 28.32000 ? 40  GLN A OE1 1 
ATOM   335  N NE2 . GLN A 1 67  ? -15.31925 4.68514   -9.44887  1.000 29.81000 ? 40  GLN A NE2 1 
ATOM   336  N N   . GLN A 1 68  ? -16.86188 2.70589   -2.65687  1.000 19.53000 ? 41  GLN A N   1 
ATOM   337  C CA  . GLN A 1 68  ? -16.38124 2.23154   -1.36604  1.000 20.66000 ? 41  GLN A CA  1 
ATOM   338  C C   . GLN A 1 68  ? -17.42864 1.33741   -0.71460  1.000 21.28000 ? 41  GLN A C   1 
ATOM   339  O O   . GLN A 1 68  ? -18.55062 1.78344   -0.46199  1.000 21.52000 ? 41  GLN A O   1 
ATOM   340  C CB  . GLN A 1 68  ? -16.08340 3.40481   -0.43194  1.000 19.84000 ? 41  GLN A CB  1 
ATOM   341  C CG  . GLN A 1 68  ? -14.99823 4.38129   -0.86625  1.000 21.49000 ? 41  GLN A CG  1 
ATOM   342  C CD  . GLN A 1 68  ? -14.84597 5.49585   0.15023   1.000 23.38000 ? 41  GLN A CD  1 
ATOM   343  O OE1 . GLN A 1 68  ? -14.92019 5.25910   1.36030   1.000 25.31000 ? 41  GLN A OE1 1 
ATOM   344  N NE2 . GLN A 1 68  ? -14.66595 6.71932   -0.33006  1.000 23.22000 ? 41  GLN A NE2 1 
ATOM   345  N N   . ARG A 1 69  ? -17.05789 0.09088   -0.41875  1.000 19.26000 ? 42  ARG A N   1 
ATOM   346  C CA  . ARG A 1 69  ? -17.75383 -0.70993  0.57923   1.000 19.10000 ? 42  ARG A CA  1 
ATOM   347  C C   . ARG A 1 69  ? -16.90163 -0.71297  1.83901   1.000 21.84000 ? 42  ARG A C   1 
ATOM   348  O O   . ARG A 1 69  ? -15.71878 -1.06490  1.78306   1.000 22.26000 ? 42  ARG A O   1 
ATOM   349  C CB  . ARG A 1 69  ? -17.95902 -2.15717  0.13154   1.000 23.36000 ? 42  ARG A CB  1 
ATOM   350  C CG  . ARG A 1 69  ? -18.69263 -2.36464  -1.14946  1.000 27.30000 ? 42  ARG A CG  1 
ATOM   351  C CD  . ARG A 1 69  ? -18.87293 -3.86219  -1.35522  1.000 24.45000 ? 42  ARG A CD  1 
ATOM   352  N NE  . ARG A 1 69  ? -19.35689 -4.14792  -2.69393  1.000 30.15000 ? 42  ARG A NE  1 
ATOM   353  C CZ  . ARG A 1 69  ? -20.63359 -4.14117  -3.04122  1.000 28.72000 ? 42  ARG A CZ  1 
ATOM   354  N NH1 . ARG A 1 69  ? -21.57947 -3.81122  -2.17863  1.000 27.55000 ? 42  ARG A NH1 1 
ATOM   355  N NH2 . ARG A 1 69  ? -20.96644 -4.46792  -4.28587  1.000 29.65000 ? 42  ARG A NH2 1 
ATOM   356  N N   . LEU A 1 70  ? -17.48656 -0.33258  2.96880   1.000 18.50000 ? 43  LEU A N   1 
ATOM   357  C CA  . LEU A 1 70  ? -16.81871 -0.49587  4.25352   1.000 24.99000 ? 43  LEU A CA  1 
ATOM   358  C C   . LEU A 1 70  ? -17.43980 -1.67929  4.98260   1.000 24.59000 ? 43  LEU A C   1 
ATOM   359  O O   . LEU A 1 70  ? -18.66370 -1.75235  5.13519   1.000 24.54000 ? 43  LEU A O   1 
ATOM   360  C CB  . LEU A 1 70  ? -16.91456 0.77295   5.09287   1.000 23.18000 ? 43  LEU A CB  1 
ATOM   361  C CG  . LEU A 1 70  ? -16.23859 1.95771   4.40979   1.000 21.45000 ? 43  LEU A CG  1 
ATOM   362  C CD1 . LEU A 1 70  ? -16.48020 3.23568   5.18643   1.000 26.71000 ? 43  LEU A CD1 1 
ATOM   363  C CD2 . LEU A 1 70  ? -14.73067 1.70572   4.24430   1.000 22.76000 ? 43  LEU A CD2 1 
ATOM   364  N N   . ILE A 1 71  ? -16.59936 -2.61630  5.40726   1.000 22.41000 ? 44  ILE A N   1 
ATOM   365  C CA  . ILE A 1 71  ? -17.05824 -3.86476  5.99780   1.000 22.46000 ? 44  ILE A CA  1 
ATOM   366  C C   . ILE A 1 71  ? -16.40444 -4.01608  7.36609   1.000 24.83000 ? 44  ILE A C   1 
ATOM   367  O O   . ILE A 1 71  ? -15.19029 -3.81862  7.50402   1.000 22.36000 ? 44  ILE A O   1 
ATOM   368  C CB  . ILE A 1 71  ? -16.73598 -5.05877  5.08038   1.000 24.80000 ? 44  ILE A CB  1 
ATOM   369  C CG1 . ILE A 1 71  ? -17.59212 -4.97655  3.80930   1.000 27.28000 ? 44  ILE A CG1 1 
ATOM   370  C CG2 . ILE A 1 71  ? -17.05128 -6.37150  5.77626   1.000 27.30000 ? 44  ILE A CG2 1 
ATOM   371  C CD1 . ILE A 1 71  ? -17.15180 -5.91515  2.71427   1.000 29.85000 ? 44  ILE A CD1 1 
ATOM   372  N N   . PHE A 1 72  ? -17.20857 -4.34751  8.37651   1.000 23.55000 ? 45  PHE A N   1 
ATOM   373  C CA  . PHE A 1 72  ? -16.68634 -4.55449  9.72314   1.000 21.97000 ? 45  PHE A CA  1 
ATOM   374  C C   . PHE A 1 72  ? -17.53599 -5.59254  10.44040  1.000 29.04000 ? 45  PHE A C   1 
ATOM   375  O O   . PHE A 1 72  ? -18.76629 -5.50226  10.41937  1.000 24.35000 ? 45  PHE A O   1 
ATOM   376  C CB  . PHE A 1 72  ? -16.67151 -3.24647  10.52705  1.000 21.98000 ? 45  PHE A CB  1 
ATOM   377  C CG  . PHE A 1 72  ? -16.02088 -3.38869  11.87688  1.000 30.79000 ? 45  PHE A CG  1 
ATOM   378  C CD1 . PHE A 1 72  ? -14.66058 -3.62730  11.98163  1.000 35.33000 ? 45  PHE A CD1 1 
ATOM   379  C CD2 . PHE A 1 72  ? -16.77396 -3.32115  13.03883  1.000 38.05000 ? 45  PHE A CD2 1 
ATOM   380  C CE1 . PHE A 1 72  ? -14.05935 -3.77992  13.22363  1.000 35.47000 ? 45  PHE A CE1 1 
ATOM   381  C CE2 . PHE A 1 72  ? -16.18059 -3.47131  14.27782  1.000 42.13000 ? 45  PHE A CE2 1 
ATOM   382  C CZ  . PHE A 1 72  ? -14.82556 -3.70317  14.37131  1.000 31.09000 ? 45  PHE A CZ  1 
ATOM   383  N N   . ALA A 1 73  ? -16.88151 -6.57173  11.06490  1.000 28.80000 ? 46  ALA A N   1 
ATOM   384  C CA  . ALA A 1 73  ? -17.57288 -7.60088  11.85055  1.000 33.29000 ? 46  ALA A CA  1 
ATOM   385  C C   . ALA A 1 73  ? -18.62497 -8.33954  11.01848  1.000 28.35000 ? 46  ALA A C   1 
ATOM   386  O O   . ALA A 1 73  ? -19.73813 -8.60538  11.47896  1.000 32.38000 ? 46  ALA A O   1 
ATOM   387  C CB  . ALA A 1 73  ? -18.20046 -6.99677  13.10876  1.000 35.23000 ? 46  ALA A CB  1 
ATOM   388  N N   . GLY A 1 74  ? -18.28413 -8.65601  9.77194   1.000 30.50000 ? 47  GLY A N   1 
ATOM   389  C CA  . GLY A 1 74  ? -19.18997 -9.40671  8.92370   1.000 31.95000 ? 47  GLY A CA  1 
ATOM   390  C C   . GLY A 1 74  ? -20.40245 -8.65439  8.42043   1.000 32.81000 ? 47  GLY A C   1 
ATOM   391  O O   . GLY A 1 74  ? -21.37076 -9.28717  7.97499   1.000 31.72000 ? 47  GLY A O   1 
ATOM   392  N N   . LYS A 1 75  ? -20.38469 -7.31967  8.46847   1.000 29.87000 ? 48  LYS A N   1 
ATOM   393  C CA  . LYS A 1 75  ? -21.49467 -6.50429  7.98982   1.000 31.35000 ? 48  LYS A CA  1 
ATOM   394  C C   . LYS A 1 75  ? -20.96826 -5.42683  7.05700   1.000 25.53000 ? 48  LYS A C   1 
ATOM   395  O O   . LYS A 1 75  ? -19.90369 -4.84752  7.29990   1.000 24.89000 ? 48  LYS A O   1 
ATOM   396  C CB  . LYS A 1 75  ? -22.25733 -5.80675  9.14001   1.000 32.09000 ? 48  LYS A CB  1 
ATOM   397  C CG  . LYS A 1 75  ? -22.84067 -6.71645  10.20942  1.000 44.37000 ? 48  LYS A CG  1 
ATOM   398  C CD  . LYS A 1 75  ? -24.34979 -6.53306  10.32300  1.000 50.86000 ? 48  LYS A CD  1 
ATOM   399  C CE  . LYS A 1 75  ? -24.84894 -6.84598  11.73079  1.000 55.13000 ? 48  LYS A CE  1 
ATOM   400  N NZ  . LYS A 1 75  ? -24.29656 -8.12529  12.26307  1.000 55.62000 ? 48  LYS A NZ  1 
ATOM   401  N N   . GLN A 1 76  ? -21.72674 -5.13632  6.00640   1.000 22.92000 ? 49  GLN A N   1 
ATOM   402  C CA  . GLN A 1 76  ? -21.45791 -3.94161  5.22160   1.000 23.07000 ? 49  GLN A CA  1 
ATOM   403  C C   . GLN A 1 76  ? -22.08596 -2.73594  5.91199   1.000 27.30000 ? 49  GLN A C   1 
ATOM   404  O O   . GLN A 1 76  ? -23.28312 -2.74059  6.21652   1.000 27.38000 ? 49  GLN A O   1 
ATOM   405  C CB  . GLN A 1 76  ? -22.00774 -4.07059  3.80263   1.000 22.77000 ? 49  GLN A CB  1 
ATOM   406  C CG  . GLN A 1 76  ? -21.86396 -2.75739  3.00595   1.000 27.57000 ? 49  GLN A CG  1 
ATOM   407  C CD  . GLN A 1 76  ? -22.34023 -2.87303  1.56621   1.000 38.01000 ? 49  GLN A CD  1 
ATOM   408  O OE1 . GLN A 1 76  ? -21.57455 -3.23944  0.67819   1.000 33.12000 ? 49  GLN A OE1 1 
ATOM   409  N NE2 . GLN A 1 76  ? -23.59979 -2.54411  1.32752   1.000 27.86000 ? 49  GLN A NE2 1 
ATOM   410  N N   . LEU A 1 77  ? -21.28342 -1.70377  6.15182   1.000 21.31000 ? 50  LEU A N   1 
ATOM   411  C CA  . LEU A 1 77  ? -21.75351 -0.57074  6.93971   1.000 24.95000 ? 50  LEU A CA  1 
ATOM   412  C C   . LEU A 1 77  ? -22.61754 0.35961   6.08595   1.000 26.34000 ? 50  LEU A C   1 
ATOM   413  O O   . LEU A 1 77  ? -22.27574 0.66788   4.94216   1.000 23.56000 ? 50  LEU A O   1 
ATOM   414  C CB  . LEU A 1 77  ? -20.56941 0.18271   7.54669   1.000 22.79000 ? 50  LEU A CB  1 
ATOM   415  C CG  . LEU A 1 77  ? -19.57652 -0.71901  8.28407   1.000 26.38000 ? 50  LEU A CG  1 
ATOM   416  C CD1 . LEU A 1 77  ? -18.44943 0.11784   8.88866   1.000 25.64000 ? 50  LEU A CD1 1 
ATOM   417  C CD2 . LEU A 1 77  ? -20.26713 -1.59907  9.34241   1.000 24.10000 ? 50  LEU A CD2 1 
ATOM   418  N N   . GLU A 1 78  ? -23.74863 0.79804   6.64597   1.000 27.96000 ? 51  GLU A N   1 
ATOM   419  C CA  . GLU A 1 78  ? -24.73268 1.58694   5.91378   1.000 31.52000 ? 51  GLU A CA  1 
ATOM   420  C C   . GLU A 1 78  ? -24.45331 3.08064   6.04970   1.000 24.16000 ? 51  GLU A C   1 
ATOM   421  O O   . GLU A 1 78  ? -24.19281 3.57371   7.15125   1.000 28.46000 ? 51  GLU A O   1 
ATOM   422  C CB  . GLU A 1 78  ? -26.13999 1.29628   6.43101   1.000 33.75000 ? 51  GLU A CB  1 
ATOM   423  C CG  . GLU A 1 78  ? -26.73064 -0.01077  5.96992   1.000 41.16000 ? 51  GLU A CG  1 
ATOM   424  C CD  . GLU A 1 78  ? -28.14973 -0.20050  6.48457   1.000 67.55000 ? 51  GLU A CD  1 
ATOM   425  O OE1 . GLU A 1 78  ? -28.84818 0.81921   6.69765   1.000 63.22000 ? 51  GLU A OE1 1 
ATOM   426  O OE2 . GLU A 1 78  ? -28.56547 -1.36553  6.68082   1.000 60.07000 ? 51  GLU A OE2 1 
ATOM   427  N N   . ASP A 1 79  ? -24.58866 3.80433   4.92889   1.000 21.23000 ? 52  ASP A N   1 
ATOM   428  C CA  . ASP A 1 79  ? -24.20236 5.21555   4.87047   1.000 26.30000 ? 52  ASP A CA  1 
ATOM   429  C C   . ASP A 1 79  ? -24.85342 6.04466   5.97369   1.000 28.15000 ? 52  ASP A C   1 
ATOM   430  O O   . ASP A 1 79  ? -24.21865 6.93897   6.54615   1.000 26.90000 ? 52  ASP A O   1 
ATOM   431  C CB  . ASP A 1 79  ? -24.58311 5.81115   3.51367   1.000 26.07000 ? 52  ASP A CB  1 
ATOM   432  C CG  . ASP A 1 79  ? -23.70284 5.32098   2.37829   1.000 26.55000 ? 52  ASP A CG  1 
ATOM   433  O OD1 . ASP A 1 79  ? -22.52767 4.97766   2.63063   1.000 25.32000 ? 52  ASP A OD1 1 
ATOM   434  O OD2 . ASP A 1 79  ? -24.19060 5.29617   1.22576   1.000 24.45000 ? 52  ASP A OD2 1 
ATOM   435  N N   . GLY A 1 80  ? -26.12936 5.78832   6.26025   1.000 23.63000 ? 53  GLY A N   1 
ATOM   436  C CA  . GLY A 1 80  ? -26.86902 6.63894   7.17533   1.000 31.28000 ? 53  GLY A CA  1 
ATOM   437  C C   . GLY A 1 80  ? -26.67370 6.33891   8.64057   1.000 32.50000 ? 53  GLY A C   1 
ATOM   438  O O   . GLY A 1 80  ? -27.16071 7.10190   9.48383   1.000 29.96000 ? 53  GLY A O   1 
ATOM   439  N N   . ARG A 1 81  ? -25.97503 5.26023   8.97140   1.000 27.52000 ? 54  ARG A N   1 
ATOM   440  C CA  . ARG A 1 81  ? -25.79105 4.87460   10.35887  1.000 30.32000 ? 54  ARG A CA  1 
ATOM   441  C C   . ARG A 1 81  ? -24.45903 5.42330   10.86257  1.000 29.63000 ? 54  ARG A C   1 
ATOM   442  O O   . ARG A 1 81  ? -23.59233 5.81783   10.08008  1.000 30.16000 ? 54  ARG A O   1 
ATOM   443  C CB  . ARG A 1 81  ? -25.87925 3.35069   10.49198  1.000 31.17000 ? 54  ARG A CB  1 
ATOM   444  C CG  . ARG A 1 81  ? -27.33173 2.86914   10.40469  1.000 37.33000 ? 54  ARG A CG  1 
ATOM   445  C CD  . ARG A 1 81  ? -27.49285 1.36403   10.45777  1.000 51.89000 ? 54  ARG A CD  1 
ATOM   446  N NE  . ARG A 1 81  ? -27.07228 0.80303   11.73600  1.000 66.15000 ? 54  ARG A NE  1 
ATOM   447  C CZ  . ARG A 1 81  ? -27.43543 -0.39100  12.18730  1.000 72.71000 ? 54  ARG A CZ  1 
ATOM   448  N NH1 . ARG A 1 81  ? -28.22410 -1.18894  11.48206  1.000 68.65000 ? 54  ARG A NH1 1 
ATOM   449  N NH2 . ARG A 1 81  ? -26.99641 -0.79534  13.37754  1.000 67.45000 ? 54  ARG A NH2 1 
ATOM   450  N N   . THR A 1 82  ? -24.31471 5.49331   12.18397  1.000 32.75000 ? 55  THR A N   1 
ATOM   451  C CA  . THR A 1 82  ? -23.11407 6.07798   12.76718  1.000 30.75000 ? 55  THR A CA  1 
ATOM   452  C C   . THR A 1 82  ? -22.12993 4.98918   13.17664  1.000 30.32000 ? 55  THR A C   1 
ATOM   453  O O   . THR A 1 82  ? -22.46937 3.80849   13.28284  1.000 36.06000 ? 55  THR A O   1 
ATOM   454  C CB  . THR A 1 82  ? -23.44517 6.94469   13.98262  1.000 34.86000 ? 55  THR A CB  1 
ATOM   455  O OG1 . THR A 1 82  ? -24.00888 6.11767   15.00798  1.000 32.48000 ? 55  THR A OG1 1 
ATOM   456  C CG2 . THR A 1 82  ? -24.42835 8.03411   13.59902  1.000 33.26000 ? 55  THR A CG2 1 
ATOM   457  N N   . LEU A 1 83  ? -20.89117 5.41246   13.42253  1.000 32.70000 ? 56  LEU A N   1 
ATOM   458  C CA  . LEU A 1 83  ? -19.90265 4.49307   13.97550  1.000 32.09000 ? 56  LEU A CA  1 
ATOM   459  C C   . LEU A 1 83  ? -20.37516 3.92855   15.31263  1.000 37.42000 ? 56  LEU A C   1 
ATOM   460  O O   . LEU A 1 83  ? -20.20459 2.73503   15.58916  1.000 36.25000 ? 56  LEU A O   1 
ATOM   461  C CB  . LEU A 1 83  ? -18.56772 5.21286   14.12944  1.000 32.59000 ? 56  LEU A CB  1 
ATOM   462  C CG  . LEU A 1 83  ? -17.90404 5.62286   12.81489  1.000 33.56000 ? 56  LEU A CG  1 
ATOM   463  C CD1 . LEU A 1 83  ? -16.63881 6.41869   13.08736  1.000 31.88000 ? 56  LEU A CD1 1 
ATOM   464  C CD2 . LEU A 1 83  ? -17.62135 4.40491   11.93204  1.000 30.89000 ? 56  LEU A CD2 1 
ATOM   465  N N   . SER A 1 84  ? -20.99573 4.77177   16.14621  1.000 39.05000 ? 57  SER A N   1 
ATOM   466  C CA  A SER A 1 84  ? -21.50241 4.31531   17.43884  0.420 40.10000 ? 57  SER A CA  1 
ATOM   467  C CA  B SER A 1 84  ? -21.49388 4.30844   17.43784  0.580 40.10000 ? 57  SER A CA  1 
ATOM   468  C C   . SER A 1 84  ? -22.59825 3.27067   17.27821  1.000 41.00000 ? 57  SER A C   1 
ATOM   469  O O   . SER A 1 84  ? -22.71709 2.36335   18.11346  1.000 41.80000 ? 57  SER A O   1 
ATOM   470  C CB  A SER A 1 84  ? -22.02193 5.50600   18.24586  0.420 41.52000 ? 57  SER A CB  1 
ATOM   471  C CB  B SER A 1 84  ? -21.99209 5.49572   18.26410  0.580 41.53000 ? 57  SER A CB  1 
ATOM   472  O OG  A SER A 1 84  ? -23.14747 6.09142   17.61504  0.420 39.05000 ? 57  SER A OG  1 
ATOM   473  O OG  B SER A 1 84  ? -22.35390 5.08568   19.57233  0.580 47.51000 ? 57  SER A OG  1 
ATOM   474  N N   . ASP A 1 85  ? -23.41434 3.38886   16.22223  1.000 36.41000 ? 58  ASP A N   1 
ATOM   475  C CA  . ASP A 1 85  ? -24.43227 2.38301   15.92259  1.000 42.79000 ? 58  ASP A CA  1 
ATOM   476  C C   . ASP A 1 85  ? -23.82521 0.99758   15.77160  1.000 48.02000 ? 58  ASP A C   1 
ATOM   477  O O   . ASP A 1 85  ? -24.47764 -0.00594  16.07931  1.000 45.12000 ? 58  ASP A O   1 
ATOM   478  C CB  . ASP A 1 85  ? -25.16334 2.72799   14.62478  1.000 39.36000 ? 58  ASP A CB  1 
ATOM   479  C CG  . ASP A 1 85  ? -26.25404 3.74934   14.81889  1.000 46.29000 ? 58  ASP A CG  1 
ATOM   480  O OD1 . ASP A 1 85  ? -26.69515 3.94553   15.97103  1.000 48.51000 ? 58  ASP A OD1 1 
ATOM   481  O OD2 . ASP A 1 85  ? -26.67605 4.35080   13.80364  1.000 32.77000 ? 58  ASP A OD2 1 
ATOM   482  N N   . TYR A 1 86  ? -22.60171 0.92057   15.25639  1.000 39.97000 ? 59  TYR A N   1 
ATOM   483  C CA  . TYR A 1 86  ? -21.92779 -0.34600  15.02610  1.000 36.54000 ? 59  TYR A CA  1 
ATOM   484  C C   . TYR A 1 86  ? -20.96991 -0.70849  16.14754  1.000 41.78000 ? 59  TYR A C   1 
ATOM   485  O O   . TYR A 1 86  ? -20.23727 -1.69583  16.02561  1.000 35.81000 ? 59  TYR A O   1 
ATOM   486  C CB  . TYR A 1 86  ? -21.17569 -0.30677  13.69620  1.000 37.31000 ? 59  TYR A CB  1 
ATOM   487  C CG  . TYR A 1 86  ? -22.08982 -0.27330  12.49874  1.000 33.39000 ? 59  TYR A CG  1 
ATOM   488  C CD1 . TYR A 1 86  ? -22.84041 -1.38931  12.14846  1.000 34.14000 ? 59  TYR A CD1 1 
ATOM   489  C CD2 . TYR A 1 86  ? -22.18783 0.86636   11.70312  1.000 32.33000 ? 59  TYR A CD2 1 
ATOM   490  C CE1 . TYR A 1 86  ? -23.68130 -1.37268  11.05035  1.000 33.28000 ? 59  TYR A CE1 1 
ATOM   491  C CE2 . TYR A 1 86  ? -23.02660 0.89310   10.59479  1.000 32.86000 ? 59  TYR A CE2 1 
ATOM   492  C CZ  . TYR A 1 86  ? -23.76906 -0.22846  10.27682  1.000 32.65000 ? 59  TYR A CZ  1 
ATOM   493  O OH  . TYR A 1 86  ? -24.59449 -0.21862  9.17629   1.000 29.77000 ? 59  TYR A OH  1 
ATOM   494  N N   . ASN A 1 87  ? -20.94743 0.07813   17.22408  1.000 44.06000 ? 60  ASN A N   1 
ATOM   495  C CA  . ASN A 1 87  ? -20.02430 -0.13360  18.33575  1.000 46.21000 ? 60  ASN A CA  1 
ATOM   496  C C   . ASN A 1 87  ? -18.58407 -0.21559  17.84224  1.000 44.55000 ? 60  ASN A C   1 
ATOM   497  O O   . ASN A 1 87  ? -17.77517 -1.00184  18.33628  1.000 49.35000 ? 60  ASN A O   1 
ATOM   498  C CB  . ASN A 1 87  ? -20.40393 -1.37507  19.14086  1.000 46.58000 ? 60  ASN A CB  1 
ATOM   499  C CG  . ASN A 1 87  ? -21.41256 -1.06614  20.22454  1.000 57.10000 ? 60  ASN A CG  1 
ATOM   500  O OD1 . ASN A 1 87  ? -22.62104 -1.19946  20.02273  1.000 58.08000 ? 60  ASN A OD1 1 
ATOM   501  N ND2 . ASN A 1 87  ? -20.92096 -0.63269  21.37974  1.000 65.78000 ? 60  ASN A ND2 1 
ATOM   502  N N   . ILE A 1 88  ? -18.26713 0.60134   16.84500  1.000 39.33000 ? 61  ILE A N   1 
ATOM   503  C CA  . ILE A 1 88  ? -16.90302 0.70816   16.35332  1.000 33.90000 ? 61  ILE A CA  1 
ATOM   504  C C   . ILE A 1 88  ? -16.10084 1.53462   17.34807  1.000 41.01000 ? 61  ILE A C   1 
ATOM   505  O O   . ILE A 1 88  ? -16.48594 2.65613   17.69397  1.000 38.82000 ? 61  ILE A O   1 
ATOM   506  C CB  . ILE A 1 88  ? -16.88501 1.32014   14.94259  1.000 37.53000 ? 61  ILE A CB  1 
ATOM   507  C CG1 . ILE A 1 88  ? -17.47979 0.32012   13.93578  1.000 35.40000 ? 61  ILE A CG1 1 
ATOM   508  C CG2 . ILE A 1 88  ? -15.47976 1.77052   14.55452  1.000 38.22000 ? 61  ILE A CG2 1 
ATOM   509  C CD1 . ILE A 1 88  ? -17.46662 0.79845   12.49752  1.000 40.17000 ? 61  ILE A CD1 1 
ATOM   510  N N   . GLN A 1 89  ? -14.99281 0.97536   17.82439  1.000 41.22000 ? 62  GLN A N   1 
ATOM   511  C CA  . GLN A 1 89  ? -14.22160 1.53523   18.92797  1.000 44.24000 ? 62  GLN A CA  1 
ATOM   512  C C   . GLN A 1 89  ? -12.89049 2.09091   18.43055  1.000 44.44000 ? 62  GLN A C   1 
ATOM   513  O O   . GLN A 1 89  ? -12.57233 2.03871   17.23944  1.000 39.51000 ? 62  GLN A O   1 
ATOM   514  C CB  . GLN A 1 89  ? -14.00341 0.47187   20.00440  1.000 48.22000 ? 62  GLN A CB  1 
ATOM   515  C CG  . GLN A 1 89  ? -15.19089 -0.45837  20.17090  1.000 57.45000 ? 62  GLN A CG  1 
ATOM   516  C CD  . GLN A 1 89  ? -15.37230 -0.93613  21.59838  1.000 74.78000 ? 62  GLN A CD  1 
ATOM   517  O OE1 . GLN A 1 89  ? -16.44947 -0.78844  22.17998  1.000 74.37000 ? 62  GLN A OE1 1 
ATOM   518  N NE2 . GLN A 1 89  ? -14.32118 -1.52193  22.16893  1.000 74.80000 ? 62  GLN A NE2 1 
ATOM   519  N N   . LYS A 1 90  ? -12.11276 2.63463   19.37128  1.000 40.96000 ? 63  LYS A N   1 
ATOM   520  C CA  . LYS A 1 90  ? -10.74143 3.04440   19.09024  1.000 43.62000 ? 63  LYS A CA  1 
ATOM   521  C C   . LYS A 1 90  ? -9.95798  1.90877   18.44706  1.000 40.24000 ? 63  LYS A C   1 
ATOM   522  O O   . LYS A 1 90  ? -10.04287 0.75812   18.88131  1.000 35.24000 ? 63  LYS A O   1 
ATOM   523  C CB  . LYS A 1 90  ? -10.04982 3.48707   20.38366  1.000 48.26000 ? 63  LYS A CB  1 
ATOM   524  C CG  . LYS A 1 90  ? -8.89097  4.45744   20.18532  1.000 57.01000 ? 63  LYS A CG  1 
ATOM   525  C CD  . LYS A 1 90  ? -9.38284  5.85260   19.85616  1.000 67.36000 ? 63  LYS A CD  1 
ATOM   526  C CE  . LYS A 1 90  ? -8.28427  6.90537   19.95659  1.000 63.78000 ? 63  LYS A CE  1 
ATOM   527  N NZ  . LYS A 1 90  ? -8.40951  7.72498   21.19827  1.000 63.88000 ? 63  LYS A NZ  1 
ATOM   528  N N   . GLU A 1 91  ? -9.21117  2.24571   17.38968  1.000 36.76000 ? 64  GLU A N   1 
ATOM   529  C CA  . GLU A 1 91  ? -8.31058  1.32828   16.68913  1.000 35.95000 ? 64  GLU A CA  1 
ATOM   530  C C   . GLU A 1 91  ? -9.03917  0.17456   15.99666  1.000 33.94000 ? 64  GLU A C   1 
ATOM   531  O O   . GLU A 1 91  ? -8.40792  -0.82761  15.62922  1.000 28.70000 ? 64  GLU A O   1 
ATOM   532  C CB  . GLU A 1 91  ? -7.23131  0.78047   17.63880  1.000 37.79000 ? 64  GLU A CB  1 
ATOM   533  C CG  . GLU A 1 91  ? -6.46461  1.85198   18.43171  1.000 37.42000 ? 64  GLU A CG  1 
ATOM   534  C CD  . GLU A 1 91  ? -5.85363  2.94195   17.55651  1.000 43.92000 ? 64  GLU A CD  1 
ATOM   535  O OE1 . GLU A 1 91  ? -5.55665  2.68142   16.37024  1.000 44.96000 ? 64  GLU A OE1 1 
ATOM   536  O OE2 . GLU A 1 91  ? -5.67893  4.07839   18.05309  1.000 49.15000 ? 64  GLU A OE2 1 
ATOM   537  N N   . SER A 1 92  ? -10.35302 0.28657   15.79804  1.000 28.82000 ? 65  SER A N   1 
ATOM   538  C CA  . SER A 1 92  ? -11.05783 -0.68620  14.96745  1.000 30.97000 ? 65  SER A CA  1 
ATOM   539  C C   . SER A 1 92  ? -10.48547 -0.68252  13.55098  1.000 29.00000 ? 65  SER A C   1 
ATOM   540  O O   . SER A 1 92  ? -10.16622 0.37112   12.99739  1.000 28.68000 ? 65  SER A O   1 
ATOM   541  C CB  . SER A 1 92  ? -12.55965 -0.37431  14.92648  1.000 27.83000 ? 65  SER A CB  1 
ATOM   542  O OG  . SER A 1 92  ? -13.20429 -0.69141  16.14886  1.000 33.87000 ? 65  SER A OG  1 
ATOM   543  N N   . THR A 1 93  ? -10.34071 -1.87336  12.96179  1.000 28.34000 ? 66  THR A N   1 
ATOM   544  C CA  . THR A 1 93  ? -9.82723  -2.00022  11.59595  1.000 25.44000 ? 66  THR A CA  1 
ATOM   545  C C   . THR A 1 93  ? -10.99759 -2.32058  10.67137  1.000 27.76000 ? 66  THR A C   1 
ATOM   546  O O   . THR A 1 93  ? -11.40565 -3.47810  10.54963  1.000 32.26000 ? 66  THR A O   1 
ATOM   547  C CB  . THR A 1 93  ? -8.74277  -3.07277  11.48476  1.000 32.73000 ? 66  THR A CB  1 
ATOM   548  O OG1 . THR A 1 93  ? -9.24863  -4.33220  11.95109  1.000 35.60000 ? 66  THR A OG1 1 
ATOM   549  C CG2 . THR A 1 93  ? -7.49913  -2.68721  12.28441  1.000 29.34000 ? 66  THR A CG2 1 
ATOM   550  N N   . LEU A 1 94  ? -11.52956 -1.28918  10.01707  1.000 25.54000 ? 67  LEU A N   1 
ATOM   551  C CA  . LEU A 1 94  ? -12.48806 -1.47504  8.93265   1.000 23.75000 ? 67  LEU A CA  1 
ATOM   552  C C   . LEU A 1 94  ? -11.77567 -1.96977  7.67522   1.000 23.28000 ? 67  LEU A C   1 
ATOM   553  O O   . LEU A 1 94  ? -10.59252 -1.69735  7.45809   1.000 29.30000 ? 67  LEU A O   1 
ATOM   554  C CB  . LEU A 1 94  ? -13.21048 -0.15566  8.63315   1.000 25.12000 ? 67  LEU A CB  1 
ATOM   555  C CG  . LEU A 1 94  ? -14.39214 0.27241   9.51657   1.000 32.15000 ? 67  LEU A CG  1 
ATOM   556  C CD1 . LEU A 1 94  ? -14.08543 0.18337   10.99460  1.000 29.98000 ? 67  LEU A CD1 1 
ATOM   557  C CD2 . LEU A 1 94  ? -14.78893 1.70106   9.16011   1.000 27.01000 ? 67  LEU A CD2 1 
ATOM   558  N N   . HIS A 1 95  ? -12.50781 -2.70079  6.83739   1.000 23.25000 ? 68  HIS A N   1 
ATOM   559  C CA  . HIS A 1 95  ? -11.99561 -3.13623  5.54329   1.000 19.72000 ? 68  HIS A CA  1 
ATOM   560  C C   . HIS A 1 95  ? -12.66031 -2.33491  4.43273   1.000 25.62000 ? 68  HIS A C   1 
ATOM   561  O O   . HIS A 1 95  ? -13.89062 -2.32194  4.32274   1.000 21.23000 ? 68  HIS A O   1 
ATOM   562  C CB  . HIS A 1 95  ? -12.22683 -4.63369  5.31452   1.000 25.85000 ? 68  HIS A CB  1 
ATOM   563  C CG  . HIS A 1 95  ? -11.51874 -5.51515  6.29421   1.000 38.67000 ? 68  HIS A CG  1 
ATOM   564  N ND1 . HIS A 1 95  ? -10.59912 -5.03357  7.20181   1.000 43.06000 ? 68  HIS A ND1 1 
ATOM   565  C CD2 . HIS A 1 95  ? -11.57356 -6.85357  6.49138   1.000 51.23000 ? 68  HIS A CD2 1 
ATOM   566  C CE1 . HIS A 1 95  ? -10.13041 -6.03482  7.92599   1.000 40.39000 ? 68  HIS A CE1 1 
ATOM   567  N NE2 . HIS A 1 95  ? -10.70515 -7.15037  7.51445   1.000 51.61000 ? 68  HIS A NE2 1 
ATOM   568  N N   . LEU A 1 96  ? -11.84618 -1.69764  3.60087   1.000 23.01000 ? 69  LEU A N   1 
ATOM   569  C CA  . LEU A 1 96  ? -12.33310 -1.05246  2.39099   1.000 20.49000 ? 69  LEU A CA  1 
ATOM   570  C C   . LEU A 1 96  ? -12.28502 -2.06364  1.25881   1.000 22.77000 ? 69  LEU A C   1 
ATOM   571  O O   . LEU A 1 96  ? -11.21438 -2.59261  0.93774   1.000 20.68000 ? 69  LEU A O   1 
ATOM   572  C CB  . LEU A 1 96  ? -11.48872 0.16553   2.03503   1.000 19.92000 ? 69  LEU A CB  1 
ATOM   573  C CG  . LEU A 1 96  ? -11.73745 0.73816   0.63784   1.000 20.46000 ? 69  LEU A CG  1 
ATOM   574  C CD1 . LEU A 1 96  ? -13.19350 1.22103   0.51267   1.000 22.12000 ? 69  LEU A CD1 1 
ATOM   575  C CD2 . LEU A 1 96  ? -10.74712 1.86114   0.34068   1.000 26.26000 ? 69  LEU A CD2 1 
ATOM   576  N N   . VAL A 1 97  ? -13.43938 -2.33919  0.66503   1.000 18.39000 ? 70  VAL A N   1 
ATOM   577  C CA  . VAL A 1 97  ? -13.54700 -3.17395  -0.52325  1.000 20.91000 ? 70  VAL A CA  1 
ATOM   578  C C   . VAL A 1 97  ? -14.09355 -2.30126  -1.64157  1.000 22.89000 ? 70  VAL A C   1 
ATOM   579  O O   . VAL A 1 97  ? -15.14365 -1.66924  -1.48227  1.000 19.96000 ? 70  VAL A O   1 
ATOM   580  C CB  . VAL A 1 97  ? -14.45156 -4.39629  -0.28154  1.000 22.88000 ? 70  VAL A CB  1 
ATOM   581  C CG1 . VAL A 1 97  ? -14.57386 -5.22098  -1.55498  1.000 22.57000 ? 70  VAL A CG1 1 
ATOM   582  C CG2 . VAL A 1 97  ? -13.89677 -5.25329  0.86026   1.000 27.80000 ? 70  VAL A CG2 1 
ATOM   583  N N   . LEU A 1 98  ? -13.38222 -2.25125  -2.76115  1.000 21.29000 ? 71  LEU A N   1 
ATOM   584  C CA  . LEU A 1 98  ? -13.80019 -1.38605  -3.85479  1.000 23.39000 ? 71  LEU A CA  1 
ATOM   585  C C   . LEU A 1 98  ? -15.06380 -1.92302  -4.51372  1.000 24.39000 ? 71  LEU A C   1 
ATOM   586  O O   . LEU A 1 98  ? -15.25928 -3.13592  -4.64380  1.000 24.12000 ? 71  LEU A O   1 
ATOM   587  C CB  . LEU A 1 98  ? -12.67327 -1.24476  -4.87868  1.000 24.65000 ? 71  LEU A CB  1 
ATOM   588  C CG  . LEU A 1 98  ? -11.43523 -0.58093  -4.26004  1.000 26.73000 ? 71  LEU A CG  1 
ATOM   589  C CD1 . LEU A 1 98  ? -10.31931 -0.44275  -5.28135  1.000 30.47000 ? 71  LEU A CD1 1 
ATOM   590  C CD2 . LEU A 1 98  ? -11.78830 0.78711   -3.65245  1.000 24.94000 ? 71  LEU A CD2 1 
ATOM   591  N N   . ARG A 1 99  ? -15.93624 -1.00382  -4.90529  1.000 22.12000 ? 72  ARG A N   1 
ATOM   592  C CA  . ARG A 1 99  ? -17.21899 -1.32972  -5.51905  1.000 26.03000 ? 72  ARG A CA  1 
ATOM   593  C C   . ARG A 1 99  ? -17.22449 -0.71657  -6.91061  1.000 30.13000 ? 72  ARG A C   1 
ATOM   594  O O   . ARG A 1 99  ? -17.31949 0.50697   -7.05264  1.000 24.43000 ? 72  ARG A O   1 
ATOM   595  C CB  . ARG A 1 99  ? -18.37966 -0.79904  -4.67192  1.000 25.47000 ? 72  ARG A CB  1 
ATOM   596  C CG  . ARG A 1 99  ? -19.76009 -1.04356  -5.27522  1.000 30.14000 ? 72  ARG A CG  1 
ATOM   597  C CD  . ARG A 1 99  ? -20.87109 -0.45354  -4.39377  1.000 33.48000 ? 72  ARG A CD  1 
ATOM   598  N NE  . ARG A 1 99  ? -22.14823 -0.43545  -5.09844  1.000 38.73000 ? 72  ARG A NE  1 
ATOM   599  C CZ  . ARG A 1 99  ? -22.71779 0.64053   -5.62724  1.000 46.92000 ? 72  ARG A CZ  1 
ATOM   600  N NH1 . ARG A 1 99  ? -22.18791 1.84441   -5.49318  1.000 26.14000 ? 72  ARG A NH1 1 
ATOM   601  N NH2 . ARG A 1 99  ? -23.84975 0.50135   -6.31201  1.000 36.54000 ? 72  ARG A NH2 1 
ATOM   602  N N   . LEU A 1 100 ? -17.08379 -1.55593  -7.93347  1.000 25.18000 ? 73  LEU A N   1 
ATOM   603  C CA  . LEU A 1 100 ? -17.07141 -1.09486  -9.31313  1.000 33.26000 ? 73  LEU A CA  1 
ATOM   604  C C   . LEU A 1 100 ? -18.01400 -1.93027  -10.16223 1.000 38.37000 ? 73  LEU A C   1 
ATOM   605  O O   . LEU A 1 100 ? -18.32412 -3.07660  -9.83349  1.000 32.73000 ? 73  LEU A O   1 
ATOM   606  C CB  . LEU A 1 100 ? -15.65027 -1.12418  -9.89690  1.000 37.66000 ? 73  LEU A CB  1 
ATOM   607  C CG  . LEU A 1 100 ? -14.70542 -0.37843  -8.95015  1.000 40.23000 ? 73  LEU A CG  1 
ATOM   608  C CD1 . LEU A 1 100 ? -13.61869 -1.25181  -8.39090  1.000 46.24000 ? 73  LEU A CD1 1 
ATOM   609  C CD2 . LEU A 1 100 ? -14.14402 0.86425   -9.60085  1.000 34.13000 ? 73  LEU A CD2 1 
ATOM   610  N N   . ARG A 1 101 ? -18.47958 -1.33414  -11.25656 1.000 39.19000 ? 74  ARG A N   1 
ATOM   611  C CA  . ARG A 1 101 ? -19.43029 -1.99091  -12.15650 1.000 43.34000 ? 74  ARG A CA  1 
ATOM   612  C C   . ARG A 1 101 ? -18.89683 -3.29053  -12.77114 1.000 49.14000 ? 74  ARG A C   1 
ATOM   613  O O   . ARG A 1 101 ? -17.68675 -3.47541  -12.92451 1.000 46.79000 ? 74  ARG A O   1 
ATOM   614  C CB  . ARG A 1 101 ? -19.84570 -1.02478  -13.26726 1.000 40.88000 ? 74  ARG A CB  1 
ATOM   615  C CG  . ARG A 1 101 ? -20.57519 0.20508   -12.76414 1.000 43.67000 ? 74  ARG A CG  1 
ATOM   616  C CD  . ARG A 1 101 ? -20.40319 1.39851   -13.70104 1.000 45.42000 ? 74  ARG A CD  1 
ATOM   617  N NE  . ARG A 1 101 ? -19.68491 2.49893   -13.06534 1.000 40.39000 ? 74  ARG A NE  1 
ATOM   618  C CZ  . ARG A 1 101 ? -19.41214 3.65760   -13.64973 1.000 49.05000 ? 74  ARG A CZ  1 
ATOM   619  N NH1 . ARG A 1 101 ? -19.74634 3.89213   -14.91207 1.000 42.57000 ? 74  ARG A NH1 1 
ATOM   620  N NH2 . ARG A 1 101 ? -18.79394 4.60734   -12.95068 1.000 56.20000 ? 74  ARG A NH2 1 
ATOM   621  N N   . LYS B 1 27  ? -11.87246 12.68376  17.80097  1.000 51.68000 ? 0   LYS B N   1 
ATOM   622  C CA  . LYS B 1 27  ? -12.01077 12.09690  19.12976  1.000 56.47000 ? 0   LYS B CA  1 
ATOM   623  C C   . LYS B 1 27  ? -11.44577 10.67756  19.20500  1.000 60.90000 ? 0   LYS B C   1 
ATOM   624  O O   . LYS B 1 27  ? -10.91434 10.28111  20.24424  1.000 63.79000 ? 0   LYS B O   1 
ATOM   625  C CB  . LYS B 1 27  ? -13.48253 12.11370  19.57498  1.000 52.65000 ? 0   LYS B CB  1 
ATOM   626  C CG  . LYS B 1 27  ? -14.05221 10.76339  20.02775  1.000 55.44000 ? 0   LYS B CG  1 
ATOM   627  C CD  . LYS B 1 27  ? -14.87044 10.86987  21.31780  1.000 59.66000 ? 0   LYS B CD  1 
ATOM   628  C CE  . LYS B 1 27  ? -15.34812 12.29496  21.60218  1.000 56.77000 ? 0   LYS B CE  1 
ATOM   629  N NZ  . LYS B 1 27  ? -16.57249 12.66425  20.84337  1.000 64.10000 ? 0   LYS B NZ  1 
ATOM   630  N N   . MET B 1 28  ? -11.53983 9.90707   18.12172  1.000 48.22000 ? 1   MET B N   1 
ATOM   631  C CA  . MET B 1 28  ? -10.98528 8.56099   18.12886  1.000 49.41000 ? 1   MET B CA  1 
ATOM   632  C C   . MET B 1 28  ? -10.34747 8.23413   16.78449  1.000 46.51000 ? 1   MET B C   1 
ATOM   633  O O   . MET B 1 28  ? -10.78347 8.70879   15.73269  1.000 44.56000 ? 1   MET B O   1 
ATOM   634  C CB  . MET B 1 28  ? -12.05045 7.51268   18.51236  1.000 49.10000 ? 1   MET B CB  1 
ATOM   635  C CG  . MET B 1 28  ? -13.08547 7.18135   17.46562  1.000 44.93000 ? 1   MET B CG  1 
ATOM   636  S SD  . MET B 1 28  ? -14.08739 5.76766   17.97547  1.000 53.66000 ? 1   MET B SD  1 
ATOM   637  C CE  . MET B 1 28  ? -14.59016 6.24103   19.62421  1.000 50.06000 ? 1   MET B CE  1 
ATOM   638  N N   . GLN B 1 29  ? -9.29016  7.42896   16.84106  1.000 43.22000 ? 2   GLN B N   1 
ATOM   639  C CA  . GLN B 1 29  ? -8.60252  6.96466   15.64418  1.000 40.35000 ? 2   GLN B CA  1 
ATOM   640  C C   . GLN B 1 29  ? -9.16455  5.61217   15.23219  1.000 37.97000 ? 2   GLN B C   1 
ATOM   641  O O   . GLN B 1 29  ? -9.36040  4.72812   16.07337  1.000 36.55000 ? 2   GLN B O   1 
ATOM   642  C CB  . GLN B 1 29  ? -7.09529  6.84253   15.88069  1.000 45.49000 ? 2   GLN B CB  1 
ATOM   643  C CG  . GLN B 1 29  ? -6.32734  6.41238   14.64785  1.000 44.46000 ? 2   GLN B CG  1 
ATOM   644  C CD  . GLN B 1 29  ? -4.87896  6.06271   14.94027  1.000 54.33000 ? 2   GLN B CD  1 
ATOM   645  O OE1 . GLN B 1 29  ? -3.96459  6.75951   14.49884  1.000 60.47000 ? 2   GLN B OE1 1 
ATOM   646  N NE2 . GLN B 1 29  ? -4.66022  4.95922   15.64721  1.000 52.45000 ? 2   GLN B NE2 1 
ATOM   647  N N   . ILE B 1 30  ? -9.44550  5.46235   13.94063  1.000 31.05000 ? 3   ILE B N   1 
ATOM   648  C CA  . ILE B 1 30  ? -9.77067  4.16556   13.37720  1.000 33.09000 ? 3   ILE B CA  1 
ATOM   649  C C   . ILE B 1 30  ? -8.87882  3.95572   12.16594  1.000 26.36000 ? 3   ILE B C   1 
ATOM   650  O O   . ILE B 1 30  ? -8.33813  4.89798   11.58424  1.000 31.87000 ? 3   ILE B O   1 
ATOM   651  C CB  . ILE B 1 30  ? -11.26426 4.01166   12.99114  1.000 33.19000 ? 3   ILE B CB  1 
ATOM   652  C CG1 . ILE B 1 30  ? -11.63564 4.94697   11.83988  1.000 30.08000 ? 3   ILE B CG1 1 
ATOM   653  C CG2 . ILE B 1 30  ? -12.18031 4.21482   14.20369  1.000 31.18000 ? 3   ILE B CG2 1 
ATOM   654  C CD1 . ILE B 1 30  ? -13.04798 4.71591   11.31057  1.000 32.82000 ? 3   ILE B CD1 1 
ATOM   655  N N   . LEU B 1 31  ? -8.72406  2.69021   11.80109  1.000 28.81000 ? 4   LEU B N   1 
ATOM   656  C CA  . LEU B 1 31  ? -7.92999  2.28402   10.65832  1.000 28.05000 ? 4   LEU B CA  1 
ATOM   657  C C   . LEU B 1 31  ? -8.85786  1.74318   9.58388   1.000 30.87000 ? 4   LEU B C   1 
ATOM   658  O O   . LEU B 1 31  ? -9.88861  1.12974   9.88119   1.000 29.50000 ? 4   LEU B O   1 
ATOM   659  C CB  . LEU B 1 31  ? -6.91116  1.20766   11.04051  1.000 32.50000 ? 4   LEU B CB  1 
ATOM   660  C CG  . LEU B 1 31  ? -5.71516  1.66770   11.87599  1.000 33.58000 ? 4   LEU B CG  1 
ATOM   661  C CD1 . LEU B 1 31  ? -6.10444  1.89372   13.32855  1.000 39.74000 ? 4   LEU B CD1 1 
ATOM   662  C CD2 . LEU B 1 31  ? -4.59001  0.65221   11.76928  1.000 41.08000 ? 4   LEU B CD2 1 
ATOM   663  N N   . VAL B 1 32  ? -8.49301  1.98724   8.33415   1.000 25.36000 ? 5   VAL B N   1 
ATOM   664  C CA  . VAL B 1 32  ? -9.18643  1.40903   7.19346   1.000 23.46000 ? 5   VAL B CA  1 
ATOM   665  C C   . VAL B 1 32  ? -8.15816  0.62916   6.38036   1.000 23.54000 ? 5   VAL B C   1 
ATOM   666  O O   . VAL B 1 32  ? -7.30666  1.22731   5.70761   1.000 27.32000 ? 5   VAL B O   1 
ATOM   667  C CB  . VAL B 1 32  ? -9.87233  2.47065   6.32856   1.000 23.32000 ? 5   VAL B CB  1 
ATOM   668  C CG1 . VAL B 1 32  ? -10.61598 1.79562   5.19105   1.000 27.03000 ? 5   VAL B CG1 1 
ATOM   669  C CG2 . VAL B 1 32  ? -10.81180 3.33646   7.17823   1.000 25.40000 ? 5   VAL B CG2 1 
ATOM   670  N N   . ARG B 1 33  ? -8.23038  -0.69977  6.44728   1.000 25.74000 ? 6   ARG B N   1 
ATOM   671  C CA  A ARG B 1 33  ? -7.40307  -1.53869  5.59073   0.460 27.60000 ? 6   ARG B CA  1 
ATOM   672  C CA  B ARG B 1 33  ? -7.39922  -1.53743  5.59199   0.540 27.62000 ? 6   ARG B CA  1 
ATOM   673  C C   . ARG B 1 33  ? -7.85974  -1.40501  4.14427   1.000 27.92000 ? 6   ARG B C   1 
ATOM   674  O O   . ARG B 1 33  ? -9.04182  -1.57590  3.84025   1.000 25.55000 ? 6   ARG B O   1 
ATOM   675  C CB  A ARG B 1 33  ? -7.49008  -3.00208  6.02550   0.460 27.18000 ? 6   ARG B CB  1 
ATOM   676  C CB  B ARG B 1 33  ? -7.47088  -3.00083  6.04177   0.540 26.78000 ? 6   ARG B CB  1 
ATOM   677  C CG  A ARG B 1 33  ? -6.30990  -3.84718  5.55559   0.460 30.93000 ? 6   ARG B CG  1 
ATOM   678  C CG  B ARG B 1 33  ? -6.37331  -3.90599  5.45072   0.540 30.92000 ? 6   ARG B CG  1 
ATOM   679  C CD  A ARG B 1 33  ? -6.50919  -5.31838  5.86822   0.460 33.33000 ? 6   ARG B CD  1 
ATOM   680  C CD  B ARG B 1 33  ? -6.50534  -5.34808  5.94172   0.540 33.27000 ? 6   ARG B CD  1 
ATOM   681  N NE  A ARG B 1 33  ? -7.67841  -5.87673  5.19670   0.460 36.76000 ? 6   ARG B NE  1 
ATOM   682  N NE  B ARG B 1 33  ? -5.44708  -6.22215  5.44241   0.540 34.29000 ? 6   ARG B NE  1 
ATOM   683  C CZ  A ARG B 1 33  ? -7.97704  -7.16949  5.17526   0.460 38.83000 ? 6   ARG B CZ  1 
ATOM   684  C CZ  B ARG B 1 33  ? -4.63739  -6.93947  6.21189   0.540 33.63000 ? 6   ARG B CZ  1 
ATOM   685  N NH1 A ARG B 1 33  ? -7.23594  -8.05888  5.81531   0.460 41.82000 ? 6   ARG B NH1 1 
ATOM   686  N NH1 B ARG B 1 33  ? -4.74388  -6.92385  7.53214   0.540 30.81000 ? 6   ARG B NH1 1 
ATOM   687  N NH2 A ARG B 1 33  ? -9.04196  -7.57881  4.49268   0.460 40.80000 ? 6   ARG B NH2 1 
ATOM   688  N NH2 B ARG B 1 33  ? -3.70192  -7.69760  5.64465   0.540 31.00000 ? 6   ARG B NH2 1 
ATOM   689  N N   . THR B 1 34  ? -6.92418  -1.11046  3.25542   1.000 23.06000 ? 7   THR B N   1 
ATOM   690  C CA  . THR B 1 34  ? -7.19357  -0.95294  1.83648   1.000 24.85000 ? 7   THR B CA  1 
ATOM   691  C C   . THR B 1 34  ? -6.59866  -2.11131  1.04692   1.000 26.40000 ? 7   THR B C   1 
ATOM   692  O O   . THR B 1 34  ? -5.64173  -2.75995  1.49246   1.000 26.76000 ? 7   THR B O   1 
ATOM   693  C CB  . THR B 1 34  ? -6.61521  0.36217   1.30082   1.000 27.43000 ? 7   THR B CB  1 
ATOM   694  O OG1 . THR B 1 34  ? -5.25003  0.15195   0.90597   1.000 27.61000 ? 7   THR B OG1 1 
ATOM   695  C CG2 . THR B 1 34  ? -6.67948  1.43360   2.35729   1.000 29.20000 ? 7   THR B CG2 1 
ATOM   696  N N   . PRO B 1 35  ? -7.15708  -2.41679  -0.12432  1.000 28.72000 ? 8   PRO B N   1 
ATOM   697  C CA  . PRO B 1 35  ? -6.59223  -3.46921  -0.98076  1.000 28.07000 ? 8   PRO B CA  1 
ATOM   698  C C   . PRO B 1 35  ? -5.55385  -2.95984  -1.97593  1.000 28.07000 ? 8   PRO B C   1 
ATOM   699  O O   . PRO B 1 35  ? -5.19244  -3.68086  -2.91202  1.000 29.66000 ? 8   PRO B O   1 
ATOM   700  C CB  . PRO B 1 35  ? -7.83417  -3.97024  -1.72921  1.000 30.62000 ? 8   PRO B CB  1 
ATOM   701  C CG  . PRO B 1 35  ? -8.66263  -2.72606  -1.91273  1.000 25.56000 ? 8   PRO B CG  1 
ATOM   702  C CD  . PRO B 1 35  ? -8.35112  -1.80244  -0.73557  1.000 25.39000 ? 8   PRO B CD  1 
ATOM   703  N N   . PHE B 1 36  ? -5.08453  -1.73076  -1.81193  1.000 28.06000 ? 9   PHE B N   1 
ATOM   704  C CA  . PHE B 1 36  ? -4.22186  -1.12237  -2.80658  1.000 29.09000 ? 9   PHE B CA  1 
ATOM   705  C C   . PHE B 1 36  ? -2.79554  -1.64622  -2.71958  1.000 34.73000 ? 9   PHE B C   1 
ATOM   706  O O   . PHE B 1 36  ? -2.24556  -1.83805  -1.63128  1.000 28.84000 ? 9   PHE B O   1 
ATOM   707  C CB  . PHE B 1 36  ? -4.22160  0.37787   -2.62685  1.000 33.23000 ? 9   PHE B CB  1 
ATOM   708  C CG  . PHE B 1 36  ? -5.50628  1.01189   -3.01351  1.000 38.95000 ? 9   PHE B CG  1 
ATOM   709  C CD1 . PHE B 1 36  ? -5.78296  1.26596   -4.34988  1.000 42.16000 ? 9   PHE B CD1 1 
ATOM   710  C CD2 . PHE B 1 36  ? -6.45362  1.32647   -2.05320  1.000 38.33000 ? 9   PHE B CD2 1 
ATOM   711  C CE1 . PHE B 1 36  ? -6.97628  1.83007   -4.72082  1.000 47.15000 ? 9   PHE B CE1 1 
ATOM   712  C CE2 . PHE B 1 36  ? -7.66028  1.88189   -2.42629  1.000 35.34000 ? 9   PHE B CE2 1 
ATOM   713  C CZ  . PHE B 1 36  ? -7.91616  2.12782   -3.76023  1.000 41.73000 ? 9   PHE B CZ  1 
ATOM   714  N N   . VAL B 1 37  ? -2.18828  -1.82356  -3.87709  1.000 25.09000 ? 10  VAL B N   1 
ATOM   715  C CA  . VAL B 1 37  ? -0.84568  -2.38621  -3.98947  1.000 25.40000 ? 10  VAL B CA  1 
ATOM   716  C C   . VAL B 1 37  ? 0.16321   -1.25342  -3.99470  1.000 30.47000 ? 10  VAL B C   1 
ATOM   717  O O   . VAL B 1 37  ? 0.03114   -0.28831  -4.76543  1.000 26.26000 ? 10  VAL B O   1 
ATOM   718  C CB  . VAL B 1 37  ? -0.72362  -3.24194  -5.25928  1.000 28.71000 ? 10  VAL B CB  1 
ATOM   719  C CG1 . VAL B 1 37  ? 0.72869   -3.68434  -5.47072  1.000 28.20000 ? 10  VAL B CG1 1 
ATOM   720  C CG2 . VAL B 1 37  ? -1.65377  -4.44941  -5.14165  1.000 26.63000 ? 10  VAL B CG2 1 
ATOM   721  N N   . GLN B 1 38  ? 1.17433   -1.36267  -3.14193  1.000 22.59000 ? 11  GLN B N   1 
ATOM   722  C CA  . GLN B 1 38  ? 2.23035   -0.36352  -3.11126  1.000 30.27000 ? 11  GLN B CA  1 
ATOM   723  C C   . GLN B 1 38  ? 3.34348   -0.76990  -4.06722  1.000 27.10000 ? 11  GLN B C   1 
ATOM   724  O O   . GLN B 1 38  ? 3.78298   -1.92644  -4.06854  1.000 24.45000 ? 11  GLN B O   1 
ATOM   725  C CB  . GLN B 1 38  ? 2.79426   -0.18947  -1.69852  1.000 33.54000 ? 11  GLN B CB  1 
ATOM   726  C CG  . GLN B 1 38  ? 3.90553   0.85232   -1.62127  1.000 37.96000 ? 11  GLN B CG  1 
ATOM   727  C CD  . GLN B 1 38  ? 4.45052   1.01790   -0.21683  1.000 51.27000 ? 11  GLN B CD  1 
ATOM   728  O OE1 . GLN B 1 38  ? 4.16282   2.00514   0.46316   1.000 61.95000 ? 11  GLN B OE1 1 
ATOM   729  N NE2 . GLN B 1 38  ? 5.25193   0.05408   0.22372   1.000 48.49000 ? 11  GLN B NE2 1 
ATOM   730  N N   . PHE B 1 39  ? 3.78657   0.18103   -4.88174  1.000 24.09000 ? 12  PHE B N   1 
ATOM   731  C CA  . PHE B 1 39  ? 4.98981   0.05226   -5.68549  1.000 26.62000 ? 12  PHE B CA  1 
ATOM   732  C C   . PHE B 1 39  ? 5.99625   1.07270   -5.17683  1.000 31.58000 ? 12  PHE B C   1 
ATOM   733  O O   . PHE B 1 39  ? 5.63057   2.20712   -4.85876  1.000 33.12000 ? 12  PHE B O   1 
ATOM   734  C CB  . PHE B 1 39  ? 4.70950   0.31516   -7.17298  1.000 30.76000 ? 12  PHE B CB  1 
ATOM   735  C CG  . PHE B 1 39  ? 4.04753   -0.82566  -7.88838  1.000 30.79000 ? 12  PHE B CG  1 
ATOM   736  C CD1 . PHE B 1 39  ? 2.68271   -1.01615  -7.78886  1.000 31.20000 ? 12  PHE B CD1 1 
ATOM   737  C CD2 . PHE B 1 39  ? 4.78512   -1.70119  -8.67050  1.000 27.81000 ? 12  PHE B CD2 1 
ATOM   738  C CE1 . PHE B 1 39  ? 2.06564   -2.05815  -8.45577  1.000 27.51000 ? 12  PHE B CE1 1 
ATOM   739  C CE2 . PHE B 1 39  ? 4.17008   -2.74623  -9.33823  1.000 30.32000 ? 12  PHE B CE2 1 
ATOM   740  C CZ  . PHE B 1 39  ? 2.80879   -2.92344  -9.22779  1.000 29.42000 ? 12  PHE B CZ  1 
ATOM   741  N N   . ILE B 1 40  ? 7.25599   0.67741   -5.07837  1.000 25.67000 ? 13  ILE B N   1 
ATOM   742  C CA  . ILE B 1 40  ? 8.33660   1.63605   -4.89818  1.000 25.52000 ? 13  ILE B CA  1 
ATOM   743  C C   . ILE B 1 40  ? 8.80377   2.05275   -6.28372  1.000 27.86000 ? 13  ILE B C   1 
ATOM   744  O O   . ILE B 1 40  ? 9.21717   1.21078   -7.08902  1.000 27.72000 ? 13  ILE B O   1 
ATOM   745  C CB  . ILE B 1 40  ? 9.49110   1.04657   -4.07692  1.000 28.58000 ? 13  ILE B CB  1 
ATOM   746  C CG1 . ILE B 1 40  ? 8.98510   0.54358   -2.72720  1.000 28.12000 ? 13  ILE B CG1 1 
ATOM   747  C CG2 . ILE B 1 40  ? 10.61433  2.07797   -3.90666  1.000 28.59000 ? 13  ILE B CG2 1 
ATOM   748  C CD1 . ILE B 1 40  ? 10.04899  -0.17748  -1.92565  1.000 27.80000 ? 13  ILE B CD1 1 
ATOM   749  N N   . THR B 1 41  ? 8.72513   3.34769   -6.57095  1.000 25.85000 ? 14  THR B N   1 
ATOM   750  C CA  . THR B 1 41  ? 9.16889   3.89312   -7.84868  1.000 25.14000 ? 14  THR B CA  1 
ATOM   751  C C   . THR B 1 41  ? 10.57375  4.45511   -7.68629  1.000 26.62000 ? 14  THR B C   1 
ATOM   752  O O   . THR B 1 41  ? 10.81526  5.28359   -6.80322  1.000 29.99000 ? 14  THR B O   1 
ATOM   753  C CB  . THR B 1 41  ? 8.21937   4.98697   -8.33901  1.000 31.61000 ? 14  THR B CB  1 
ATOM   754  O OG1 . THR B 1 41  ? 6.88597   4.46384   -8.40765  1.000 33.87000 ? 14  THR B OG1 1 
ATOM   755  C CG2 . THR B 1 41  ? 8.64544   5.47160   -9.69587  1.000 34.14000 ? 14  THR B CG2 1 
ATOM   756  N N   . LEU B 1 42  ? 11.49850  3.99816   -8.52518  1.000 26.16000 ? 15  LEU B N   1 
ATOM   757  C CA  . LEU B 1 42  ? 12.90228  4.36274   -8.37555  1.000 26.55000 ? 15  LEU B CA  1 
ATOM   758  C C   . LEU B 1 42  ? 13.43320  4.87188   -9.70197  1.000 27.76000 ? 15  LEU B C   1 
ATOM   759  O O   . LEU B 1 42  ? 13.09990  4.33630   -10.76311 1.000 26.82000 ? 15  LEU B O   1 
ATOM   760  C CB  . LEU B 1 42  ? 13.74155  3.15946   -7.91854  1.000 27.61000 ? 15  LEU B CB  1 
ATOM   761  C CG  . LEU B 1 42  ? 13.42388  2.50849   -6.57031  1.000 28.24000 ? 15  LEU B CG  1 
ATOM   762  C CD1 . LEU B 1 42  ? 14.23672  1.24597   -6.40414  1.000 23.42000 ? 15  LEU B CD1 1 
ATOM   763  C CD2 . LEU B 1 42  ? 13.71706  3.46328   -5.41742  1.000 27.97000 ? 15  LEU B CD2 1 
ATOM   764  N N   . GLU B 1 43  ? 14.27125  5.89823   -9.64144  1.000 29.64000 ? 16  GLU B N   1 
ATOM   765  C CA  . GLU B 1 43  ? 15.00276  6.35700   -10.81249 1.000 33.04000 ? 16  GLU B CA  1 
ATOM   766  C C   . GLU B 1 43  ? 16.40146  5.75282   -10.75554 1.000 31.82000 ? 16  GLU B C   1 
ATOM   767  O O   . GLU B 1 43  ? 17.11071  5.91595   -9.75796  1.000 29.61000 ? 16  GLU B O   1 
ATOM   768  C CB  . GLU B 1 43  ? 15.03771  7.88436   -10.87418 1.000 36.44000 ? 16  GLU B CB  1 
ATOM   769  C CG  . GLU B 1 43  ? 15.21665  8.41655   -12.28957 1.000 43.38000 ? 16  GLU B CG  1 
ATOM   770  C CD  . GLU B 1 43  ? 13.96214  8.27130   -13.13593 1.000 54.35000 ? 16  GLU B CD  1 
ATOM   771  O OE1 . GLU B 1 43  ? 12.87367  8.04366   -12.56339 1.000 46.41000 ? 16  GLU B OE1 1 
ATOM   772  O OE2 . GLU B 1 43  ? 14.07785  8.37251   -14.38711 1.000 49.85000 ? 16  GLU B OE2 1 
ATOM   773  N N   . VAL B 1 44  ? 16.77259  5.01213   -11.80033 1.000 31.51000 ? 17  VAL B N   1 
ATOM   774  C CA  . VAL B 1 44  ? 17.98054  4.19332   -11.77734 1.000 28.40000 ? 17  VAL B CA  1 
ATOM   775  C C   . VAL B 1 44  ? 18.67680  4.29320   -13.12630 1.000 28.58000 ? 17  VAL B C   1 
ATOM   776  O O   . VAL B 1 44  ? 18.08419  4.68188   -14.13338 1.000 30.26000 ? 17  VAL B O   1 
ATOM   777  C CB  . VAL B 1 44  ? 17.66667  2.71210   -11.46787 1.000 25.49000 ? 17  VAL B CB  1 
ATOM   778  C CG1 . VAL B 1 44  ? 17.16273  2.55458   -10.04308 1.000 28.37000 ? 17  VAL B CG1 1 
ATOM   779  C CG2 . VAL B 1 44  ? 16.65577  2.16689   -12.47923 1.000 24.48000 ? 17  VAL B CG2 1 
ATOM   780  N N   . GLU B 1 45  ? 19.95845  3.92310   -13.13440 1.000 27.14000 ? 18  GLU B N   1 
ATOM   781  C CA  . GLU B 1 45  ? 20.72734  3.74017   -14.34890 1.000 27.25000 ? 18  GLU B CA  1 
ATOM   782  C C   . GLU B 1 45  ? 20.92384  2.25845   -14.61712 1.000 27.27000 ? 18  GLU B C   1 
ATOM   783  O O   . GLU B 1 45  ? 20.94029  1.45321   -13.67959 1.000 24.88000 ? 18  GLU B O   1 
ATOM   784  C CB  . GLU B 1 45  ? 22.10002  4.41448   -14.24929 1.000 31.44000 ? 18  GLU B CB  1 
ATOM   785  C CG  . GLU B 1 45  ? 22.07910  5.65173   -13.38771 1.000 42.44000 ? 18  GLU B CG  1 
ATOM   786  C CD  . GLU B 1 45  ? 23.21565  6.58433   -13.71460 1.000 57.56000 ? 18  GLU B CD  1 
ATOM   787  O OE1 . GLU B 1 45  ? 24.25120  6.09719   -14.21875 1.000 57.85000 ? 18  GLU B OE1 1 
ATOM   788  O OE2 . GLU B 1 45  ? 23.07431  7.79966   -13.46322 1.000 66.35000 ? 18  GLU B OE2 1 
ATOM   789  N N   . PRO B 1 46  ? 21.10132  1.87451   -15.88267 1.000 24.53000 ? 19  PRO B N   1 
ATOM   790  C CA  . PRO B 1 46  ? 21.33991  0.45767   -16.19906 1.000 22.26000 ? 19  PRO B CA  1 
ATOM   791  C C   . PRO B 1 46  ? 22.56665  -0.11468  -15.51044 1.000 24.40000 ? 19  PRO B C   1 
ATOM   792  O O   . PRO B 1 46  ? 22.61243  -1.32133  -15.24482 1.000 24.69000 ? 19  PRO B O   1 
ATOM   793  C CB  . PRO B 1 46  ? 21.51414  0.48418   -17.72191 1.000 25.65000 ? 19  PRO B CB  1 
ATOM   794  C CG  . PRO B 1 46  ? 20.61778  1.61166   -18.14467 1.000 33.01000 ? 19  PRO B CG  1 
ATOM   795  C CD  . PRO B 1 46  ? 20.92965  2.67488   -17.10950 1.000 27.61000 ? 19  PRO B CD  1 
ATOM   796  N N   . SER B 1 47  ? 23.56109  0.72075   -15.20809 1.000 26.54000 ? 20  SER B N   1 
ATOM   797  C CA  . SER B 1 47  ? 24.77635  0.27162   -14.54047 1.000 28.98000 ? 20  SER B CA  1 
ATOM   798  C C   . SER B 1 47  ? 24.62703  0.14830   -13.02830 1.000 22.11000 ? 20  SER B C   1 
ATOM   799  O O   . SER B 1 47  ? 25.56844  -0.31251  -12.36969 1.000 27.82000 ? 20  SER B O   1 
ATOM   800  C CB  . SER B 1 47  ? 25.92504  1.23702   -14.84505 1.000 27.62000 ? 20  SER B CB  1 
ATOM   801  O OG  . SER B 1 47  ? 25.57454  2.55774   -14.43899 1.000 30.77000 ? 20  SER B OG  1 
ATOM   802  N N   . ASP B 1 48  ? 23.49912  0.56716   -12.45378 1.000 22.60000 ? 21  ASP B N   1 
ATOM   803  C CA  . ASP B 1 48  ? 23.30322  0.39358   -11.01671 1.000 24.01000 ? 21  ASP B CA  1 
ATOM   804  C C   . ASP B 1 48  ? 23.34479  -1.08834  -10.66710 1.000 20.58000 ? 21  ASP B C   1 
ATOM   805  O O   . ASP B 1 48  ? 22.78431  -1.92613  -11.38117 1.000 21.34000 ? 21  ASP B O   1 
ATOM   806  C CB  . ASP B 1 48  ? 21.96525  0.98600   -10.55946 1.000 25.41000 ? 21  ASP B CB  1 
ATOM   807  C CG  . ASP B 1 48  ? 21.99770  2.49851   -10.45798 1.000 29.50000 ? 21  ASP B CG  1 
ATOM   808  O OD1 . ASP B 1 48  ? 23.09485  3.07965   -10.57744 1.000 32.19000 ? 21  ASP B OD1 1 
ATOM   809  O OD2 . ASP B 1 48  ? 20.92502  3.10530   -10.26236 1.000 30.14000 ? 21  ASP B OD2 1 
ATOM   810  N N   . THR B 1 49  ? 24.00564  -1.41480  -9.56302  1.000 19.67000 ? 22  THR B N   1 
ATOM   811  C CA  . THR B 1 49  ? 23.96861  -2.79864  -9.12300  1.000 20.81000 ? 22  THR B CA  1 
ATOM   812  C C   . THR B 1 49  ? 22.68327  -3.08473  -8.35900  1.000 21.75000 ? 22  THR B C   1 
ATOM   813  O O   . THR B 1 49  ? 21.98613  -2.17450  -7.88487  1.000 19.38000 ? 22  THR B O   1 
ATOM   814  C CB  . THR B 1 49  ? 25.14858  -3.13270  -8.21961  1.000 23.85000 ? 22  THR B CB  1 
ATOM   815  O OG1 . THR B 1 49  ? 25.13941  -2.23963  -7.09433  1.000 22.83000 ? 22  THR B OG1 1 
ATOM   816  C CG2 . THR B 1 49  ? 26.46402  -2.98357  -8.98525  1.000 28.88000 ? 22  THR B CG2 1 
ATOM   817  N N   . ILE B 1 50  ? 22.39705  -4.38088  -8.21790  1.000 17.32000 ? 23  ILE B N   1 
ATOM   818  C CA  . ILE B 1 50  ? 21.27935  -4.81409  -7.38016  1.000 18.86000 ? 23  ILE B CA  1 
ATOM   819  C C   . ILE B 1 50  ? 21.47264  -4.31372  -5.95442  1.000 20.75000 ? 23  ILE B C   1 
ATOM   820  O O   . ILE B 1 50  ? 20.51811  -3.87763  -5.29370  1.000 19.79000 ? 23  ILE B O   1 
ATOM   821  C CB  . ILE B 1 50  ? 21.14657  -6.34774  -7.42992  1.000 18.69000 ? 23  ILE B CB  1 
ATOM   822  C CG1 . ILE B 1 50  ? 20.87415  -6.80477  -8.86957  1.000 21.23000 ? 23  ILE B CG1 1 
ATOM   823  C CG2 . ILE B 1 50  ? 20.04438  -6.83092  -6.48405  1.000 18.18000 ? 23  ILE B CG2 1 
ATOM   824  C CD1 . ILE B 1 50  ? 19.69556  -6.11553  -9.52101  1.000 24.59000 ? 23  ILE B CD1 1 
ATOM   825  N N   . GLU B 1 51  ? 22.71300  -4.35599  -5.45879  1.000 20.76000 ? 24  GLU B N   1 
ATOM   826  C CA  . GLU B 1 51  ? 22.97627  -3.83802  -4.12030  1.000 19.80000 ? 24  GLU B CA  1 
ATOM   827  C C   . GLU B 1 51  ? 22.62187  -2.35314  -4.03068  1.000 23.12000 ? 24  GLU B C   1 
ATOM   828  O O   . GLU B 1 51  ? 22.06720  -1.90640  -3.02081  1.000 19.06000 ? 24  GLU B O   1 
ATOM   829  C CB  . GLU B 1 51  ? 24.43422  -4.08601  -3.72969  1.000 26.20000 ? 24  GLU B CB  1 
ATOM   830  C CG  . GLU B 1 51  ? 24.77767  -3.68954  -2.28496  1.000 29.83000 ? 24  GLU B CG  1 
ATOM   831  C CD  . GLU B 1 51  ? 23.93248  -4.42067  -1.23648  1.000 43.59000 ? 24  GLU B CD  1 
ATOM   832  O OE1 . GLU B 1 51  ? 23.50813  -5.56811  -1.48296  1.000 38.27000 ? 24  GLU B OE1 1 
ATOM   833  O OE2 . GLU B 1 51  ? 23.70983  -3.85735  -0.14272  1.000 40.08000 ? 24  GLU B OE2 1 
ATOM   834  N N   . ASN B 1 52  ? 22.90706  -1.57832  -5.08661  1.000 22.10000 ? 25  ASN B N   1 
ATOM   835  C CA  A ASN B 1 52  ? 22.55230  -0.16197  -5.04835  0.520 21.85000 ? 25  ASN B CA  1 
ATOM   836  C CA  B ASN B 1 52  ? 22.55327  -0.15805  -5.09975  0.480 23.28000 ? 25  ASN B CA  1 
ATOM   837  C C   . ASN B 1 52  ? 21.04350  0.02802   -4.98923  1.000 20.40000 ? 25  ASN B C   1 
ATOM   838  O O   . ASN B 1 52  ? 20.55922  0.93275   -4.29737  1.000 19.18000 ? 25  ASN B O   1 
ATOM   839  C CB  A ASN B 1 52  ? 23.13657  0.57968   -6.24943  0.520 22.80000 ? 25  ASN B CB  1 
ATOM   840  C CB  B ASN B 1 52  ? 23.05269  0.50336   -6.39179  0.480 22.83000 ? 25  ASN B CB  1 
ATOM   841  C CG  A ASN B 1 52  ? 23.31104  2.07128   -5.98090  0.520 28.88000 ? 25  ASN B CG  1 
ATOM   842  C CG  B ASN B 1 52  ? 24.56963  0.63512   -6.46377  0.480 25.78000 ? 25  ASN B CG  1 
ATOM   843  O OD1 A ASN B 1 52  ? 22.97984  2.56388   -4.89593  0.520 31.71000 ? 25  ASN B OD1 1 
ATOM   844  O OD1 B ASN B 1 52  ? 25.26319  0.62979   -5.44643  0.480 25.33000 ? 25  ASN B OD1 1 
ATOM   845  N ND2 A ASN B 1 52  ? 23.82074  2.79573   -6.96906  0.520 37.04000 ? 25  ASN B ND2 1 
ATOM   846  N ND2 B ASN B 1 52  ? 25.08800  0.76723   -7.68563  0.480 26.42000 ? 25  ASN B ND2 1 
ATOM   847  N N   . VAL B 1 53  ? 20.28583  -0.81278  -5.70055  1.000 19.87000 ? 26  VAL B N   1 
ATOM   848  C CA  . VAL B 1 53  ? 18.83171  -0.74186  -5.66305  1.000 16.50000 ? 26  VAL B CA  1 
ATOM   849  C C   . VAL B 1 53  ? 18.31774  -1.08113  -4.27263  1.000 16.19000 ? 26  VAL B C   1 
ATOM   850  O O   . VAL B 1 53  ? 17.39945  -0.42964  -3.76133  1.000 16.91000 ? 26  VAL B O   1 
ATOM   851  C CB  . VAL B 1 53  ? 18.22699  -1.66733  -6.73531  1.000 18.18000 ? 26  VAL B CB  1 
ATOM   852  C CG1 . VAL B 1 53  ? 16.70689  -1.70637  -6.61020  1.000 21.89000 ? 26  VAL B CG1 1 
ATOM   853  C CG2 . VAL B 1 53  ? 18.63006  -1.18504  -8.14819  1.000 19.67000 ? 26  VAL B CG2 1 
ATOM   854  N N   . LYS B 1 54  ? 18.88806  -2.10970  -3.64241  1.000 17.54000 ? 27  LYS B N   1 
ATOM   855  C CA  . LYS B 1 54  ? 18.49008  -2.43571  -2.27703  1.000 16.44000 ? 27  LYS B CA  1 
ATOM   856  C C   . LYS B 1 54  ? 18.76777  -1.26436  -1.33572  1.000 17.30000 ? 27  LYS B C   1 
ATOM   857  O O   . LYS B 1 54  ? 17.96266  -0.96749  -0.44674  1.000 17.12000 ? 27  LYS B O   1 
ATOM   858  C CB  . LYS B 1 54  ? 19.22685  -3.68394  -1.79434  1.000 20.14000 ? 27  LYS B CB  1 
ATOM   859  C CG  . LYS B 1 54  ? 18.75538  -4.97738  -2.44804  1.000 17.77000 ? 27  LYS B CG  1 
ATOM   860  C CD  . LYS B 1 54  ? 19.44232  -6.15071  -1.77456  1.000 17.28000 ? 27  LYS B CD  1 
ATOM   861  C CE  . LYS B 1 54  ? 18.93800  -7.47931  -2.34743  1.000 19.68000 ? 27  LYS B CE  1 
ATOM   862  N NZ  . LYS B 1 54  ? 19.56374  -8.61006  -1.61090  1.000 28.58000 ? 27  LYS B NZ  1 
ATOM   863  N N   . ALA B 1 55  ? 19.89990  -0.58157  -1.52542  1.000 19.84000 ? 28  ALA B N   1 
ATOM   864  C CA  . ALA B 1 55  ? 20.19329  0.59795   -0.70789  1.000 17.92000 ? 28  ALA B CA  1 
ATOM   865  C C   . ALA B 1 55  ? 19.13828  1.68525   -0.89959  1.000 19.58000 ? 28  ALA B C   1 
ATOM   866  O O   . ALA B 1 55  ? 18.73501  2.33974   0.06810   1.000 20.35000 ? 28  ALA B O   1 
ATOM   867  C CB  . ALA B 1 55  ? 21.58661  1.13840   -1.03641  1.000 19.53000 ? 28  ALA B CB  1 
ATOM   868  N N   . LYS B 1 56  ? 18.68581  1.89896   -2.14143  1.000 15.83000 ? 29  LYS B N   1 
ATOM   869  C CA  . LYS B 1 56  ? 17.61244  2.86186   -2.39444  1.000 17.16000 ? 29  LYS B CA  1 
ATOM   870  C C   . LYS B 1 56  ? 16.32209  2.44889   -1.70073  1.000 19.98000 ? 29  LYS B C   1 
ATOM   871  O O   . LYS B 1 56  ? 15.58818  3.29424   -1.17009  1.000 17.57000 ? 29  LYS B O   1 
ATOM   872  C CB  . LYS B 1 56  ? 17.36647  3.00062   -3.89741  1.000 18.70000 ? 29  LYS B CB  1 
ATOM   873  C CG  . LYS B 1 56  ? 18.51706  3.57992   -4.68276  1.000 24.14000 ? 29  LYS B CG  1 
ATOM   874  C CD  . LYS B 1 56  ? 18.06107  3.88187   -6.10600  1.000 26.80000 ? 29  LYS B CD  1 
ATOM   875  C CE  . LYS B 1 56  ? 19.23189  4.22696   -7.01697  1.000 34.82000 ? 29  LYS B CE  1 
ATOM   876  N NZ  . LYS B 1 56  ? 19.85749  5.51508   -6.61539  1.000 34.55000 ? 29  LYS B NZ  1 
ATOM   877  N N   . ILE B 1 57  ? 16.00882  1.15353   -1.72328  1.000 18.69000 ? 30  ILE B N   1 
ATOM   878  C CA  . ILE B 1 57  ? 14.82153  0.68556   -1.01928  1.000 16.08000 ? 30  ILE B CA  1 
ATOM   879  C C   . ILE B 1 57  ? 14.96985  0.92496   0.47546   1.000 19.63000 ? 30  ILE B C   1 
ATOM   880  O O   . ILE B 1 57  ? 14.00959  1.30841   1.15459   1.000 20.76000 ? 30  ILE B O   1 
ATOM   881  C CB  . ILE B 1 57  ? 14.54878  -0.79676  -1.34425  1.000 18.81000 ? 30  ILE B CB  1 
ATOM   882  C CG1 . ILE B 1 57  ? 14.08980  -0.91869  -2.80207  1.000 18.41000 ? 30  ILE B CG1 1 
ATOM   883  C CG2 . ILE B 1 57  ? 13.51132  -1.36958  -0.39036  1.000 18.14000 ? 30  ILE B CG2 1 
ATOM   884  C CD1 . ILE B 1 57  ? 14.00488  -2.38039  -3.31188  1.000 16.68000 ? 30  ILE B CD1 1 
ATOM   885  N N   . GLN B 1 58  ? 16.17897  0.72644   1.00723   1.000 17.89000 ? 31  GLN B N   1 
ATOM   886  C CA  . GLN B 1 58  ? 16.40549  0.96337   2.43261   1.000 19.09000 ? 31  GLN B CA  1 
ATOM   887  C C   . GLN B 1 58  ? 16.19241  2.43224   2.78830   1.000 21.40000 ? 31  GLN B C   1 
ATOM   888  O O   . GLN B 1 58  ? 15.56445  2.74879   3.80671   1.000 21.15000 ? 31  GLN B O   1 
ATOM   889  C CB  . GLN B 1 58  ? 17.81633  0.52777   2.82241   1.000 19.04000 ? 31  GLN B CB  1 
ATOM   890  C CG  . GLN B 1 58  ? 18.15788  0.79992   4.32146   1.000 20.19000 ? 31  GLN B CG  1 
ATOM   891  C CD  . GLN B 1 58  ? 19.47521  0.17114   4.71977   1.000 25.75000 ? 31  GLN B CD  1 
ATOM   892  O OE1 . GLN B 1 58  ? 20.44877  0.24516   3.97593   1.000 24.92000 ? 31  GLN B OE1 1 
ATOM   893  N NE2 . GLN B 1 58  ? 19.50942  -0.46867  5.88704   1.000 26.07000 ? 31  GLN B NE2 1 
ATOM   894  N N   . GLU B 1 59  ? 16.69395  3.34651   1.95056   1.000 21.23000 ? 32  GLU B N   1 
ATOM   895  C CA  . GLU B 1 59  ? 16.49178  4.76946   2.21607   1.000 21.11000 ? 32  GLU B CA  1 
ATOM   896  C C   . GLU B 1 59  ? 15.00981  5.12361   2.23910   1.000 25.43000 ? 32  GLU B C   1 
ATOM   897  O O   . GLU B 1 59  ? 14.58001  5.96545   3.03832   1.000 24.99000 ? 32  GLU B O   1 
ATOM   898  C CB  . GLU B 1 59  ? 17.22750  5.62157   1.17548   1.000 19.90000 ? 32  GLU B CB  1 
ATOM   899  C CG  . GLU B 1 59  ? 18.75358  5.45208   1.19482   1.000 21.52000 ? 32  GLU B CG  1 
ATOM   900  C CD  . GLU B 1 59  ? 19.41133  6.07870   2.42829   1.000 26.66000 ? 32  GLU B CD  1 
ATOM   901  O OE1 . GLU B 1 59  ? 18.69089  6.64031   3.27315   1.000 29.76000 ? 32  GLU B OE1 1 
ATOM   902  O OE2 . GLU B 1 59  ? 20.64739  5.99255   2.55872   1.000 30.92000 ? 32  GLU B OE2 1 
ATOM   903  N N   . LYS B 1 60  ? 14.21792  4.51043   1.35221   1.000 19.61000 ? 33  LYS B N   1 
ATOM   904  C CA  . LYS B 1 60  ? 12.79100  4.81287   1.25347   1.000 21.39000 ? 33  LYS B CA  1 
ATOM   905  C C   . LYS B 1 60  ? 11.97200  4.10945   2.32921   1.000 31.02000 ? 33  LYS B C   1 
ATOM   906  O O   . LYS B 1 60  ? 10.97445  4.66360   2.80758   1.000 27.57000 ? 33  LYS B O   1 
ATOM   907  C CB  . LYS B 1 60  ? 12.25509  4.41610   -0.12300  1.000 25.26000 ? 33  LYS B CB  1 
ATOM   908  C CG  . LYS B 1 60  ? 12.80790  5.17211   -1.31123  1.000 41.19000 ? 33  LYS B CG  1 
ATOM   909  C CD  . LYS B 1 60  ? 11.67778  5.68986   -2.19364  1.000 43.99000 ? 33  LYS B CD  1 
ATOM   910  C CE  . LYS B 1 60  ? 12.09611  6.92071   -2.98663  1.000 51.36000 ? 33  LYS B CE  1 
ATOM   911  N NZ  . LYS B 1 60  ? 13.35554  6.67126   -3.74828  1.000 45.25000 ? 33  LYS B NZ  1 
ATOM   912  N N   . GLU B 1 61  ? 12.34607  2.87644   2.69840   1.000 24.91000 ? 34  GLU B N   1 
ATOM   913  C CA  . GLU B 1 61  ? 11.50260  2.04639   3.55250   1.000 27.08000 ? 34  GLU B CA  1 
ATOM   914  C C   . GLU B 1 61  ? 12.13059  1.61097   4.86358   1.000 23.25000 ? 34  GLU B C   1 
ATOM   915  O O   . GLU B 1 61  ? 11.40577  1.09489   5.72233   1.000 25.47000 ? 34  GLU B O   1 
ATOM   916  C CB  . GLU B 1 61  ? 11.05808  0.77971   2.80628   1.000 26.06000 ? 34  GLU B CB  1 
ATOM   917  C CG  . GLU B 1 61  ? 10.48888  1.05683   1.44213   1.000 25.24000 ? 34  GLU B CG  1 
ATOM   918  C CD  . GLU B 1 61  ? 9.18350   1.82041   1.50076   1.000 31.23000 ? 34  GLU B CD  1 
ATOM   919  O OE1 . GLU B 1 61  ? 8.50638   1.79081   2.55242   1.000 33.07000 ? 34  GLU B OE1 1 
ATOM   920  O OE2 . GLU B 1 61  ? 8.85805   2.48697   0.50241   1.000 32.70000 ? 34  GLU B OE2 1 
ATOM   921  N N   . GLY B 1 62  ? 13.43905  1.77385   5.04767   1.000 22.61000 ? 35  GLY B N   1 
ATOM   922  C CA  . GLY B 1 62  ? 14.06015  1.31264   6.27439   1.000 27.01000 ? 35  GLY B CA  1 
ATOM   923  C C   . GLY B 1 62  ? 14.20568  -0.19008  6.39391   1.000 24.20000 ? 35  GLY B C   1 
ATOM   924  O O   . GLY B 1 62  ? 14.36528  -0.69787  7.50410   1.000 25.47000 ? 35  GLY B O   1 
ATOM   925  N N   . ILE B 1 63  ? 14.11981  -0.91651  5.28612   1.000 24.11000 ? 36  ILE B N   1 
ATOM   926  C CA  . ILE B 1 63  ? 14.33021  -2.36510  5.25314   1.000 18.44000 ? 36  ILE B CA  1 
ATOM   927  C C   . ILE B 1 63  ? 15.78852  -2.61229  4.88101   1.000 19.90000 ? 36  ILE B C   1 
ATOM   928  O O   . ILE B 1 63  ? 16.21960  -2.17488  3.80317   1.000 21.56000 ? 36  ILE B O   1 
ATOM   929  C CB  . ILE B 1 63  ? 13.39793  -3.03825  4.23438   1.000 20.68000 ? 36  ILE B CB  1 
ATOM   930  C CG1 . ILE B 1 63  ? 11.94080  -2.76438  4.57149   1.000 24.56000 ? 36  ILE B CG1 1 
ATOM   931  C CG2 . ILE B 1 63  ? 13.67580  -4.54938  4.10800   1.000 19.23000 ? 36  ILE B CG2 1 
ATOM   932  C CD1 . ILE B 1 63  ? 11.06092  -2.83730  3.34506   1.000 26.88000 ? 36  ILE B CD1 1 
ATOM   933  N N   . PRO B 1 64  ? 16.56388  -3.32219  5.70530   1.000 21.93000 ? 37  PRO B N   1 
ATOM   934  C CA  . PRO B 1 64  ? 17.97344  -3.53927  5.36817   1.000 24.11000 ? 37  PRO B CA  1 
ATOM   935  C C   . PRO B 1 64  ? 18.12437  -4.40633  4.13650   1.000 17.97000 ? 37  PRO B C   1 
ATOM   936  O O   . PRO B 1 64  ? 17.29655  -5.29923  3.87966   1.000 19.58000 ? 37  PRO B O   1 
ATOM   937  C CB  . PRO B 1 64  ? 18.53691  -4.23701  6.62105   1.000 29.22000 ? 37  PRO B CB  1 
ATOM   938  C CG  . PRO B 1 64  ? 17.39087  -4.60615  7.46497   1.000 31.76000 ? 37  PRO B CG  1 
ATOM   939  C CD  . PRO B 1 64  ? 16.15303  -3.94494  6.97371   1.000 30.74000 ? 37  PRO B CD  1 
ATOM   940  N N   . PRO B 1 65  ? 19.19489  -4.21033  3.35478   1.000 23.46000 ? 38  PRO B N   1 
ATOM   941  C CA  . PRO B 1 65  ? 19.39348  -5.01881  2.14051   1.000 22.44000 ? 38  PRO B CA  1 
ATOM   942  C C   . PRO B 1 65  ? 19.38579  -6.51438  2.38988   1.000 21.70000 ? 38  PRO B C   1 
ATOM   943  O O   . PRO B 1 65  ? 18.89287  -7.26630  1.53822   1.000 20.96000 ? 38  PRO B O   1 
ATOM   944  C CB  . PRO B 1 65  ? 20.76507  -4.54098  1.64607   1.000 22.72000 ? 38  PRO B CB  1 
ATOM   945  C CG  . PRO B 1 65  ? 20.77483  -3.08969  2.05621   1.000 25.84000 ? 38  PRO B CG  1 
ATOM   946  C CD  . PRO B 1 65  ? 20.20469  -3.13983  3.45978   1.000 28.68000 ? 38  PRO B CD  1 
ATOM   947  N N   . ASP B 1 66  ? 19.89355  -6.97697  3.53897   1.000 24.67000 ? 39  ASP B N   1 
ATOM   948  C CA  . ASP B 1 66  ? 19.92923  -8.41490  3.77769   1.000 27.71000 ? 39  ASP B CA  1 
ATOM   949  C C   . ASP B 1 66  ? 18.54980  -8.99330  4.09438   1.000 25.87000 ? 39  ASP B C   1 
ATOM   950  O O   . ASP B 1 66  ? 18.39922  -10.22001 4.12279   1.000 28.80000 ? 39  ASP B O   1 
ATOM   951  C CB  . ASP B 1 66  ? 20.94799  -8.74742  4.88789   1.000 28.19000 ? 39  ASP B CB  1 
ATOM   952  C CG  . ASP B 1 66  ? 20.56434  -8.18578  6.25623   1.000 34.79000 ? 39  ASP B CG  1 
ATOM   953  O OD1 . ASP B 1 66  ? 19.45640  -7.62878  6.41792   1.000 36.21000 ? 39  ASP B OD1 1 
ATOM   954  O OD2 . ASP B 1 66  ? 21.38637  -8.31212  7.18925   1.000 49.08000 ? 39  ASP B OD2 1 
ATOM   955  N N   . GLN B 1 67  ? 17.53951  -8.15034  4.31879   1.000 20.39000 ? 40  GLN B N   1 
ATOM   956  C CA  . GLN B 1 67  ? 16.16233  -8.60046  4.47037   1.000 20.92000 ? 40  GLN B CA  1 
ATOM   957  C C   . GLN B 1 67  ? 15.38251  -8.51640  3.16324   1.000 20.77000 ? 40  GLN B C   1 
ATOM   958  O O   . GLN B 1 67  ? 14.18089  -8.78879  3.15630   1.000 22.03000 ? 40  GLN B O   1 
ATOM   959  C CB  . GLN B 1 67  ? 15.43043  -7.79023  5.55145   1.000 23.97000 ? 40  GLN B CB  1 
ATOM   960  C CG  . GLN B 1 67  ? 15.95576  -7.97430  6.98497   1.000 33.33000 ? 40  GLN B CG  1 
ATOM   961  C CD  . GLN B 1 67  ? 15.10572  -7.24204  8.03823   1.000 34.80000 ? 40  GLN B CD  1 
ATOM   962  O OE1 . GLN B 1 67  ? 14.15833  -6.51423  7.70707   1.000 33.65000 ? 40  GLN B OE1 1 
ATOM   963  N NE2 . GLN B 1 67  ? 15.45040  -7.42917  9.30860   1.000 42.24000 ? 40  GLN B NE2 1 
ATOM   964  N N   . GLN B 1 68  ? 16.03665  -8.15282  2.06021   1.000 18.25000 ? 41  GLN B N   1 
ATOM   965  C CA  . GLN B 1 68  ? 15.36927  -7.95085  0.77995   1.000 16.75000 ? 41  GLN B CA  1 
ATOM   966  C C   . GLN B 1 68  ? 15.76243  -9.05422  -0.19860  1.000 16.37000 ? 41  GLN B C   1 
ATOM   967  O O   . GLN B 1 68  ? 16.95588  -9.33243  -0.37488  1.000 19.82000 ? 41  GLN B O   1 
ATOM   968  C CB  . GLN B 1 68  ? 15.74859  -6.60236  0.16952   1.000 17.95000 ? 41  GLN B CB  1 
ATOM   969  C CG  . GLN B 1 68  ? 15.41258  -5.38963  1.01735   1.000 16.89000 ? 41  GLN B CG  1 
ATOM   970  C CD  . GLN B 1 68  ? 15.86276  -4.11272  0.32250   1.000 19.39000 ? 41  GLN B CD  1 
ATOM   971  O OE1 . GLN B 1 68  ? 15.87002  -4.03620  -0.90976  1.000 18.48000 ? 41  GLN B OE1 1 
ATOM   972  N NE2 . GLN B 1 68  ? 16.31489  -3.13487  1.10388   1.000 18.41000 ? 41  GLN B NE2 1 
ATOM   973  N N   . ARG B 1 69  ? 14.76772  -9.65909  -0.83828  1.000 17.21000 ? 42  ARG B N   1 
ATOM   974  C CA  . ARG B 1 69  ? 14.96663  -10.43510 -2.05972  1.000 19.67000 ? 42  ARG B CA  1 
ATOM   975  C C   . ARG B 1 69  ? 14.30470  -9.68313  -3.20184  1.000 17.51000 ? 42  ARG B C   1 
ATOM   976  O O   . ARG B 1 69  ? 13.12498  -9.32741  -3.10920  1.000 18.70000 ? 42  ARG B O   1 
ATOM   977  C CB  . ARG B 1 69  ? 14.32652  -11.81920 -1.98080  1.000 19.12000 ? 42  ARG B CB  1 
ATOM   978  C CG  . ARG B 1 69  ? 14.66287  -12.64359 -0.76535  1.000 21.14000 ? 42  ARG B CG  1 
ATOM   979  C CD  . ARG B 1 69  ? 14.03895  -14.02991 -0.97393  1.000 24.30000 ? 42  ARG B CD  1 
ATOM   980  N NE  . ARG B 1 69  ? 14.20673  -14.90505 0.18043   1.000 25.55000 ? 42  ARG B NE  1 
ATOM   981  C CZ  . ARG B 1 69  ? 15.23023  -15.72544 0.35652   1.000 30.40000 ? 42  ARG B CZ  1 
ATOM   982  N NH1 . ARG B 1 69  ? 16.24691  -15.74331 -0.48495  1.000 20.73000 ? 42  ARG B NH1 1 
ATOM   983  N NH2 . ARG B 1 69  ? 15.23063  -16.54719 1.40502   1.000 26.91000 ? 42  ARG B NH2 1 
ATOM   984  N N   . LEU B 1 70  ? 15.04390  -9.45148  -4.27398  1.000 15.68000 ? 43  LEU B N   1 
ATOM   985  C CA  . LEU B 1 70  ? 14.49277  -8.81769  -5.46665  1.000 14.73000 ? 43  LEU B CA  1 
ATOM   986  C C   . LEU B 1 70  ? 14.38282  -9.90026  -6.52854  1.000 16.79000 ? 43  LEU B C   1 
ATOM   987  O O   . LEU B 1 70  ? 15.37440  -10.57638 -6.82793  1.000 19.60000 ? 43  LEU B O   1 
ATOM   988  C CB  . LEU B 1 70  ? 15.38266  -7.66351  -5.93172  1.000 17.10000 ? 43  LEU B CB  1 
ATOM   989  C CG  . LEU B 1 70  ? 15.34886  -6.47287  -4.95950  1.000 18.32000 ? 43  LEU B CG  1 
ATOM   990  C CD1 . LEU B 1 70  ? 16.32297  -5.36946  -5.38623  1.000 18.80000 ? 43  LEU B CD1 1 
ATOM   991  C CD2 . LEU B 1 70  ? 13.92566  -5.92839  -4.82224  1.000 22.21000 ? 43  LEU B CD2 1 
ATOM   992  N N   . ILE B 1 71  ? 13.17536  -10.10553 -7.04647  1.000 20.31000 ? 44  ILE B N   1 
ATOM   993  C CA  . ILE B 1 71  ? 12.89321  -11.17269 -8.00021  1.000 19.90000 ? 44  ILE B CA  1 
ATOM   994  C C   . ILE B 1 71  ? 12.48133  -10.53275 -9.31622  1.000 19.83000 ? 44  ILE B C   1 
ATOM   995  O O   . ILE B 1 71  ? 11.64657  -9.61533  -9.33725  1.000 19.87000 ? 44  ILE B O   1 
ATOM   996  C CB  . ILE B 1 71  ? 11.78415  -12.12911 -7.50876  1.000 19.49000 ? 44  ILE B CB  1 
ATOM   997  C CG1 . ILE B 1 71  ? 11.96945  -12.52477 -6.04140  1.000 27.63000 ? 44  ILE B CG1 1 
ATOM   998  C CG2 . ILE B 1 71  ? 11.68802  -13.35124 -8.42285  1.000 21.49000 ? 44  ILE B CG2 1 
ATOM   999  C CD1 . ILE B 1 71  ? 13.19975  -13.30416 -5.77323  1.000 31.70000 ? 44  ILE B CD1 1 
ATOM   1000 N N   . PHE B 1 72  ? 13.04995  -11.02388 -10.41198 1.000 21.34000 ? 45  PHE B N   1 
ATOM   1001 C CA  . PHE B 1 72  ? 12.65441  -10.56116 -11.73558 1.000 25.34000 ? 45  PHE B CA  1 
ATOM   1002 C C   . PHE B 1 72  ? 12.73909  -11.74917 -12.67781 1.000 25.80000 ? 45  PHE B C   1 
ATOM   1003 O O   . PHE B 1 72  ? 13.77159  -12.41833 -12.72071 1.000 21.86000 ? 45  PHE B O   1 
ATOM   1004 C CB  . PHE B 1 72  ? 13.55481  -9.40751  -12.20926 1.000 23.46000 ? 45  PHE B CB  1 
ATOM   1005 C CG  . PHE B 1 72  ? 13.15918  -8.82761  -13.53740 1.000 25.10000 ? 45  PHE B CG  1 
ATOM   1006 C CD1 . PHE B 1 72  ? 11.98998  -8.09548  -13.66495 1.000 26.20000 ? 45  PHE B CD1 1 
ATOM   1007 C CD2 . PHE B 1 72  ? 13.96174  -9.00467  -14.65418 1.000 26.63000 ? 45  PHE B CD2 1 
ATOM   1008 C CE1 . PHE B 1 72  ? 11.61639  -7.55391  -14.89117 1.000 31.20000 ? 45  PHE B CE1 1 
ATOM   1009 C CE2 . PHE B 1 72  ? 13.60166  -8.46073  -15.88123 1.000 25.94000 ? 45  PHE B CE2 1 
ATOM   1010 C CZ  . PHE B 1 72  ? 12.42424  -7.73906  -16.00017 1.000 25.68000 ? 45  PHE B CZ  1 
ATOM   1011 N N   . ALA B 1 73  ? 11.64892  -12.03212 -13.39561 1.000 20.72000 ? 46  ALA B N   1 
ATOM   1012 C CA  . ALA B 1 73  ? 11.62484  -13.11493 -14.38717 1.000 27.52000 ? 46  ALA B CA  1 
ATOM   1013 C C   . ALA B 1 73  ? 12.06457  -14.45137 -13.77722 1.000 25.99000 ? 46  ALA B C   1 
ATOM   1014 O O   . ALA B 1 73  ? 12.87374  -15.19065 -14.34687 1.000 25.09000 ? 46  ALA B O   1 
ATOM   1015 C CB  . ALA B 1 73  ? 12.48599  -12.75379 -15.60030 1.000 28.60000 ? 46  ALA B CB  1 
ATOM   1016 N N   . GLY B 1 74  ? 11.53927  -14.74922 -12.59136 1.000 28.79000 ? 47  GLY B N   1 
ATOM   1017 C CA  . GLY B 1 74  ? 11.79211  -16.03530 -11.97124 1.000 28.93000 ? 47  GLY B CA  1 
ATOM   1018 C C   . GLY B 1 74  ? 13.18973  -16.21654 -11.42746 1.000 34.13000 ? 47  GLY B C   1 
ATOM   1019 O O   . GLY B 1 74  ? 13.61814  -17.35113 -11.20685 1.000 29.86000 ? 47  GLY B O   1 
ATOM   1020 N N   . LYS B 1 75  ? 13.91902  -15.12633 -11.20721 1.000 22.72000 ? 48  LYS B N   1 
ATOM   1021 C CA  . LYS B 1 75  ? 15.29370  -15.19067 -10.73368 1.000 27.45000 ? 48  LYS B CA  1 
ATOM   1022 C C   . LYS B 1 75  ? 15.45080  -14.22992 -9.56823  1.000 22.45000 ? 48  LYS B C   1 
ATOM   1023 O O   . LYS B 1 75  ? 14.99090  -13.08298 -9.64589  1.000 23.27000 ? 48  LYS B O   1 
ATOM   1024 C CB  . LYS B 1 75  ? 16.26851  -14.81009 -11.85957 1.000 27.78000 ? 48  LYS B CB  1 
ATOM   1025 C CG  . LYS B 1 75  ? 17.66518  -15.36229 -11.72505 1.000 46.29000 ? 48  LYS B CG  1 
ATOM   1026 C CD  . LYS B 1 75  ? 18.32420  -15.37004 -13.09264 1.000 55.61000 ? 48  LYS B CD  1 
ATOM   1027 C CE  . LYS B 1 75  ? 18.64490  -16.77210 -13.57825 1.000 43.97000 ? 48  LYS B CE  1 
ATOM   1028 N NZ  . LYS B 1 75  ? 19.73604  -16.70925 -14.59081 1.000 43.21000 ? 48  LYS B NZ  1 
ATOM   1029 N N   . GLN B 1 76  ? 16.10900  -14.68192 -8.50170  1.000 20.64000 ? 49  GLN B N   1 
ATOM   1030 C CA  . GLN B 1 76  ? 16.53177  -13.75642 -7.46132  1.000 20.80000 ? 49  GLN B CA  1 
ATOM   1031 C C   . GLN B 1 76  ? 17.77382  -13.02066 -7.93955  1.000 21.53000 ? 49  GLN B C   1 
ATOM   1032 O O   . GLN B 1 76  ? 18.78465  -13.64631 -8.28309  1.000 25.73000 ? 49  GLN B O   1 
ATOM   1033 C CB  . GLN B 1 76  ? 16.83402  -14.47567 -6.14931  1.000 20.78000 ? 49  GLN B CB  1 
ATOM   1034 C CG  . GLN B 1 76  ? 17.30762  -13.51438 -5.04911  1.000 20.05000 ? 49  GLN B CG  1 
ATOM   1035 C CD  . GLN B 1 76  ? 17.48722  -14.21215 -3.71443  1.000 21.66000 ? 49  GLN B CD  1 
ATOM   1036 O OE1 . GLN B 1 76  ? 16.54526  -14.32314 -2.93823  1.000 28.62000 ? 49  GLN B OE1 1 
ATOM   1037 N NE2 . GLN B 1 76  ? 18.69120  -14.72137 -3.46109  1.000 22.99000 ? 49  GLN B NE2 1 
ATOM   1038 N N   . LEU B 1 77  ? 17.70524  -11.69564 -7.95053  1.000 18.56000 ? 50  LEU B N   1 
ATOM   1039 C CA  . LEU B 1 77  ? 18.79058  -10.89558 -8.49951  1.000 18.52000 ? 50  LEU B CA  1 
ATOM   1040 C C   . LEU B 1 77  ? 19.97037  -10.85031 -7.53363  1.000 19.62000 ? 50  LEU B C   1 
ATOM   1041 O O   . LEU B 1 77  ? 19.79548  -10.73493 -6.31969  1.000 19.65000 ? 50  LEU B O   1 
ATOM   1042 C CB  . LEU B 1 77  ? 18.29163  -9.48363  -8.80944  1.000 17.53000 ? 50  LEU B CB  1 
ATOM   1043 C CG  . LEU B 1 77  ? 17.00827  -9.50477  -9.65232  1.000 17.35000 ? 50  LEU B CG  1 
ATOM   1044 C CD1 . LEU B 1 77  ? 16.55411  -8.08688  -10.00756 1.000 23.61000 ? 50  LEU B CD1 1 
ATOM   1045 C CD2 . LEU B 1 77  ? 17.17332  -10.36729 -10.91347 1.000 20.39000 ? 50  LEU B CD2 1 
ATOM   1046 N N   . GLU B 1 78  ? 21.18074  -10.93911 -8.08191  1.000 21.14000 ? 51  GLU B N   1 
ATOM   1047 C CA  . GLU B 1 78  ? 22.39969  -10.98637 -7.27882  1.000 21.35000 ? 51  GLU B CA  1 
ATOM   1048 C C   . GLU B 1 78  ? 22.94981  -9.58652  -7.04215  1.000 22.31000 ? 51  GLU B C   1 
ATOM   1049 O O   . GLU B 1 78  ? 23.03154  -8.77842  -7.97241  1.000 22.39000 ? 51  GLU B O   1 
ATOM   1050 C CB  . GLU B 1 78  ? 23.46198  -11.84632 -7.96910  1.000 24.18000 ? 51  GLU B CB  1 
ATOM   1051 C CG  . GLU B 1 78  ? 22.96101  -13.25032 -8.27265  1.000 32.36000 ? 51  GLU B CG  1 
ATOM   1052 C CD  . GLU B 1 78  ? 23.88258  -14.05054 -9.17431  1.000 49.64000 ? 51  GLU B CD  1 
ATOM   1053 O OE1 . GLU B 1 78  ? 25.05109  -13.65533 -9.38564  1.000 47.63000 ? 51  GLU B OE1 1 
ATOM   1054 O OE2 . GLU B 1 78  ? 23.41019  -15.07819 -9.69446  1.000 58.59000 ? 51  GLU B OE2 1 
ATOM   1055 N N   . ASP B 1 79  ? 23.38334  -9.33790  -5.79658  1.000 21.01000 ? 52  ASP B N   1 
ATOM   1056 C CA  . ASP B 1 79  ? 23.75268  -7.99308  -5.34960  1.000 24.08000 ? 52  ASP B CA  1 
ATOM   1057 C C   . ASP B 1 79  ? 24.79669  -7.34527  -6.24972  1.000 24.14000 ? 52  ASP B C   1 
ATOM   1058 O O   . ASP B 1 79  ? 24.75836  -6.13102  -6.48212  1.000 21.62000 ? 52  ASP B O   1 
ATOM   1059 C CB  . ASP B 1 79  ? 24.30510  -8.04202  -3.92083  1.000 24.09000 ? 52  ASP B CB  1 
ATOM   1060 C CG  . ASP B 1 79  ? 23.24180  -8.34117  -2.87704  1.000 31.75000 ? 52  ASP B CG  1 
ATOM   1061 O OD1 . ASP B 1 79  ? 22.03084  -8.22618  -3.16877  1.000 25.60000 ? 52  ASP B OD1 1 
ATOM   1062 O OD2 . ASP B 1 79  ? 23.63803  -8.68291  -1.74066  1.000 32.89000 ? 52  ASP B OD2 1 
ATOM   1063 N N   . GLY B 1 80  ? 25.77350  -8.12906  -6.71525  1.000 23.99000 ? 53  GLY B N   1 
ATOM   1064 C CA  . GLY B 1 80  ? 26.88865  -7.58176  -7.46746  1.000 21.79000 ? 53  GLY B CA  1 
ATOM   1065 C C   . GLY B 1 80  ? 26.64924  -7.35567  -8.94411  1.000 25.10000 ? 53  GLY B C   1 
ATOM   1066 O O   . GLY B 1 80  ? 27.47065  -6.69523  -9.58765  1.000 27.01000 ? 53  GLY B O   1 
ATOM   1067 N N   . ARG B 1 81  ? 25.56448  -7.88742  -9.49781  1.000 22.15000 ? 54  ARG B N   1 
ATOM   1068 C CA  . ARG B 1 81  ? 25.23482  -7.69924  -10.90269 1.000 21.41000 ? 54  ARG B CA  1 
ATOM   1069 C C   . ARG B 1 81  ? 24.46034  -6.40094  -11.10516 1.000 23.92000 ? 54  ARG B C   1 
ATOM   1070 O O   . ARG B 1 81  ? 23.97914  -5.77802  -10.15668 1.000 21.38000 ? 54  ARG B O   1 
ATOM   1071 C CB  . ARG B 1 81  ? 24.44145  -8.89681  -11.42055 1.000 24.25000 ? 54  ARG B CB  1 
ATOM   1072 C CG  . ARG B 1 81  ? 25.15323  -10.22731 -11.19823 1.000 30.74000 ? 54  ARG B CG  1 
ATOM   1073 C CD  . ARG B 1 81  ? 25.60269  -10.82455 -12.51159 1.000 40.22000 ? 54  ARG B CD  1 
ATOM   1074 N NE  . ARG B 1 81  ? 24.63553  -11.81469 -12.97127 1.000 57.41000 ? 54  ARG B NE  1 
ATOM   1075 C CZ  . ARG B 1 81  ? 24.39786  -12.11094 -14.24292 1.000 70.36000 ? 54  ARG B CZ  1 
ATOM   1076 N NH1 . ARG B 1 81  ? 25.03699  -11.49578 -15.22905 1.000 50.45000 ? 54  ARG B NH1 1 
ATOM   1077 N NH2 . ARG B 1 81  ? 23.49230  -13.04382 -14.53262 1.000 55.06000 ? 54  ARG B NH2 1 
ATOM   1078 N N   . THR B 1 82  ? 24.34043  -5.99141  -12.36529 1.000 23.47000 ? 55  THR B N   1 
ATOM   1079 C CA  . THR B 1 82  ? 23.69453  -4.73183  -12.71389 1.000 22.06000 ? 55  THR B CA  1 
ATOM   1080 C C   . THR B 1 82  ? 22.29786  -4.96540  -13.28313 1.000 20.88000 ? 55  THR B C   1 
ATOM   1081 O O   . THR B 1 82  ? 21.95568  -6.06251  -13.73530 1.000 21.87000 ? 55  THR B O   1 
ATOM   1082 C CB  . THR B 1 82  ? 24.51661  -3.95013  -13.74204 1.000 23.17000 ? 55  THR B CB  1 
ATOM   1083 O OG1 . THR B 1 82  ? 24.58435  -4.72544  -14.94482 1.000 23.94000 ? 55  THR B OG1 1 
ATOM   1084 C CG2 . THR B 1 82  ? 25.93709  -3.62609  -13.22070 1.000 21.23000 ? 55  THR B CG2 1 
ATOM   1085 N N   . LEU B 1 83  ? 21.49121  -3.90061  -13.25744 1.000 21.08000 ? 56  LEU B N   1 
ATOM   1086 C CA  . LEU B 1 83  ? 20.16134  -3.96890  -13.85434 1.000 24.41000 ? 56  LEU B CA  1 
ATOM   1087 C C   . LEU B 1 83  ? 20.25392  -4.33836  -15.32908 1.000 21.93000 ? 56  LEU B C   1 
ATOM   1088 O O   . LEU B 1 83  ? 19.45280  -5.13672  -15.83439 1.000 22.37000 ? 56  LEU B O   1 
ATOM   1089 C CB  . LEU B 1 83  ? 19.44140  -2.62692  -13.68950 1.000 19.71000 ? 56  LEU B CB  1 
ATOM   1090 C CG  . LEU B 1 83  ? 19.10167  -2.24817  -12.24378 1.000 19.08000 ? 56  LEU B CG  1 
ATOM   1091 C CD1 . LEU B 1 83  ? 18.47849  -0.86466  -12.20684 1.000 20.98000 ? 56  LEU B CD1 1 
ATOM   1092 C CD2 . LEU B 1 83  ? 18.17158  -3.28366  -11.60546 1.000 17.73000 ? 56  LEU B CD2 1 
ATOM   1093 N N   . SER B 1 84  ? 21.24043  -3.76840  -16.03502 1.000 22.32000 ? 57  SER B N   1 
ATOM   1094 C CA  A SER B 1 84  ? 21.38429  -4.06447  -17.45623 0.770 24.26000 ? 57  SER B CA  1 
ATOM   1095 C CA  B SER B 1 84  ? 21.40976  -4.06254  -17.45509 0.230 25.13000 ? 57  SER B CA  1 
ATOM   1096 C C   . SER B 1 84  ? 21.69336  -5.53737  -17.69245 1.000 25.54000 ? 57  SER B C   1 
ATOM   1097 O O   . SER B 1 84  ? 21.27083  -6.09568  -18.71122 1.000 22.05000 ? 57  SER B O   1 
ATOM   1098 C CB  A SER B 1 84  ? 22.46748  -3.18196  -18.07454 0.770 25.90000 ? 57  SER B CB  1 
ATOM   1099 C CB  B SER B 1 84  ? 22.53831  -3.21349  -18.04060 0.230 25.99000 ? 57  SER B CB  1 
ATOM   1100 O OG  A SER B 1 84  ? 23.74205  -3.49615  -17.55388 0.770 24.95000 ? 57  SER B OG  1 
ATOM   1101 O OG  B SER B 1 84  ? 22.65661  -3.42447  -19.43741 0.230 28.69000 ? 57  SER B OG  1 
ATOM   1102 N N   . ASP B 1 85  ? 22.40627  -6.18317  -16.76072 1.000 20.46000 ? 58  ASP B N   1 
ATOM   1103 C CA  . ASP B 1 85  ? 22.68140  -7.61371  -16.87484 1.000 23.60000 ? 58  ASP B CA  1 
ATOM   1104 C C   . ASP B 1 85  ? 21.39489  -8.42002  -16.99457 1.000 25.16000 ? 58  ASP B C   1 
ATOM   1105 O O   . ASP B 1 85  ? 21.36221  -9.45421  -17.66959 1.000 24.93000 ? 58  ASP B O   1 
ATOM   1106 C CB  . ASP B 1 85  ? 23.47090  -8.11057  -15.65612 1.000 23.03000 ? 58  ASP B CB  1 
ATOM   1107 C CG  . ASP B 1 85  ? 24.92469  -7.69903  -15.67552 1.000 31.51000 ? 58  ASP B CG  1 
ATOM   1108 O OD1 . ASP B 1 85  ? 25.44133  -7.32571  -16.74796 1.000 27.59000 ? 58  ASP B OD1 1 
ATOM   1109 O OD2 . ASP B 1 85  ? 25.55527  -7.75567  -14.59850 1.000 28.83000 ? 58  ASP B OD2 1 
ATOM   1110 N N   . TYR B 1 86  ? 20.33016  -7.96619  -16.34232 1.000 21.85000 ? 59  TYR B N   1 
ATOM   1111 C CA  . TYR B 1 86  ? 19.07826  -8.69923  -16.26434 1.000 22.77000 ? 59  TYR B CA  1 
ATOM   1112 C C   . TYR B 1 86  ? 18.04329  -8.21046  -17.26533 1.000 24.69000 ? 59  TYR B C   1 
ATOM   1113 O O   . TYR B 1 86  ? 16.88317  -8.63185  -17.18714 1.000 19.48000 ? 59  TYR B O   1 
ATOM   1114 C CB  . TYR B 1 86  ? 18.51404  -8.60749  -14.84160 1.000 25.71000 ? 59  TYR B CB  1 
ATOM   1115 C CG  . TYR B 1 86  ? 19.34679  -9.33987  -13.80892 1.000 22.07000 ? 59  TYR B CG  1 
ATOM   1116 C CD1 . TYR B 1 86  ? 19.38224  -10.72779 -13.77286 1.000 25.29000 ? 59  TYR B CD1 1 
ATOM   1117 C CD2 . TYR B 1 86  ? 20.09684  -8.63911  -12.86774 1.000 19.09000 ? 59  TYR B CD2 1 
ATOM   1118 C CE1 . TYR B 1 86  ? 20.14166  -11.40287 -12.82715 1.000 26.99000 ? 59  TYR B CE1 1 
ATOM   1119 C CE2 . TYR B 1 86  ? 20.86462  -9.30491  -11.91240 1.000 19.77000 ? 59  TYR B CE2 1 
ATOM   1120 C CZ  . TYR B 1 86  ? 20.87865  -10.68715 -11.90305 1.000 27.28000 ? 59  TYR B CZ  1 
ATOM   1121 O OH  . TYR B 1 86  ? 21.62314  -11.35623 -10.96293 1.000 22.31000 ? 59  TYR B OH  1 
ATOM   1122 N N   . ASN B 1 87  ? 18.42808  -7.33409  -18.20294 1.000 23.81000 ? 60  ASN B N   1 
ATOM   1123 C CA  . ASN B 1 87  ? 17.49247  -6.81089  -19.20317 1.000 25.67000 ? 60  ASN B CA  1 
ATOM   1124 C C   . ASN B 1 87  ? 16.34746  -6.04256  -18.53775 1.000 21.52000 ? 60  ASN B C   1 
ATOM   1125 O O   . ASN B 1 87  ? 15.19959  -6.06681  -18.99432 1.000 23.06000 ? 60  ASN B O   1 
ATOM   1126 C CB  . ASN B 1 87  ? 16.95748  -7.93685  -20.10130 1.000 24.21000 ? 60  ASN B CB  1 
ATOM   1127 C CG  . ASN B 1 87  ? 16.24595  -7.41809  -21.34696 1.000 27.38000 ? 60  ASN B CG  1 
ATOM   1128 O OD1 . ASN B 1 87  ? 16.46007  -6.28213  -21.77839 1.000 25.20000 ? 60  ASN B OD1 1 
ATOM   1129 N ND2 . ASN B 1 87  ? 15.38928  -8.25502  -21.92824 1.000 26.61000 ? 60  ASN B ND2 1 
ATOM   1130 N N   . ILE B 1 88  ? 16.65786  -5.34672  -17.44556 1.000 21.23000 ? 61  ILE B N   1 
ATOM   1131 C CA  . ILE B 1 88  ? 15.65813  -4.53544  -16.75918 1.000 22.27000 ? 61  ILE B CA  1 
ATOM   1132 C C   . ILE B 1 88  ? 15.56572  -3.18591  -17.45941 1.000 25.86000 ? 61  ILE B C   1 
ATOM   1133 O O   . ILE B 1 88  ? 16.54752  -2.44210  -17.54448 1.000 22.49000 ? 61  ILE B O   1 
ATOM   1134 C CB  . ILE B 1 88  ? 15.98863  -4.39754  -15.26167 1.000 23.37000 ? 61  ILE B CB  1 
ATOM   1135 C CG1 . ILE B 1 88  ? 15.74750  -5.75221  -14.58657 1.000 20.64000 ? 61  ILE B CG1 1 
ATOM   1136 C CG2 . ILE B 1 88  ? 15.12848  -3.32568  -14.59822 1.000 19.11000 ? 61  ILE B CG2 1 
ATOM   1137 C CD1 . ILE B 1 88  ? 16.33798  -5.90358  -13.17853 1.000 24.82000 ? 61  ILE B CD1 1 
ATOM   1138 N N   . GLN B 1 89  ? 14.38852  -2.88219  -17.99515 1.000 23.26000 ? 62  GLN B N   1 
ATOM   1139 C CA  . GLN B 1 89  ? 14.19339  -1.68184  -18.79635 1.000 27.12000 ? 62  GLN B CA  1 
ATOM   1140 C C   . GLN B 1 89  ? 13.28469  -0.69760  -18.07881 1.000 27.62000 ? 62  GLN B C   1 
ATOM   1141 O O   . GLN B 1 89  ? 12.75540  -0.96700  -16.99894 1.000 24.92000 ? 62  GLN B O   1 
ATOM   1142 C CB  . GLN B 1 89  ? 13.61837  -2.04353  -20.17151 1.000 27.22000 ? 62  GLN B CB  1 
ATOM   1143 C CG  . GLN B 1 89  ? 14.44962  -3.07633  -20.91742 1.000 21.64000 ? 62  GLN B CG  1 
ATOM   1144 C CD  . GLN B 1 89  ? 15.80395  -2.51905  -21.32615 1.000 23.59000 ? 62  GLN B CD  1 
ATOM   1145 O OE1 . GLN B 1 89  ? 15.98624  -1.29775  -21.41848 1.000 27.91000 ? 62  GLN B OE1 1 
ATOM   1146 N NE2 . GLN B 1 89  ? 16.78010  -3.40919  -21.51896 1.000 26.67000 ? 62  GLN B NE2 1 
ATOM   1147 N N   . LYS B 1 90  ? 13.13280  0.46564   -18.70273 1.000 25.08000 ? 63  LYS B N   1 
ATOM   1148 C CA  . LYS B 1 90  ? 12.20515  1.47184   -18.22094 1.000 28.11000 ? 63  LYS B CA  1 
ATOM   1149 C C   . LYS B 1 90  ? 10.81976  0.85988   -18.01626 1.000 25.85000 ? 63  LYS B C   1 
ATOM   1150 O O   . LYS B 1 90  ? 10.31313  0.12805   -18.87381 1.000 27.93000 ? 63  LYS B O   1 
ATOM   1151 C CB  . LYS B 1 90  ? 12.20308  2.64922   -19.21210 1.000 35.84000 ? 63  LYS B CB  1 
ATOM   1152 C CG  . LYS B 1 90  ? 11.17239  2.63367   -20.33994 1.000 49.72000 ? 63  LYS B CG  1 
ATOM   1153 C CD  . LYS B 1 90  ? 11.36918  3.85371   -21.26007 1.000 58.37000 ? 63  LYS B CD  1 
ATOM   1154 C CE  . LYS B 1 90  ? 10.66971  3.69386   -22.61842 1.000 62.61000 ? 63  LYS B CE  1 
ATOM   1155 N NZ  . LYS B 1 90  ? 10.92072  2.37007   -23.26364 1.000 57.35000 ? 63  LYS B NZ  1 
ATOM   1156 N N   . GLU B 1 91  ? 10.24935  1.10528   -16.83363 1.000 24.38000 ? 64  GLU B N   1 
ATOM   1157 C CA  . GLU B 1 91  ? 8.96046   0.57583   -16.37881 1.000 28.21000 ? 64  GLU B CA  1 
ATOM   1158 C C   . GLU B 1 91  ? 8.95445   -0.92867  -16.12883 1.000 23.85000 ? 64  GLU B C   1 
ATOM   1159 O O   . GLU B 1 91  ? 7.87649   -1.51144  -15.96158 1.000 24.50000 ? 64  GLU B O   1 
ATOM   1160 C CB  . GLU B 1 91  ? 7.82153   0.91653   -17.34931 1.000 32.33000 ? 64  GLU B CB  1 
ATOM   1161 C CG  . GLU B 1 91  ? 7.75817   2.37930   -17.73235 1.000 32.25000 ? 64  GLU B CG  1 
ATOM   1162 C CD  . GLU B 1 91  ? 7.86798   3.31288   -16.54203 1.000 32.49000 ? 64  GLU B CD  1 
ATOM   1163 O OE1 . GLU B 1 91  ? 7.38354   2.97062   -15.44101 1.000 33.29000 ? 64  GLU B OE1 1 
ATOM   1164 O OE2 . GLU B 1 91  ? 8.46146   4.39966   -16.70298 1.000 43.55000 ? 64  GLU B OE2 1 
ATOM   1165 N N   . SER B 1 92  ? 10.10991  -1.58526  -16.09581 1.000 21.53000 ? 65  SER B N   1 
ATOM   1166 C CA  . SER B 1 92  ? 10.12813  -2.97998  -15.66152 1.000 22.82000 ? 65  SER B CA  1 
ATOM   1167 C C   . SER B 1 92  ? 9.65849   -3.06769  -14.21345 1.000 25.50000 ? 65  SER B C   1 
ATOM   1168 O O   . SER B 1 92  ? 9.95378   -2.18815  -13.39977 1.000 20.97000 ? 65  SER B O   1 
ATOM   1169 C CB  . SER B 1 92  ? 11.53594  -3.57081  -15.78489 1.000 25.61000 ? 65  SER B CB  1 
ATOM   1170 O OG  . SER B 1 92  ? 11.84121  -3.89409  -17.12794 1.000 25.92000 ? 65  SER B OG  1 
ATOM   1171 N N   . THR B 1 93  ? 8.92886   -4.13555  -13.88095 1.000 23.64000 ? 66  THR B N   1 
ATOM   1172 C CA  . THR B 1 93  ? 8.46519   -4.33965  -12.51234 1.000 21.43000 ? 66  THR B CA  1 
ATOM   1173 C C   . THR B 1 93  ? 9.26021   -5.45916  -11.85793 1.000 26.44000 ? 66  THR B C   1 
ATOM   1174 O O   . THR B 1 93  ? 9.25837   -6.59285  -12.34211 1.000 27.89000 ? 66  THR B O   1 
ATOM   1175 C CB  . THR B 1 93  ? 6.97229   -4.65801  -12.46375 1.000 23.83000 ? 66  THR B CB  1 
ATOM   1176 O OG1 . THR B 1 93  ? 6.71280   -5.86664  -13.19146 1.000 25.81000 ? 66  THR B OG1 1 
ATOM   1177 C CG2 . THR B 1 93  ? 6.19101   -3.50850  -13.07411 1.000 22.99000 ? 66  THR B CG2 1 
ATOM   1178 N N   . LEU B 1 94  ? 9.92747   -5.13348  -10.76035 1.000 20.43000 ? 67  LEU B N   1 
ATOM   1179 C CA  . LEU B 1 94  ? 10.59803  -6.09700  -9.90500  1.000 20.15000 ? 67  LEU B CA  1 
ATOM   1180 C C   . LEU B 1 94  ? 9.65177   -6.46529  -8.76591  1.000 24.33000 ? 67  LEU B C   1 
ATOM   1181 O O   . LEU B 1 94  ? 8.70332   -5.73897  -8.46109  1.000 23.76000 ? 67  LEU B O   1 
ATOM   1182 C CB  . LEU B 1 94  ? 11.89623  -5.49581  -9.34850  1.000 20.36000 ? 67  LEU B CB  1 
ATOM   1183 C CG  . LEU B 1 94  ? 13.13373  -5.41558  -10.24472 1.000 26.46000 ? 67  LEU B CG  1 
ATOM   1184 C CD1 . LEU B 1 94  ? 12.88421  -4.55771  -11.47490 1.000 30.58000 ? 67  LEU B CD1 1 
ATOM   1185 C CD2 . LEU B 1 94  ? 14.29436  -4.84193  -9.43813  1.000 23.96000 ? 67  LEU B CD2 1 
ATOM   1186 N N   . HIS B 1 95  ? 9.90648   -7.60550  -8.13565  1.000 17.93000 ? 68  HIS B N   1 
ATOM   1187 C CA  . HIS B 1 95  ? 9.14534   -8.01265  -6.96191  1.000 19.72000 ? 68  HIS B CA  1 
ATOM   1188 C C   . HIS B 1 95  ? 10.05730  -8.04405  -5.74318  1.000 20.45000 ? 68  HIS B C   1 
ATOM   1189 O O   . HIS B 1 95  ? 11.09830  -8.71249  -5.75162  1.000 20.70000 ? 68  HIS B O   1 
ATOM   1190 C CB  . HIS B 1 95  ? 8.47191   -9.37716  -7.16781  1.000 25.04000 ? 68  HIS B CB  1 
ATOM   1191 C CG  . HIS B 1 95  ? 7.45367   -9.37724  -8.26574  1.000 34.56000 ? 68  HIS B CG  1 
ATOM   1192 N ND1 . HIS B 1 95  ? 6.12846   -9.68514  -8.04635  1.000 54.49000 ? 68  HIS B ND1 1 
ATOM   1193 C CD2 . HIS B 1 95  ? 7.55838   -9.08813  -9.58485  1.000 47.67000 ? 68  HIS B CD2 1 
ATOM   1194 C CE1 . HIS B 1 95  ? 5.46203   -9.59346  -9.18367  1.000 47.71000 ? 68  HIS B CE1 1 
ATOM   1195 N NE2 . HIS B 1 95  ? 6.30637   -9.23256  -10.13360 1.000 42.59000 ? 68  HIS B NE2 1 
ATOM   1196 N N   . LEU B 1 96  ? 9.65267   -7.32380  -4.70099  1.000 19.66000 ? 69  LEU B N   1 
ATOM   1197 C CA  . LEU B 1 96  ? 10.34252  -7.34911  -3.42100  1.000 17.57000 ? 69  LEU B CA  1 
ATOM   1198 C C   . LEU B 1 96  ? 9.68652   -8.38970  -2.53030  1.000 21.05000 ? 69  LEU B C   1 
ATOM   1199 O O   . LEU B 1 96  ? 8.47597   -8.34416  -2.30243  1.000 18.66000 ? 69  LEU B O   1 
ATOM   1200 C CB  . LEU B 1 96  ? 10.28349  -5.98295  -2.74540  1.000 18.05000 ? 69  LEU B CB  1 
ATOM   1201 C CG  . LEU B 1 96  ? 10.83253  -5.94997  -1.31091  1.000 16.65000 ? 69  LEU B CG  1 
ATOM   1202 C CD1 . LEU B 1 96  ? 12.32179  -6.34764  -1.26909  1.000 20.91000 ? 69  LEU B CD1 1 
ATOM   1203 C CD2 . LEU B 1 96  ? 10.61351  -4.57828  -0.67950  1.000 19.23000 ? 69  LEU B CD2 1 
ATOM   1204 N N   . VAL B 1 97  ? 10.48765  -9.31418  -2.01844  1.000 19.00000 ? 70  VAL B N   1 
ATOM   1205 C CA  . VAL B 1 97  ? 10.03155  -10.32179 -1.07331  1.000 18.44000 ? 70  VAL B CA  1 
ATOM   1206 C C   . VAL B 1 97  ? 10.94407  -10.23167 0.13375   1.000 19.07000 ? 70  VAL B C   1 
ATOM   1207 O O   . VAL B 1 97  ? 12.16815  -10.25185 -0.01616  1.000 19.89000 ? 70  VAL B O   1 
ATOM   1208 C CB  . VAL B 1 97  ? 10.07608  -11.73665 -1.68851  1.000 24.81000 ? 70  VAL B CB  1 
ATOM   1209 C CG1 . VAL B 1 97  ? 9.59988   -12.79067 -0.67845  1.000 21.25000 ? 70  VAL B CG1 1 
ATOM   1210 C CG2 . VAL B 1 97  ? 9.23720   -11.77221 -2.96646  1.000 25.32000 ? 70  VAL B CG2 1 
ATOM   1211 N N   . LEU B 1 98  ? 10.35961  -10.11187 1.32180   1.000 21.00000 ? 71  LEU B N   1 
ATOM   1212 C CA  . LEU B 1 98  ? 11.17420  -9.91134  2.50796   1.000 22.64000 ? 71  LEU B CA  1 
ATOM   1213 C C   . LEU B 1 98  ? 11.74752  -11.23945 2.98823   1.000 27.92000 ? 71  LEU B C   1 
ATOM   1214 O O   . LEU B 1 98  ? 11.12813  -12.29797 2.84815   1.000 27.54000 ? 71  LEU B O   1 
ATOM   1215 C CB  . LEU B 1 98  ? 10.35583  -9.24992  3.61676   1.000 26.10000 ? 71  LEU B CB  1 
ATOM   1216 C CG  . LEU B 1 98  ? 10.08387  -7.76307  3.37957   1.000 30.63000 ? 71  LEU B CG  1 
ATOM   1217 C CD1 . LEU B 1 98  ? 9.62097   -7.12281  4.66494   1.000 37.98000 ? 71  LEU B CD1 1 
ATOM   1218 C CD2 . LEU B 1 98  ? 11.26279  -6.99485  2.76415   1.000 27.00000 ? 71  LEU B CD2 1 
ATOM   1219 N N   . ARG B 1 99  ? 12.95889  -11.17091 3.53523   1.000 27.35000 ? 72  ARG B N   1 
ATOM   1220 C CA  . ARG B 1 99  ? 13.67008  -12.32988 4.06365   1.000 31.67000 ? 72  ARG B CA  1 
ATOM   1221 C C   . ARG B 1 99  ? 13.87442  -12.08245 5.55047   1.000 41.89000 ? 72  ARG B C   1 
ATOM   1222 O O   . ARG B 1 99  ? 14.66695  -11.20918 5.93342   1.000 35.18000 ? 72  ARG B O   1 
ATOM   1223 C CB  . ARG B 1 99  ? 15.00706  -12.53095 3.34851   1.000 30.03000 ? 72  ARG B CB  1 
ATOM   1224 C CG  . ARG B 1 99  ? 15.73861  -13.80481 3.74794   1.000 36.33000 ? 72  ARG B CG  1 
ATOM   1225 C CD  . ARG B 1 99  ? 17.02124  -13.98487 2.95890   1.000 44.27000 ? 72  ARG B CD  1 
ATOM   1226 N NE  . ARG B 1 99  ? 18.04922  -13.05842 3.41591   1.000 53.45000 ? 72  ARG B NE  1 
ATOM   1227 C CZ  . ARG B 1 99  ? 19.29024  -13.41241 3.72128   1.000 65.05000 ? 72  ARG B CZ  1 
ATOM   1228 N NH1 . ARG B 1 99  ? 19.70555  -14.66260 3.58616   1.000 72.54000 ? 72  ARG B NH1 1 
ATOM   1229 N NH2 . ARG B 1 99  ? 20.13446  -12.49236 4.18302   1.000 53.66000 ? 72  ARG B NH2 1 
ATOM   1230 N N   . LEU B 1 100 ? 13.13774  -12.82735 6.37735   1.000 40.60000 ? 73  LEU B N   1 
ATOM   1231 C CA  . LEU B 1 100 ? 13.23183  -12.73178 7.83902   1.000 49.46000 ? 73  LEU B CA  1 
ATOM   1232 C C   . LEU B 1 100 ? 14.36314  -13.61261 8.38998   1.000 49.94000 ? 73  LEU B C   1 
ATOM   1233 O O   . LEU B 1 100 ? 14.49618  -13.77657 9.60811   1.000 52.79000 ? 73  LEU B O   1 
ATOM   1234 C CB  . LEU B 1 100 ? 11.91156  -13.13248 8.51429   1.000 49.98000 ? 73  LEU B CB  1 
ATOM   1235 C CG  . LEU B 1 100 ? 11.69733  -14.65702 8.44095   1.000 70.60000 ? 73  LEU B CG  1 
ATOM   1236 C CD1 . LEU B 1 100 ? 12.03035  -15.39856 9.77157   1.000 61.11000 ? 73  LEU B CD1 1 
ATOM   1237 C CD2 . LEU B 1 100 ? 10.27435  -14.98711 8.03033   1.000 62.38000 ? 73  LEU B CD2 1 
HETATM 1238 S S   . SO4 C 2 .   ? -24.16546 -3.37641  -5.84517  1.000 87.67000 ? 101 SO4 A S   1 
HETATM 1239 O O1  . SO4 C 2 .   ? -22.70613 -3.34282  -5.85501  1.000 67.86000 ? 101 SO4 A O1  1 
HETATM 1240 O O2  . SO4 C 2 .   ? -24.66175 -2.51308  -6.91249  1.000 74.93000 ? 101 SO4 A O2  1 
HETATM 1241 O O3  . SO4 C 2 .   ? -24.61895 -4.74323  -6.08401  1.000 84.91000 ? 101 SO4 A O3  1 
HETATM 1242 O O4  . SO4 C 2 .   ? -24.66482 -2.91638  -4.55050  1.000 58.25000 ? 101 SO4 A O4  1 
HETATM 1243 O O   . HOH D 3 .   ? -24.02520 -6.93593  -6.29902  1.000 49.83000 ? 201 HOH A O   1 
HETATM 1244 O O   . HOH D 3 .   ? -19.88462 -3.68495  14.94111  1.000 42.47000 ? 202 HOH A O   1 
HETATM 1245 O O   . HOH D 3 .   ? -16.67484 13.78168  6.34778   1.000 38.79000 ? 203 HOH A O   1 
HETATM 1246 O O   . HOH D 3 .   ? -3.45390  7.66449   6.32030   1.000 44.42000 ? 204 HOH A O   1 
HETATM 1247 O O   . HOH D 3 .   ? -25.42125 -2.47406  8.21826   1.000 46.49000 ? 205 HOH A O   1 
HETATM 1248 O O   . HOH D 3 .   ? -15.92638 -8.36090  8.74648   1.000 35.44000 ? 206 HOH A O   1 
HETATM 1249 O O   . HOH D 3 .   ? -26.75201 5.18069   0.85134   1.000 27.53000 ? 207 HOH A O   1 
HETATM 1250 O O   . HOH D 3 .   ? -13.22740 -4.71611  -5.15483  1.000 24.46000 ? 208 HOH A O   1 
HETATM 1251 O O   . HOH D 3 .   ? -24.74537 11.62643  13.74507  1.000 42.02000 ? 209 HOH A O   1 
HETATM 1252 O O   . HOH D 3 .   ? -17.35263 -4.83747  -4.26979  1.000 27.61000 ? 210 HOH A O   1 
HETATM 1253 O O   . HOH D 3 .   ? -12.06973 -6.01481  10.93378  1.000 42.15000 ? 211 HOH A O   1 
HETATM 1254 O O   . HOH D 3 .   ? -17.98143 1.46666   -11.30141 1.000 29.28000 ? 212 HOH A O   1 
HETATM 1255 O O   . HOH D 3 .   ? 1.36368   -3.71716  -1.62617  1.000 24.52000 ? 213 HOH A O   1 
HETATM 1256 O O   . HOH D 3 .   ? -19.16121 1.81410   -8.47898  1.000 35.73000 ? 214 HOH A O   1 
HETATM 1257 O O   . HOH D 3 .   ? -26.42519 8.87763   4.76592   1.000 32.34000 ? 215 HOH A O   1 
HETATM 1258 O O   . HOH D 3 .   ? -11.77144 5.83198   -8.81103  1.000 29.92000 ? 216 HOH A O   1 
HETATM 1259 O O   . HOH D 3 .   ? -13.23391 11.23762  -5.81555  1.000 40.97000 ? 217 HOH A O   1 
HETATM 1260 O O   . HOH D 3 .   ? -17.65968 13.05235  -5.32097  1.000 46.15000 ? 218 HOH A O   1 
HETATM 1261 O O   . HOH D 3 .   ? -17.95194 4.98281   -10.22229 1.000 39.84000 ? 219 HOH A O   1 
HETATM 1262 O O   . HOH D 3 .   ? -20.25984 0.43994   3.03301   1.000 22.51000 ? 220 HOH A O   1 
HETATM 1263 O O   . HOH D 3 .   ? -19.96354 9.56065   1.45194   1.000 32.31000 ? 221 HOH A O   1 
HETATM 1264 O O   . HOH D 3 .   ? -0.46994  2.40127   5.62921   1.000 36.79000 ? 222 HOH A O   1 
HETATM 1265 O O   . HOH D 3 .   ? -15.21576 14.08512  0.20702   1.000 37.21000 ? 223 HOH A O   1 
HETATM 1266 O O   . HOH D 3 .   ? 2.08805   -7.20415  -4.12589  1.000 39.04000 ? 224 HOH A O   1 
HETATM 1267 O O   . HOH D 3 .   ? 3.62395   -8.10600  3.79297   1.000 29.59000 ? 225 HOH A O   1 
HETATM 1268 O O   . HOH D 3 .   ? -10.26000 -5.22586  1.44738   1.000 37.32000 ? 226 HOH A O   1 
HETATM 1269 O O   . HOH D 3 .   ? -27.89844 7.84252   12.13571  1.000 37.97000 ? 227 HOH A O   1 
HETATM 1270 O O   . HOH D 3 .   ? -14.21776 -7.00918  12.03850  1.000 38.38000 ? 228 HOH A O   1 
HETATM 1271 O O   . HOH D 3 .   ? 12.09820  7.09014   -16.79258 1.000 41.91000 ? 229 HOH A O   1 
HETATM 1272 O O   . HOH D 3 .   ? -17.25278 -5.76319  -9.79181  1.000 47.23000 ? 230 HOH A O   1 
HETATM 1273 O O   . HOH D 3 .   ? -25.14143 -3.08660  -1.06927  1.000 41.67000 ? 231 HOH A O   1 
HETATM 1274 O O   . HOH D 3 .   ? -18.91530 12.85615  -2.44089  1.000 38.44000 ? 232 HOH A O   1 
HETATM 1275 O O   . HOH D 3 .   ? -19.79267 10.45665  -6.31759  1.000 38.21000 ? 233 HOH A O   1 
HETATM 1276 O O   . HOH D 3 .   ? -20.57005 13.57784  4.32732   1.000 39.23000 ? 234 HOH A O   1 
HETATM 1277 O O   . HOH D 3 .   ? 2.69840   -0.49385  4.85981   1.000 29.98000 ? 235 HOH A O   1 
HETATM 1278 O O   . HOH D 3 .   ? -25.11977 2.30732   2.46832   1.000 38.70000 ? 236 HOH A O   1 
HETATM 1279 O O   . HOH D 3 .   ? -18.48232 7.89993   -9.50272  1.000 42.87000 ? 237 HOH A O   1 
HETATM 1280 O O   . HOH D 3 .   ? -11.28427 -4.30424  -3.14508  1.000 24.72000 ? 238 HOH A O   1 
HETATM 1281 O O   . HOH D 3 .   ? -22.18889 2.59199   21.21169  1.000 53.11000 ? 239 HOH A O   1 
HETATM 1282 O O   . HOH D 3 .   ? -13.63273 -6.10230  8.65882   1.000 38.42000 ? 240 HOH A O   1 
HETATM 1283 O O   . HOH D 3 .   ? -28.16970 3.92329   4.90029   1.000 36.20000 ? 241 HOH A O   1 
HETATM 1284 O O   . HOH D 3 .   ? -7.74628  -6.15389  9.89548   1.000 39.29000 ? 242 HOH A O   1 
HETATM 1285 O O   . HOH D 3 .   ? -19.10633 -4.30713  -7.05018  1.000 36.51000 ? 243 HOH A O   1 
HETATM 1286 O O   . HOH D 3 .   ? -22.02203 7.94316   1.44054   1.000 34.02000 ? 244 HOH A O   1 
HETATM 1287 O O   . HOH D 3 .   ? -21.67320 0.28322   0.63194   1.000 37.64000 ? 245 HOH A O   1 
HETATM 1288 O O   . HOH D 3 .   ? -21.21216 13.53204  1.87413   1.000 48.04000 ? 246 HOH A O   1 
HETATM 1289 O O   . HOH D 3 .   ? -18.74789 14.91804  5.21683   1.000 45.86000 ? 247 HOH A O   1 
HETATM 1290 O O   . HOH D 3 .   ? -2.02424  -8.08594  -10.69289 1.000 42.43000 ? 248 HOH A O   1 
HETATM 1291 O O   . HOH D 3 .   ? -12.57853 8.52442   -9.09870  1.000 40.96000 ? 249 HOH A O   1 
HETATM 1292 O O   . HOH D 3 .   ? -10.08979 -7.99805  10.97130  1.000 50.99000 ? 250 HOH A O   1 
HETATM 1293 O O   . HOH D 3 .   ? -22.74924 4.77077   -16.73088 1.000 38.48000 ? 251 HOH A O   1 
HETATM 1294 O O   . HOH D 3 .   ? -0.68405  -5.69759  -1.70034  1.000 36.71000 ? 252 HOH A O   1 
HETATM 1295 O O   . HOH D 3 .   ? -26.89906 10.10996  12.96806  1.000 46.36000 ? 253 HOH A O   1 
HETATM 1296 O O   . HOH E 3 .   ? 23.24652  -4.41757  -21.61279 1.000 33.29000 ? 101 HOH B O   1 
HETATM 1297 O O   . HOH E 3 .   ? 9.39291   -11.05110 -13.59256 1.000 39.42000 ? 102 HOH B O   1 
HETATM 1298 O O   . HOH E 3 .   ? 10.65901  7.81025   -11.45976 1.000 47.85000 ? 103 HOH B O   1 
HETATM 1299 O O   . HOH E 3 .   ? 27.70584  1.13856   -6.07378  1.000 37.61000 ? 104 HOH B O   1 
HETATM 1300 O O   . HOH E 3 .   ? 29.48849  -5.44879  -8.57269  1.000 35.78000 ? 105 HOH B O   1 
HETATM 1301 O O   . HOH E 3 .   ? 19.75327  8.65889   4.49078   1.000 33.00000 ? 106 HOH B O   1 
HETATM 1302 O O   . HOH E 3 .   ? 19.29427  -7.20062  8.96932   1.000 47.34000 ? 107 HOH B O   1 
HETATM 1303 O O   . HOH E 3 .   ? 8.54991   -12.50137 3.03509   1.000 28.43000 ? 108 HOH B O   1 
HETATM 1304 O O   . HOH E 3 .   ? 10.45740  -5.79875  -18.22047 1.000 32.67000 ? 109 HOH B O   1 
HETATM 1305 O O   . HOH E 3 .   ? 16.11795  -11.06138 -16.62480 1.000 28.27000 ? 110 HOH B O   1 
HETATM 1306 O O   . HOH E 3 .   ? 28.17177  -0.78162  -12.68280 1.000 35.89000 ? 111 HOH B O   1 
HETATM 1307 O O   . HOH E 3 .   ? 19.96322  -10.22436 -19.80552 1.000 28.94000 ? 112 HOH B O   1 
HETATM 1308 O O   . HOH E 3 .   ? 25.75055  3.21575   -11.85915 1.000 40.31000 ? 113 HOH B O   1 
HETATM 1309 O O   . HOH E 3 .   ? 9.40082   -13.50430 -11.59032 1.000 35.57000 ? 114 HOH B O   1 
HETATM 1310 O O   . HOH E 3 .   ? 6.28321   -9.53335  -3.26249  1.000 35.14000 ? 115 HOH B O   1 
HETATM 1311 O O   . HOH E 3 .   ? 14.69712  1.04224   -21.21764 1.000 28.86000 ? 116 HOH B O   1 
HETATM 1312 O O   . HOH E 3 .   ? 12.70713  -6.69638  -19.79360 1.000 40.13000 ? 117 HOH B O   1 
HETATM 1313 O O   . HOH E 3 .   ? -2.96244  -2.53945  0.87315   1.000 24.95000 ? 118 HOH B O   1 
HETATM 1314 O O   . HOH E 3 .   ? 8.09390   -8.97163  -12.85901 1.000 39.91000 ? 119 HOH B O   1 
HETATM 1315 O O   . HOH E 3 .   ? -11.03949 -7.56730  2.67074   1.000 47.50000 ? 120 HOH B O   1 
HETATM 1316 O O   . HOH E 3 .   ? 10.31836  -0.32785  -21.55136 1.000 42.30000 ? 121 HOH B O   1 
HETATM 1317 O O   . HOH E 3 .   ? 17.59961  7.02549   -6.75685  1.000 45.87000 ? 122 HOH B O   1 
HETATM 1318 O O   . HOH E 3 .   ? 19.42921  -11.24477 -2.29058  1.000 32.93000 ? 123 HOH B O   1 
HETATM 1319 O O   . HOH E 3 .   ? 11.85820  -14.76942 1.93719   1.000 21.66000 ? 124 HOH B O   1 
HETATM 1320 O O   . HOH E 3 .   ? 18.41019  -17.85752 -16.69030 1.000 48.39000 ? 125 HOH B O   1 
HETATM 1321 O O   . HOH E 3 .   ? 26.72643  -4.69219  -16.64640 1.000 41.95000 ? 126 HOH B O   1 
HETATM 1322 O O   . HOH E 3 .   ? 21.21604  5.75569   -9.59664  1.000 44.58000 ? 127 HOH B O   1 
HETATM 1323 O O   . HOH E 3 .   ? -1.11408  2.20717   -4.60401  1.000 39.24000 ? 128 HOH B O   1 
HETATM 1324 O O   . HOH E 3 .   ? 20.51532  2.47236   2.35275   1.000 27.92000 ? 129 HOH B O   1 
HETATM 1325 O O   . HOH E 3 .   ? 21.81206  -5.55121  5.00919   1.000 30.08000 ? 130 HOH B O   1 
HETATM 1326 O O   . HOH E 3 .   ? 18.38698  -0.13594  -20.53702 1.000 30.74000 ? 131 HOH B O   1 
HETATM 1327 O O   . HOH E 3 .   ? 23.63107  -10.98553 -18.30014 1.000 42.24000 ? 132 HOH B O   1 
HETATM 1328 O O   . HOH E 3 .   ? 27.43461  -2.99802  -5.60500  1.000 39.99000 ? 133 HOH B O   1 
HETATM 1329 O O   . HOH E 3 .   ? 15.69082  5.89989   -2.31071  1.000 27.56000 ? 134 HOH B O   1 
HETATM 1330 O O   . HOH E 3 .   ? 24.35007  3.18218   -16.93163 1.000 37.43000 ? 135 HOH B O   1 
HETATM 1331 O O   . HOH E 3 .   ? 19.54504  -16.41176 -1.32166  1.000 36.09000 ? 136 HOH B O   1 
HETATM 1332 O O   . HOH E 3 .   ? 17.83381  -10.10236 -4.25373  1.000 19.94000 ? 137 HOH B O   1 
HETATM 1333 O O   . HOH E 3 .   ? 4.72836   5.06916   -10.21336 1.000 37.14000 ? 138 HOH B O   1 
HETATM 1334 O O   . HOH E 3 .   ? 26.51422  -10.77528 -5.83637  1.000 32.00000 ? 139 HOH B O   1 
HETATM 1335 O O   . HOH E 3 .   ? 20.64815  -13.82538 -5.38416  1.000 35.64000 ? 140 HOH B O   1 
HETATM 1336 O O   . HOH E 3 .   ? -16.55646 15.41186  21.80357  1.000 62.59000 ? 141 HOH B O   1 
HETATM 1337 O O   . HOH E 3 .   ? 18.88383  -17.44300 3.10628   1.000 48.77000 ? 142 HOH B O   1 
HETATM 1338 O O   . HOH E 3 .   ? 16.13615  -12.44761 -14.48486 1.000 35.76000 ? 143 HOH B O   1 
HETATM 1339 O O   . HOH E 3 .   ? 7.37460   5.32607   -4.81553  1.000 31.98000 ? 144 HOH B O   1 
HETATM 1340 O O   . HOH E 3 .   ? 7.42394   -10.57384 1.44087   1.000 29.56000 ? 145 HOH B O   1 
HETATM 1341 O O   . HOH E 3 .   ? 15.42507  -11.04275 -20.87252 1.000 32.86000 ? 146 HOH B O   1 
HETATM 1342 O O   . HOH E 3 .   ? -6.90034  -3.26045  -5.31993  1.000 36.52000 ? 147 HOH B O   1 
HETATM 1343 O O   . HOH E 3 .   ? 20.68645  -14.19116 -10.53779 1.000 45.75000 ? 148 HOH B O   1 
HETATM 1344 O O   . HOH E 3 .   ? -8.68619  -9.30382  2.04277   1.000 57.95000 ? 149 HOH B O   1 
HETATM 1345 O O   . HOH E 3 .   ? 14.76427  7.22268   -6.97471  1.000 40.51000 ? 150 HOH B O   1 
HETATM 1346 O O   . HOH E 3 .   ? 23.06692  -1.10751  4.66203   1.000 33.95000 ? 151 HOH B O   1 
HETATM 1347 O O   . HOH E 3 .   ? 4.33616   -6.94887  -11.53740 1.000 44.78000 ? 152 HOH B O   1 
HETATM 1348 O O   . HOH E 3 .   ? 23.15146  -11.61059 -3.68283  1.000 36.67000 ? 153 HOH B O   1 
HETATM 1349 O O   . HOH E 3 .   ? 28.11227  -0.70516  -4.40729  1.000 56.05000 ? 154 HOH B O   1 
HETATM 1350 O O   . HOH E 3 .   ? 4.87271   -9.51972  -13.16597 1.000 50.07000 ? 155 HOH B O   1 
HETATM 1351 O O   . HOH E 3 .   ? 22.07340  -4.54086  7.60578   1.000 34.68000 ? 156 HOH B O   1 
HETATM 1352 O O   . HOH E 3 .   ? -2.72703  -5.11871  0.55770   1.000 44.93000 ? 157 HOH B O   1 
HETATM 1353 O O   . HOH E 3 .   ? 6.13038   -11.03346 -0.79039  1.000 38.78000 ? 158 HOH B O   1 
HETATM 1354 O O   . HOH E 3 .   ? 7.84098   -13.01260 -13.91629 1.000 48.18000 ? 159 HOH B O   1 
HETATM 1355 O O   . HOH E 3 .   ? 5.00454   5.65648   -18.29637 1.000 46.42000 ? 160 HOH B O   1 
HETATM 1356 O O   . HOH E 3 .   ? 23.97327  -5.64384  3.43980   1.000 40.32000 ? 161 HOH B O   1 
HETATM 1357 O O   . HOH E 3 .   ? 0.13273   -8.85060  6.15959   1.000 37.98000 ? 162 HOH B O   1 
HETATM 1358 O O   . HOH E 3 .   ? 20.63594  -5.03064  9.48335   1.000 47.18000 ? 163 HOH B O   1 
HETATM 1359 O O   . HOH E 3 .   ? 14.13047  -11.53752 -18.63968 1.000 37.76000 ? 164 HOH B O   1 
HETATM 1360 O O   . HOH E 3 .   ? 29.48028  -3.11965  -11.55926 1.000 48.45000 ? 165 HOH B O   1 
HETATM 1361 O O   . HOH E 3 .   ? 18.41264  6.76670   -2.17560  1.000 34.09000 ? 166 HOH B O   1 
HETATM 1362 O O   . HOH E 3 .   ? 29.84944  -2.74687  -8.69729  1.000 53.17000 ? 167 HOH B O   1 
HETATM 1363 O O   . HOH E 3 .   ? 12.59043  -19.43374 -17.52622 1.000 47.49000 ? 168 HOH B O   1 
# 
